data_8DVD
#
_entry.id   8DVD
#
_cell.length_a   1.00
_cell.length_b   1.00
_cell.length_c   1.00
_cell.angle_alpha   90.00
_cell.angle_beta   90.00
_cell.angle_gamma   90.00
#
_symmetry.space_group_name_H-M   'P 1'
#
loop_
_entity.id
_entity.type
_entity.pdbx_description
1 polymer 'Envelope glycoprotein gp160'
2 polymer 'Envelope glycoprotein gp160'
3 polymer 'PGT145 Heavy'
4 polymer 'PGT145 Light'
5 branched alpha-D-mannopyranose-(1-3)-beta-D-mannopyranose-(1-4)-2-acetamido-2-deoxy-beta-D-glucopyranose-(1-4)-2-acetamido-2-deoxy-beta-D-glucopyranose
6 branched beta-D-mannopyranose-(1-4)-2-acetamido-2-deoxy-beta-D-glucopyranose-(1-4)-2-acetamido-2-deoxy-beta-D-glucopyranose
7 branched alpha-D-mannopyranose-(1-3)-[alpha-D-mannopyranose-(1-6)]beta-D-mannopyranose-(1-4)-2-acetamido-2-deoxy-beta-D-glucopyranose-(1-4)-2-acetamido-2-deoxy-beta-D-glucopyranose
8 branched 2-acetamido-2-deoxy-beta-D-glucopyranose-(1-4)-2-acetamido-2-deoxy-beta-D-glucopyranose
9 branched alpha-D-mannopyranose-(1-2)-alpha-D-mannopyranose-(1-3)-[alpha-D-mannopyranose-(1-6)]beta-D-mannopyranose-(1-4)-2-acetamido-2-deoxy-beta-D-glucopyranose-(1-4)-2-acetamido-2-deoxy-beta-D-glucopyranose
10 branched alpha-D-mannopyranose-(1-2)-alpha-D-mannopyranose-(1-2)-alpha-D-mannopyranose-(1-3)-[alpha-D-mannopyranose-(1-6)-alpha-D-mannopyranose-(1-6)]beta-D-mannopyranose-(1-4)-2-acetamido-2-deoxy-beta-D-glucopyranose-(1-4)-2-acetamido-2-deoxy-beta-D-glucopyranose
11 branched alpha-D-mannopyranose-(1-2)-alpha-D-mannopyranose-(1-3)-[alpha-D-mannopyranose-(1-3)-[alpha-D-mannopyranose-(1-6)]alpha-D-mannopyranose-(1-6)]beta-D-mannopyranose-(1-4)-2-acetamido-2-deoxy-beta-D-glucopyranose-(1-4)-2-acetamido-2-deoxy-beta-D-glucopyranose
12 branched alpha-D-mannopyranose-(1-6)-beta-D-mannopyranose-(1-4)-2-acetamido-2-deoxy-beta-D-glucopyranose-(1-4)-2-acetamido-2-deoxy-beta-D-glucopyranose
13 branched alpha-D-mannopyranose-(1-2)-alpha-D-mannopyranose-(1-3)-[alpha-D-mannopyranose-(1-6)-alpha-D-mannopyranose-(1-6)]beta-D-mannopyranose-(1-4)-2-acetamido-2-deoxy-beta-D-glucopyranose-(1-4)-2-acetamido-2-deoxy-beta-D-glucopyranose
14 branched alpha-D-mannopyranose-(1-2)-alpha-D-mannopyranose-(1-3)-[alpha-D-mannopyranose-(1-3)-alpha-D-mannopyranose-(1-6)]beta-D-mannopyranose-(1-4)-2-acetamido-2-deoxy-beta-D-glucopyranose-(1-4)-2-acetamido-2-deoxy-beta-D-glucopyranose
15 non-polymer 2-acetamido-2-deoxy-beta-D-glucopyranose
16 non-polymer alpha-D-mannopyranose
#
loop_
_entity_poly.entity_id
_entity_poly.type
_entity_poly.pdbx_seq_one_letter_code
_entity_poly.pdbx_strand_id
1 'polypeptide(L)'
;GVFVLGFLGFLATAGSAMGAASLTLTAQSRTLLAGIVQQQQQLLDVPKRQQELLRLPVWGTKNLQTRVTAIEKYLKDQAQ
LNAWGCAFRQVCCTTVPWPNASLTPKWNNETWQEWERKVDFLEENITALLEEAQIQQEKNMYELQKLN
;
A,B,C
2 'polypeptide(L)'
;TLYVTVFYGVPAWRNATIPLFCATKNRDTWGTTQCLPDNGDYSEVALNVTESFDAWNNTVTEQAIEDVWQLFETSIKPCV
KLSPLCITMRCNKSETDRWGLTKSITTTASTTSTTASAKVDMVNETSSCIAQDNCTGLEQEQMISCKFNMTGLKRDKTKE
YNETWYSADLVCEQGNNTGNESRCYMNHCNTSVIQESCDKHYWDAIRFRYCAPPGYALLRCNDTNYSGFMPKCSKVVVSS
CTRMMETQTSTWFGFNGTRAENRTYIYWHGRDNRTIISLNKYYNLTMKCRRPGNKTVLPVTIMSGLVFHSQPINDRPKQA
WCWFGGKWKDAIKEVKQTIVKHPRYTGTNNTDKINLTAPGGGDPEVTFMWTNCRGEFLYCKMNWFLNWVEDRNTANQKPK
EQHKRNYVPCHIRQIINTWHKVGKNVYLPPREGDLTCNSTVTSLIANIDWIDGNQTNITMSAEVAELYRLELGDYKLVEI
TPIGLAPTDCKRYTTGGTSR
;
E,F,G
3 'polypeptide(L)'
;QVQLVQSGAEVKKPGSSVKVSCKASGNSFSNHDVHWVRQATGQGLEWMGWMSHEGDKTGLAQKFQGRVTITRDSGASTVY
MELRGLTADDTAIYYCLTGSKHRLRDYFL(TYS)NE(TYS)GPNYEEWGDYLATLDVWGHGTAVTVSSASTKGPSVFPLA
PSSKSTSGGTAALGCLVKDYFPEPVTVSWNSGALTSGVHTFPAVLQSSGLYSLSSVVTVPSSSLGTQTYICNVNHKPSNT
KVDKKVEPKSCD
;
H
4 'polypeptide(L)'
;EVVITQSPLFLPVTPGEAASLSCKCSHSLQHSTGANYLAWYLQRPGQTPRLLIHLATHRASGVPDRFSGSGSGTDFTLKI
SRVESDDVGTYYCMQGLHSPWTFGQGTKVEIKRTVAAPSVFIFPPSDEQLKSGTASVVCLLNNFYPREAKVQWKVDNALQ
SGNSQESVTEQDSKDSTYSLSSTLTLSKADYEKHKVYACEVTHQGLSSPVTKSFNRGEC
;
L
#
# COMPACT_ATOMS: atom_id res chain seq x y z
N GLY A 1 -11.30 6.88 -39.18
CA GLY A 1 -10.11 6.20 -39.66
C GLY A 1 -10.43 4.88 -40.34
N VAL A 2 -9.46 4.35 -41.09
CA VAL A 2 -9.66 3.09 -41.78
C VAL A 2 -9.88 1.96 -40.78
N PHE A 3 -9.08 1.94 -39.71
CA PHE A 3 -9.25 0.91 -38.69
C PHE A 3 -10.61 1.01 -38.03
N VAL A 4 -11.06 2.23 -37.73
CA VAL A 4 -12.36 2.41 -37.07
C VAL A 4 -13.46 1.85 -37.95
N LEU A 5 -13.49 2.24 -39.23
CA LEU A 5 -14.47 1.67 -40.15
C LEU A 5 -14.24 0.17 -40.32
N GLY A 6 -12.98 -0.25 -40.39
CA GLY A 6 -12.70 -1.67 -40.56
C GLY A 6 -13.27 -2.50 -39.43
N PHE A 7 -13.06 -2.07 -38.19
CA PHE A 7 -13.67 -2.78 -37.07
C PHE A 7 -15.19 -2.63 -37.08
N LEU A 8 -15.69 -1.52 -37.61
CA LEU A 8 -17.13 -1.27 -37.68
C LEU A 8 -17.74 -1.72 -39.01
N GLY A 9 -16.93 -2.26 -39.93
CA GLY A 9 -17.48 -2.72 -41.19
C GLY A 9 -18.06 -4.11 -41.13
N PHE A 10 -17.52 -4.97 -40.26
CA PHE A 10 -18.05 -6.34 -40.16
C PHE A 10 -19.51 -6.33 -39.73
N LEU A 11 -19.86 -5.50 -38.74
CA LEU A 11 -21.20 -5.47 -38.21
C LEU A 11 -22.22 -4.98 -39.24
N ALA A 12 -21.77 -4.37 -40.33
CA ALA A 12 -22.70 -3.94 -41.38
C ALA A 12 -23.51 -5.12 -41.91
N THR A 13 -22.94 -6.32 -41.86
CA THR A 13 -23.64 -7.53 -42.29
C THR A 13 -24.85 -7.84 -41.41
N ALA A 14 -24.94 -7.23 -40.23
CA ALA A 14 -26.00 -7.59 -39.29
C ALA A 14 -27.37 -7.46 -39.92
N GLY A 15 -27.64 -6.34 -40.58
CA GLY A 15 -28.93 -6.15 -41.21
C GLY A 15 -29.21 -7.16 -42.29
N SER A 16 -28.16 -7.68 -42.93
CA SER A 16 -28.34 -8.62 -44.03
C SER A 16 -28.97 -9.91 -43.55
N ALA A 17 -29.64 -10.60 -44.46
CA ALA A 17 -30.26 -11.87 -44.16
C ALA A 17 -29.21 -12.98 -44.09
N MET A 18 -29.60 -14.10 -43.50
CA MET A 18 -28.68 -15.22 -43.36
C MET A 18 -28.16 -15.67 -44.72
N GLY A 19 -29.06 -15.86 -45.68
CA GLY A 19 -28.62 -16.26 -47.01
C GLY A 19 -27.76 -15.22 -47.68
N ALA A 20 -28.12 -13.95 -47.54
CA ALA A 20 -27.33 -12.86 -48.10
C ALA A 20 -26.20 -12.41 -47.18
N ALA A 21 -26.11 -12.95 -45.97
CA ALA A 21 -25.04 -12.59 -45.06
C ALA A 21 -23.69 -12.97 -45.65
N SER A 22 -22.74 -12.05 -45.58
CA SER A 22 -21.39 -12.27 -46.09
C SER A 22 -20.49 -12.64 -44.92
N LEU A 23 -20.14 -13.92 -44.83
CA LEU A 23 -19.26 -14.36 -43.77
C LEU A 23 -17.88 -13.72 -43.93
N THR A 24 -17.30 -13.32 -42.80
CA THR A 24 -16.05 -12.56 -42.79
C THR A 24 -15.05 -13.24 -41.87
N LEU A 25 -13.94 -13.71 -42.44
CA LEU A 25 -12.81 -14.11 -41.63
C LEU A 25 -12.00 -12.87 -41.23
N THR A 26 -11.10 -13.05 -40.26
CA THR A 26 -10.19 -12.02 -39.79
C THR A 26 -10.90 -11.00 -38.90
N ALA A 27 -12.16 -11.24 -38.53
CA ALA A 27 -12.89 -10.27 -37.73
C ALA A 27 -12.22 -10.04 -36.39
N GLN A 28 -11.94 -11.11 -35.65
CA GLN A 28 -11.24 -10.99 -34.38
C GLN A 28 -9.75 -10.71 -34.59
N SER A 29 -9.16 -11.29 -35.63
CA SER A 29 -7.72 -11.16 -35.83
C SER A 29 -7.32 -9.70 -36.04
N ARG A 30 -8.05 -8.99 -36.91
CA ARG A 30 -7.71 -7.59 -37.15
C ARG A 30 -8.04 -6.71 -35.96
N THR A 31 -9.09 -7.04 -35.21
CA THR A 31 -9.45 -6.23 -34.05
C THR A 31 -8.34 -6.21 -33.02
N LEU A 32 -7.75 -7.38 -32.72
CA LEU A 32 -6.60 -7.43 -31.84
C LEU A 32 -5.32 -6.98 -32.53
N LEU A 33 -5.31 -6.94 -33.86
CA LEU A 33 -4.13 -6.47 -34.57
C LEU A 33 -3.82 -5.02 -34.27
N ALA A 34 -4.85 -4.17 -34.26
CA ALA A 34 -4.67 -2.74 -34.06
C ALA A 34 -4.90 -2.30 -32.63
N GLY A 35 -5.72 -3.01 -31.86
CA GLY A 35 -5.92 -2.66 -30.47
C GLY A 35 -4.62 -2.69 -29.69
N ILE A 36 -3.80 -3.72 -29.91
CA ILE A 36 -2.47 -3.76 -29.29
C ILE A 36 -1.63 -2.58 -29.78
N VAL A 37 -1.74 -2.25 -31.06
CA VAL A 37 -1.00 -1.10 -31.59
C VAL A 37 -1.47 0.18 -30.93
N GLN A 38 -2.79 0.33 -30.76
CA GLN A 38 -3.31 1.56 -30.17
C GLN A 38 -2.78 1.75 -28.75
N GLN A 39 -2.85 0.70 -27.92
CA GLN A 39 -2.33 0.81 -26.57
C GLN A 39 -0.81 0.90 -26.56
N GLN A 40 -0.14 0.22 -27.48
CA GLN A 40 1.31 0.32 -27.57
C GLN A 40 1.74 1.74 -27.92
N GLN A 41 1.03 2.38 -28.84
CA GLN A 41 1.34 3.76 -29.19
C GLN A 41 1.20 4.66 -27.98
N GLN A 42 2.22 5.50 -27.74
CA GLN A 42 2.34 6.41 -26.62
C GLN A 42 2.54 5.71 -25.28
N LEU A 43 2.53 4.37 -25.24
CA LEU A 43 2.85 3.67 -24.01
C LEU A 43 4.34 3.75 -23.71
N LEU A 44 5.17 3.93 -24.75
CA LEU A 44 6.60 4.06 -24.54
C LEU A 44 6.91 5.31 -23.72
N ASP A 45 6.22 6.40 -23.99
CA ASP A 45 6.43 7.65 -23.25
C ASP A 45 6.15 7.47 -21.77
N GLY A 60 -5.34 -1.20 -13.41
CA GLY A 60 -5.97 -2.33 -14.07
C GLY A 60 -6.15 -2.10 -15.57
N THR A 61 -6.78 -0.99 -15.92
CA THR A 61 -6.94 -0.65 -17.33
C THR A 61 -5.59 -0.49 -18.00
N LYS A 62 -4.68 0.24 -17.38
CA LYS A 62 -3.29 0.28 -17.83
C LYS A 62 -2.54 -0.98 -17.45
N ASN A 63 -2.88 -1.57 -16.30
CA ASN A 63 -2.25 -2.81 -15.84
C ASN A 63 -2.87 -3.98 -16.61
N LEU A 64 -2.57 -5.21 -16.17
CA LEU A 64 -3.02 -6.42 -16.84
C LEU A 64 -4.36 -6.92 -16.34
N GLN A 65 -5.21 -6.04 -15.78
CA GLN A 65 -6.53 -6.46 -15.37
C GLN A 65 -7.36 -6.91 -16.57
N THR A 66 -7.25 -6.18 -17.70
CA THR A 66 -8.00 -6.49 -18.90
C THR A 66 -7.12 -6.70 -20.13
N ARG A 67 -5.85 -6.31 -20.10
CA ARG A 67 -5.01 -6.48 -21.27
C ARG A 67 -4.89 -7.95 -21.65
N VAL A 68 -4.69 -8.82 -20.66
CA VAL A 68 -4.66 -10.26 -20.95
C VAL A 68 -6.05 -10.76 -21.31
N THR A 69 -7.10 -10.17 -20.76
CA THR A 69 -8.45 -10.62 -21.06
C THR A 69 -8.70 -10.60 -22.56
N ALA A 70 -8.20 -9.59 -23.26
CA ALA A 70 -8.23 -9.61 -24.71
C ALA A 70 -7.45 -10.80 -25.25
N ILE A 71 -6.27 -11.07 -24.69
CA ILE A 71 -5.50 -12.24 -25.08
C ILE A 71 -6.29 -13.51 -24.73
N GLU A 72 -6.88 -13.55 -23.54
CA GLU A 72 -7.67 -14.69 -23.14
C GLU A 72 -8.85 -14.89 -24.07
N LYS A 73 -9.51 -13.81 -24.46
CA LYS A 73 -10.62 -13.91 -25.41
C LYS A 73 -10.15 -14.43 -26.75
N TYR A 74 -8.99 -13.95 -27.22
CA TYR A 74 -8.49 -14.39 -28.52
C TYR A 74 -8.18 -15.87 -28.52
N LEU A 75 -7.40 -16.34 -27.54
CA LEU A 75 -7.03 -17.74 -27.49
C LEU A 75 -8.24 -18.62 -27.25
N LYS A 76 -9.29 -18.08 -26.61
CA LYS A 76 -10.49 -18.87 -26.38
C LYS A 76 -11.11 -19.33 -27.70
N ASP A 77 -11.34 -18.39 -28.62
CA ASP A 77 -11.92 -18.75 -29.91
C ASP A 77 -10.94 -19.56 -30.75
N GLN A 78 -9.66 -19.16 -30.75
CA GLN A 78 -8.66 -19.91 -31.51
C GLN A 78 -8.56 -21.34 -31.00
N ALA A 79 -8.52 -21.52 -29.68
CA ALA A 79 -8.49 -22.87 -29.12
C ALA A 79 -9.78 -23.62 -29.45
N GLN A 80 -10.92 -22.94 -29.40
CA GLN A 80 -12.19 -23.58 -29.73
C GLN A 80 -12.18 -24.10 -31.16
N LEU A 81 -11.66 -23.30 -32.09
CA LEU A 81 -11.55 -23.77 -33.47
C LEU A 81 -10.64 -24.99 -33.55
N ASN A 82 -9.49 -24.93 -32.89
CA ASN A 82 -8.62 -26.09 -32.82
C ASN A 82 -9.24 -27.21 -31.99
N ALA A 83 -10.05 -26.85 -30.99
CA ALA A 83 -10.71 -27.86 -30.18
C ALA A 83 -11.66 -28.71 -31.02
N TRP A 84 -12.37 -28.07 -31.95
CA TRP A 84 -13.28 -28.77 -32.85
C TRP A 84 -12.62 -29.20 -34.14
N GLY A 85 -11.34 -28.89 -34.34
CA GLY A 85 -10.65 -29.28 -35.56
C GLY A 85 -11.22 -28.68 -36.81
N CYS A 86 -11.58 -27.39 -36.78
CA CYS A 86 -12.13 -26.70 -37.95
C CYS A 86 -11.51 -25.31 -38.09
N ALA A 87 -10.26 -25.14 -37.68
CA ALA A 87 -9.62 -23.84 -37.77
C ALA A 87 -9.51 -23.39 -39.23
N PHE A 88 -9.90 -22.15 -39.48
CA PHE A 88 -9.77 -21.53 -40.80
C PHE A 88 -10.57 -22.31 -41.85
N ARG A 89 -11.85 -22.52 -41.55
CA ARG A 89 -12.77 -23.17 -42.47
C ARG A 89 -14.15 -22.58 -42.23
N GLN A 90 -14.56 -21.65 -43.11
CA GLN A 90 -15.82 -20.95 -42.90
C GLN A 90 -16.99 -21.93 -42.80
N VAL A 91 -16.91 -23.06 -43.49
CA VAL A 91 -17.93 -24.11 -43.39
C VAL A 91 -17.25 -25.47 -43.40
N CYS A 92 -17.11 -26.08 -42.23
CA CYS A 92 -16.57 -27.43 -42.11
C CYS A 92 -17.76 -28.35 -41.82
N CYS A 93 -17.93 -29.37 -42.66
CA CYS A 93 -18.98 -30.35 -42.41
C CYS A 93 -18.52 -31.35 -41.37
N THR A 94 -19.42 -31.71 -40.46
CA THR A 94 -19.13 -32.65 -39.39
C THR A 94 -20.18 -33.75 -39.38
N THR A 95 -19.81 -34.88 -38.77
CA THR A 95 -20.68 -36.04 -38.71
C THR A 95 -21.81 -35.89 -37.69
N VAL A 96 -21.79 -34.84 -36.89
CA VAL A 96 -22.79 -34.73 -35.81
C VAL A 96 -24.17 -34.58 -36.44
N PRO A 97 -25.20 -35.26 -35.93
CA PRO A 97 -26.56 -35.06 -36.46
C PRO A 97 -27.25 -33.87 -35.82
N TRP A 98 -28.19 -33.30 -36.57
CA TRP A 98 -28.86 -32.10 -36.11
C TRP A 98 -29.74 -32.40 -34.88
N PRO A 99 -29.79 -31.49 -33.91
CA PRO A 99 -30.75 -31.64 -32.81
C PRO A 99 -32.18 -31.39 -33.26
N ASN A 100 -33.08 -31.24 -32.28
CA ASN A 100 -34.51 -31.03 -32.53
C ASN A 100 -34.75 -30.19 -33.77
N ALA A 101 -35.58 -30.70 -34.68
CA ALA A 101 -35.76 -30.11 -36.00
C ALA A 101 -36.82 -29.01 -36.03
N SER A 102 -37.48 -28.74 -34.91
CA SER A 102 -38.45 -27.65 -34.88
C SER A 102 -37.78 -26.33 -35.19
N LEU A 103 -36.59 -26.11 -34.65
CA LEU A 103 -35.84 -24.88 -34.88
C LEU A 103 -35.08 -25.00 -36.20
N THR A 104 -35.65 -24.46 -37.26
CA THR A 104 -35.06 -24.48 -38.59
C THR A 104 -34.80 -23.05 -39.05
N PRO A 105 -33.60 -22.70 -39.49
CA PRO A 105 -33.34 -21.32 -39.91
C PRO A 105 -34.22 -20.93 -41.10
N LYS A 106 -34.63 -19.67 -41.12
CA LYS A 106 -35.34 -19.08 -42.25
C LYS A 106 -34.32 -18.24 -43.00
N TRP A 107 -33.62 -18.88 -43.95
CA TRP A 107 -32.49 -18.24 -44.61
C TRP A 107 -32.91 -17.01 -45.41
N ASN A 108 -34.19 -16.86 -45.72
CA ASN A 108 -34.64 -15.74 -46.54
C ASN A 108 -34.88 -14.47 -45.72
N ASN A 109 -35.52 -14.59 -44.56
CA ASN A 109 -35.93 -13.45 -43.74
C ASN A 109 -35.56 -13.67 -42.28
N GLU A 110 -34.30 -14.04 -42.02
CA GLU A 110 -33.82 -14.19 -40.65
C GLU A 110 -32.39 -13.69 -40.58
N THR A 111 -32.13 -12.78 -39.64
CA THR A 111 -30.78 -12.33 -39.37
C THR A 111 -30.06 -13.37 -38.50
N TRP A 112 -28.74 -13.19 -38.38
CA TRP A 112 -27.95 -14.16 -37.63
C TRP A 112 -28.39 -14.23 -36.18
N GLN A 113 -28.58 -13.07 -35.55
CA GLN A 113 -28.94 -13.05 -34.13
C GLN A 113 -30.40 -13.41 -33.90
N GLU A 114 -31.27 -13.11 -34.87
CA GLU A 114 -32.67 -13.50 -34.71
C GLU A 114 -32.80 -15.01 -34.57
N TRP A 115 -31.85 -15.77 -35.10
CA TRP A 115 -31.82 -17.22 -34.95
C TRP A 115 -30.76 -17.71 -33.98
N GLU A 116 -29.68 -16.95 -33.78
CA GLU A 116 -28.65 -17.36 -32.83
C GLU A 116 -29.22 -17.45 -31.41
N ARG A 117 -30.05 -16.48 -31.03
CA ARG A 117 -30.63 -16.50 -29.69
C ARG A 117 -31.52 -17.72 -29.49
N LYS A 118 -32.31 -18.08 -30.52
CA LYS A 118 -33.20 -19.22 -30.38
C LYS A 118 -32.43 -20.51 -30.16
N VAL A 119 -31.35 -20.71 -30.91
CA VAL A 119 -30.52 -21.90 -30.74
C VAL A 119 -29.65 -21.84 -29.50
N ASP A 120 -29.52 -20.66 -28.88
CA ASP A 120 -28.70 -20.53 -27.69
C ASP A 120 -29.18 -21.44 -26.57
N PHE A 121 -30.47 -21.76 -26.54
CA PHE A 121 -30.98 -22.65 -25.51
C PHE A 121 -30.33 -24.02 -25.58
N LEU A 122 -30.17 -24.56 -26.79
CA LEU A 122 -29.55 -25.85 -27.00
C LEU A 122 -28.11 -25.74 -27.48
N GLU A 123 -27.55 -24.53 -27.53
CA GLU A 123 -26.21 -24.36 -28.05
C GLU A 123 -25.18 -25.12 -27.22
N GLU A 124 -25.34 -25.09 -25.89
CA GLU A 124 -24.37 -25.75 -25.02
C GLU A 124 -24.31 -27.25 -25.31
N ASN A 125 -25.47 -27.89 -25.50
CA ASN A 125 -25.48 -29.33 -25.75
C ASN A 125 -24.80 -29.66 -27.08
N ILE A 126 -25.00 -28.81 -28.09
CA ILE A 126 -24.33 -29.04 -29.37
C ILE A 126 -22.83 -29.01 -29.19
N THR A 127 -22.33 -28.04 -28.40
CA THR A 127 -20.89 -27.97 -28.14
C THR A 127 -20.40 -29.23 -27.44
N ALA A 128 -21.11 -29.65 -26.39
CA ALA A 128 -20.72 -30.86 -25.67
C ALA A 128 -20.81 -32.08 -26.58
N LEU A 129 -21.89 -32.20 -27.35
CA LEU A 129 -22.04 -33.35 -28.24
C LEU A 129 -20.97 -33.32 -29.33
N LEU A 130 -20.69 -32.14 -29.89
CA LEU A 130 -19.72 -32.06 -30.98
C LEU A 130 -18.30 -32.37 -30.48
N GLU A 131 -17.99 -31.97 -29.25
CA GLU A 131 -16.65 -32.25 -28.72
C GLU A 131 -16.38 -33.74 -28.67
N GLU A 132 -17.37 -34.54 -28.24
CA GLU A 132 -17.20 -35.98 -28.21
C GLU A 132 -17.04 -36.53 -29.62
N ALA A 133 -17.80 -35.99 -30.58
CA ALA A 133 -17.74 -36.49 -31.95
C ALA A 133 -16.33 -36.34 -32.53
N GLN A 134 -15.70 -35.19 -32.30
CA GLN A 134 -14.34 -34.99 -32.80
C GLN A 134 -13.39 -36.02 -32.22
N ILE A 135 -13.52 -36.31 -30.93
CA ILE A 135 -12.64 -37.29 -30.28
C ILE A 135 -12.81 -38.65 -30.94
N GLN A 136 -14.05 -39.04 -31.24
CA GLN A 136 -14.28 -40.32 -31.90
C GLN A 136 -13.62 -40.35 -33.28
N GLN A 137 -13.83 -39.30 -34.07
CA GLN A 137 -13.16 -39.22 -35.37
C GLN A 137 -11.66 -39.12 -35.19
N GLU A 138 -11.21 -38.38 -34.18
CA GLU A 138 -9.79 -38.29 -33.88
C GLU A 138 -9.18 -39.67 -33.64
N LYS A 139 -9.87 -40.50 -32.83
CA LYS A 139 -9.34 -41.81 -32.51
C LYS A 139 -9.20 -42.67 -33.76
N ASN A 140 -10.14 -42.55 -34.69
CA ASN A 140 -10.06 -43.32 -35.93
C ASN A 140 -8.82 -42.94 -36.73
N MET A 141 -8.48 -41.65 -36.77
CA MET A 141 -7.31 -41.22 -37.53
C MET A 141 -6.03 -41.86 -37.00
N TYR A 142 -5.88 -41.91 -35.67
CA TYR A 142 -4.69 -42.53 -35.10
C TYR A 142 -4.62 -44.01 -35.45
N GLU A 143 -5.75 -44.71 -35.36
CA GLU A 143 -5.75 -46.15 -35.67
C GLU A 143 -5.37 -46.39 -37.13
N LEU A 144 -5.92 -45.60 -38.04
CA LEU A 144 -5.57 -45.76 -39.46
C LEU A 144 -4.09 -45.45 -39.69
N GLN A 145 -3.59 -44.37 -39.09
CA GLN A 145 -2.18 -44.04 -39.23
C GLN A 145 -1.30 -45.13 -38.63
N LYS A 146 -1.67 -45.65 -37.46
CA LYS A 146 -0.87 -46.70 -36.83
C LYS A 146 -0.86 -47.96 -37.67
N LEU A 147 -1.99 -48.33 -38.25
CA LEU A 147 -2.09 -49.53 -39.07
C LEU A 147 -1.11 -49.46 -40.24
N ASN A 148 -1.20 -48.31 -40.92
CA ASN A 148 -0.27 -48.00 -42.01
C ASN A 148 0.45 -46.69 -41.75
N GLY B 1 26.81 -21.01 -25.93
CA GLY B 1 25.81 -22.06 -25.87
C GLY B 1 25.04 -22.20 -27.17
N VAL B 2 24.36 -23.34 -27.33
CA VAL B 2 23.58 -23.57 -28.54
C VAL B 2 22.45 -22.55 -28.65
N PHE B 3 21.78 -22.27 -27.53
CA PHE B 3 20.71 -21.27 -27.55
C PHE B 3 21.25 -19.89 -27.92
N VAL B 4 22.40 -19.52 -27.37
CA VAL B 4 22.97 -18.21 -27.68
C VAL B 4 23.31 -18.14 -29.17
N LEU B 5 23.98 -19.16 -29.70
CA LEU B 5 24.26 -19.21 -31.13
C LEU B 5 22.97 -19.34 -31.92
N GLY B 6 22.03 -20.18 -31.45
CA GLY B 6 20.80 -20.39 -32.19
C GLY B 6 19.95 -19.13 -32.28
N PHE B 7 19.78 -18.44 -31.16
CA PHE B 7 18.94 -17.24 -31.15
C PHE B 7 19.58 -16.13 -31.99
N LEU B 8 20.91 -16.03 -31.95
CA LEU B 8 21.61 -14.98 -32.68
C LEU B 8 21.84 -15.35 -34.14
N GLY B 9 21.49 -16.57 -34.56
CA GLY B 9 21.73 -16.97 -35.94
C GLY B 9 20.84 -16.29 -36.95
N PHE B 10 19.75 -15.67 -36.50
CA PHE B 10 18.85 -15.01 -37.43
C PHE B 10 19.56 -13.90 -38.20
N LEU B 11 20.36 -13.10 -37.49
CA LEU B 11 21.07 -11.99 -38.10
C LEU B 11 22.36 -12.44 -38.79
N ALA B 12 22.70 -13.72 -38.73
CA ALA B 12 23.94 -14.19 -39.35
C ALA B 12 23.96 -13.87 -40.84
N THR B 13 22.81 -13.94 -41.50
CA THR B 13 22.71 -13.64 -42.93
C THR B 13 22.34 -12.18 -43.20
N ALA B 14 22.32 -11.33 -42.17
CA ALA B 14 21.94 -9.95 -42.37
C ALA B 14 22.86 -9.24 -43.35
N GLY B 15 24.14 -9.64 -43.40
CA GLY B 15 25.06 -9.02 -44.33
C GLY B 15 24.89 -9.46 -45.78
N SER B 16 24.22 -10.59 -46.00
CA SER B 16 24.07 -11.11 -47.35
C SER B 16 23.10 -10.26 -48.16
N ALA B 17 23.19 -10.39 -49.48
CA ALA B 17 22.33 -9.65 -50.39
C ALA B 17 20.93 -10.25 -50.38
N MET B 18 20.03 -9.64 -51.16
CA MET B 18 18.65 -10.09 -51.20
C MET B 18 18.54 -11.54 -51.63
N GLY B 19 18.94 -11.84 -52.87
CA GLY B 19 18.79 -13.19 -53.38
C GLY B 19 19.65 -14.20 -52.63
N ALA B 20 20.92 -13.86 -52.38
CA ALA B 20 21.82 -14.79 -51.73
C ALA B 20 21.42 -15.09 -50.30
N ALA B 21 20.59 -14.25 -49.68
CA ALA B 21 20.18 -14.48 -48.31
C ALA B 21 19.30 -15.72 -48.21
N SER B 22 19.44 -16.43 -47.10
CA SER B 22 18.64 -17.62 -46.80
C SER B 22 17.65 -17.23 -45.70
N LEU B 23 16.37 -17.18 -46.06
CA LEU B 23 15.33 -16.80 -45.11
C LEU B 23 15.24 -17.85 -44.01
N THR B 24 14.90 -17.38 -42.81
CA THR B 24 14.87 -18.22 -41.60
C THR B 24 13.49 -18.12 -40.96
N LEU B 25 12.59 -19.00 -41.36
CA LEU B 25 11.32 -19.15 -40.67
C LEU B 25 11.54 -19.86 -39.34
N THR B 26 10.55 -19.73 -38.45
CA THR B 26 10.59 -20.27 -37.09
C THR B 26 11.48 -19.45 -36.17
N ALA B 27 11.95 -18.28 -36.60
CA ALA B 27 12.82 -17.47 -35.74
C ALA B 27 12.09 -17.08 -34.47
N GLN B 28 10.84 -16.64 -34.59
CA GLN B 28 10.05 -16.34 -33.40
C GLN B 28 9.67 -17.61 -32.66
N SER B 29 9.34 -18.67 -33.39
CA SER B 29 8.96 -19.92 -32.75
C SER B 29 10.12 -20.52 -31.98
N ARG B 30 11.31 -20.58 -32.60
CA ARG B 30 12.48 -21.13 -31.92
C ARG B 30 12.88 -20.25 -30.73
N THR B 31 12.82 -18.93 -30.90
CA THR B 31 13.16 -18.04 -29.80
C THR B 31 12.21 -18.23 -28.62
N LEU B 32 10.92 -18.34 -28.89
CA LEU B 32 9.96 -18.54 -27.82
C LEU B 32 10.18 -19.89 -27.12
N LEU B 33 10.85 -20.83 -27.78
CA LEU B 33 11.15 -22.10 -27.15
C LEU B 33 12.11 -21.91 -25.98
N ALA B 34 13.21 -21.21 -26.22
CA ALA B 34 14.30 -21.12 -25.24
C ALA B 34 14.27 -19.86 -24.40
N GLY B 35 13.67 -18.78 -24.88
CA GLY B 35 13.62 -17.57 -24.09
C GLY B 35 12.80 -17.73 -22.83
N ILE B 36 11.68 -18.44 -22.92
CA ILE B 36 10.75 -18.54 -21.81
C ILE B 36 11.33 -19.40 -20.70
N VAL B 37 12.00 -20.50 -21.06
CA VAL B 37 12.58 -21.39 -20.04
C VAL B 37 13.62 -20.65 -19.23
N GLN B 38 14.31 -19.68 -19.83
CA GLN B 38 15.23 -18.86 -19.07
C GLN B 38 14.51 -18.15 -17.92
N GLN B 39 13.33 -17.60 -18.20
CA GLN B 39 12.52 -17.02 -17.13
C GLN B 39 11.98 -18.11 -16.21
N GLN B 40 11.48 -19.20 -16.78
CA GLN B 40 10.91 -20.26 -15.95
C GLN B 40 11.96 -20.89 -15.05
N GLN B 41 13.17 -21.11 -15.57
CA GLN B 41 14.22 -21.72 -14.77
C GLN B 41 14.57 -20.82 -13.59
N GLN B 42 14.62 -21.42 -12.40
CA GLN B 42 14.91 -20.78 -11.13
C GLN B 42 13.79 -19.86 -10.65
N LEU B 43 12.73 -19.65 -11.46
CA LEU B 43 11.59 -18.90 -10.98
C LEU B 43 10.78 -19.70 -9.97
N LEU B 44 10.90 -21.03 -10.01
CA LEU B 44 10.19 -21.86 -9.04
C LEU B 44 10.67 -21.59 -7.62
N ASP B 45 11.98 -21.40 -7.45
CA ASP B 45 12.55 -21.11 -6.13
C ASP B 45 11.97 -19.81 -5.56
N TRP B 59 8.94 -5.42 -10.41
CA TRP B 59 7.70 -4.69 -10.64
C TRP B 59 7.12 -5.01 -12.01
N GLY B 60 7.68 -4.39 -13.05
CA GLY B 60 7.21 -4.60 -14.40
C GLY B 60 8.10 -5.51 -15.23
N THR B 61 9.41 -5.32 -15.11
CA THR B 61 10.34 -6.13 -15.90
C THR B 61 10.22 -7.60 -15.51
N LYS B 62 10.03 -7.88 -14.22
CA LYS B 62 10.03 -9.26 -13.75
C LYS B 62 8.72 -9.96 -14.09
N ASN B 63 7.59 -9.42 -13.62
CA ASN B 63 6.36 -10.21 -13.54
C ASN B 63 5.48 -10.07 -14.78
N LEU B 64 4.96 -8.87 -15.06
CA LEU B 64 3.86 -8.75 -16.01
C LEU B 64 3.96 -7.60 -17.00
N GLN B 65 4.80 -6.58 -16.78
CA GLN B 65 4.78 -5.45 -17.72
C GLN B 65 5.37 -5.84 -19.07
N THR B 66 6.50 -6.53 -19.06
CA THR B 66 7.16 -6.96 -20.29
C THR B 66 7.04 -8.44 -20.57
N ARG B 67 6.74 -9.27 -19.56
CA ARG B 67 6.60 -10.70 -19.81
C ARG B 67 5.48 -10.97 -20.79
N VAL B 68 4.34 -10.30 -20.63
CA VAL B 68 3.26 -10.44 -21.60
C VAL B 68 3.65 -9.81 -22.93
N THR B 69 4.39 -8.70 -22.88
CA THR B 69 4.82 -8.05 -24.12
C THR B 69 5.58 -9.02 -25.01
N ALA B 70 6.31 -9.97 -24.42
CA ALA B 70 6.89 -11.06 -25.20
C ALA B 70 5.80 -11.89 -25.84
N ILE B 71 4.72 -12.16 -25.10
CA ILE B 71 3.58 -12.86 -25.68
C ILE B 71 2.88 -11.98 -26.71
N GLU B 72 2.64 -10.72 -26.36
CA GLU B 72 1.98 -9.80 -27.27
C GLU B 72 2.73 -9.69 -28.59
N LYS B 73 4.06 -9.68 -28.53
CA LYS B 73 4.86 -9.62 -29.75
C LYS B 73 4.64 -10.85 -30.62
N TYR B 74 4.60 -12.04 -30.01
CA TYR B 74 4.45 -13.27 -30.78
C TYR B 74 3.09 -13.32 -31.46
N LEU B 75 2.02 -13.06 -30.72
CA LEU B 75 0.68 -13.13 -31.31
C LEU B 75 0.51 -12.13 -32.44
N LYS B 76 1.18 -10.97 -32.35
CA LYS B 76 1.04 -9.97 -33.39
C LYS B 76 1.47 -10.53 -34.75
N ASP B 77 2.59 -11.25 -34.78
CA ASP B 77 3.04 -11.84 -36.04
C ASP B 77 2.03 -12.87 -36.54
N GLN B 78 1.53 -13.72 -35.64
CA GLN B 78 0.56 -14.73 -36.04
C GLN B 78 -0.76 -14.08 -36.46
N ALA B 79 -1.25 -13.13 -35.65
CA ALA B 79 -2.47 -12.42 -36.03
C ALA B 79 -2.26 -11.62 -37.31
N GLN B 80 -1.12 -10.95 -37.43
CA GLN B 80 -0.80 -10.26 -38.68
C GLN B 80 -0.69 -11.25 -39.82
N LEU B 81 -0.04 -12.38 -39.58
CA LEU B 81 0.09 -13.39 -40.63
C LEU B 81 -1.27 -13.96 -41.02
N ASN B 82 -2.08 -14.33 -40.03
CA ASN B 82 -3.34 -15.00 -40.32
C ASN B 82 -4.37 -14.04 -40.90
N ALA B 83 -4.32 -12.76 -40.52
CA ALA B 83 -5.19 -11.78 -41.16
C ALA B 83 -4.89 -11.70 -42.65
N TRP B 84 -3.64 -11.86 -43.04
CA TRP B 84 -3.25 -11.87 -44.45
C TRP B 84 -3.39 -13.25 -45.08
N GLY B 85 -3.67 -14.28 -44.29
CA GLY B 85 -3.89 -15.62 -44.83
C GLY B 85 -2.66 -16.24 -45.47
N CYS B 86 -1.49 -16.07 -44.85
CA CYS B 86 -0.27 -16.71 -45.34
C CYS B 86 0.59 -17.25 -44.20
N ALA B 87 -0.03 -17.63 -43.10
CA ALA B 87 0.73 -18.21 -41.99
C ALA B 87 1.37 -19.53 -42.42
N PHE B 88 2.55 -19.79 -41.86
CA PHE B 88 3.29 -21.03 -42.13
C PHE B 88 3.64 -21.15 -43.61
N ARG B 89 4.02 -20.03 -44.23
CA ARG B 89 4.47 -20.03 -45.61
C ARG B 89 5.55 -18.98 -45.77
N GLN B 90 6.72 -19.39 -46.25
CA GLN B 90 7.79 -18.44 -46.48
C GLN B 90 7.39 -17.40 -47.52
N VAL B 91 6.77 -17.83 -48.60
CA VAL B 91 6.34 -16.95 -49.68
C VAL B 91 4.93 -17.34 -50.11
N CYS B 92 4.03 -16.36 -50.15
CA CYS B 92 2.69 -16.56 -50.70
C CYS B 92 2.47 -15.46 -51.74
N CYS B 93 2.09 -15.85 -52.95
CA CYS B 93 1.78 -14.88 -53.97
C CYS B 93 0.42 -14.24 -53.70
N THR B 94 0.31 -12.94 -53.98
CA THR B 94 -0.89 -12.18 -53.70
C THR B 94 -1.35 -11.46 -54.96
N THR B 95 -2.65 -11.18 -55.01
CA THR B 95 -3.25 -10.55 -56.17
C THR B 95 -2.92 -9.06 -56.26
N VAL B 96 -2.56 -8.43 -55.15
CA VAL B 96 -2.37 -6.98 -55.15
C VAL B 96 -1.25 -6.61 -56.10
N PRO B 97 -1.41 -5.62 -56.98
CA PRO B 97 -0.30 -5.20 -57.83
C PRO B 97 0.72 -4.38 -57.05
N TRP B 98 1.92 -4.32 -57.63
CA TRP B 98 2.99 -3.56 -56.99
C TRP B 98 2.64 -2.06 -57.00
N PRO B 99 3.00 -1.32 -55.95
CA PRO B 99 2.87 0.14 -56.01
C PRO B 99 3.90 0.74 -56.94
N ASN B 100 4.05 2.07 -56.92
CA ASN B 100 5.04 2.77 -57.73
C ASN B 100 6.32 1.95 -57.82
N ALA B 101 6.75 1.69 -59.05
CA ALA B 101 7.80 0.71 -59.33
C ALA B 101 9.20 1.29 -59.32
N SER B 102 9.34 2.58 -59.03
CA SER B 102 10.67 3.18 -59.00
C SER B 102 11.58 2.48 -58.00
N LEU B 103 11.02 2.00 -56.90
CA LEU B 103 11.80 1.32 -55.85
C LEU B 103 11.99 -0.15 -56.23
N THR B 104 12.62 -0.36 -57.39
CA THR B 104 12.86 -1.71 -57.87
C THR B 104 13.95 -2.36 -57.03
N PRO B 105 13.70 -3.55 -56.44
CA PRO B 105 14.75 -4.19 -55.64
C PRO B 105 15.97 -4.52 -56.48
N LYS B 106 17.15 -4.40 -55.85
CA LYS B 106 18.42 -4.80 -56.45
C LYS B 106 18.80 -6.15 -55.85
N TRP B 107 18.49 -7.23 -56.57
CA TRP B 107 18.64 -8.57 -56.04
C TRP B 107 20.10 -9.00 -55.90
N ASN B 108 21.04 -8.21 -56.42
CA ASN B 108 22.45 -8.57 -56.41
C ASN B 108 23.24 -7.89 -55.28
N ASN B 109 23.00 -6.60 -55.04
CA ASN B 109 23.81 -5.81 -54.12
C ASN B 109 22.92 -4.97 -53.21
N GLU B 110 21.93 -5.61 -52.59
CA GLU B 110 21.08 -4.94 -51.61
C GLU B 110 20.77 -5.90 -50.48
N THR B 111 20.80 -5.39 -49.26
CA THR B 111 20.48 -6.16 -48.06
C THR B 111 19.03 -5.92 -47.67
N TRP B 112 18.47 -6.91 -46.95
CA TRP B 112 17.04 -6.88 -46.65
C TRP B 112 16.67 -5.64 -45.84
N GLN B 113 17.36 -5.40 -44.74
CA GLN B 113 17.04 -4.24 -43.91
C GLN B 113 17.28 -2.95 -44.69
N GLU B 114 18.38 -2.90 -45.45
CA GLU B 114 18.64 -1.72 -46.27
C GLU B 114 17.46 -1.42 -47.18
N TRP B 115 17.01 -2.42 -47.94
CA TRP B 115 15.88 -2.21 -48.82
C TRP B 115 14.59 -1.97 -48.04
N GLU B 116 14.49 -2.55 -46.82
CA GLU B 116 13.31 -2.31 -46.00
C GLU B 116 13.18 -0.83 -45.63
N ARG B 117 14.31 -0.18 -45.33
CA ARG B 117 14.27 1.24 -45.01
C ARG B 117 13.77 2.08 -46.17
N LYS B 118 14.03 1.64 -47.41
CA LYS B 118 13.53 2.38 -48.56
C LYS B 118 12.01 2.22 -48.70
N VAL B 119 11.48 1.06 -48.31
CA VAL B 119 10.04 0.82 -48.40
C VAL B 119 9.29 1.33 -47.18
N ASP B 120 9.98 1.69 -46.11
CA ASP B 120 9.29 2.12 -44.90
C ASP B 120 8.41 3.34 -45.15
N PHE B 121 8.77 4.18 -46.11
CA PHE B 121 7.94 5.35 -46.42
C PHE B 121 6.58 4.91 -46.94
N LEU B 122 6.53 3.92 -47.81
CA LEU B 122 5.30 3.40 -48.36
C LEU B 122 4.85 2.11 -47.69
N GLU B 123 5.50 1.71 -46.60
CA GLU B 123 5.14 0.46 -45.92
C GLU B 123 3.72 0.50 -45.39
N GLU B 124 3.32 1.63 -44.80
CA GLU B 124 2.00 1.71 -44.20
C GLU B 124 0.89 1.54 -45.24
N ASN B 125 1.04 2.20 -46.39
CA ASN B 125 -0.02 2.15 -47.40
C ASN B 125 -0.18 0.75 -47.97
N ILE B 126 0.93 0.04 -48.19
CA ILE B 126 0.84 -1.32 -48.71
C ILE B 126 0.06 -2.22 -47.76
N THR B 127 0.23 -1.99 -46.45
CA THR B 127 -0.46 -2.81 -45.46
C THR B 127 -1.96 -2.72 -45.64
N ALA B 128 -2.48 -1.51 -45.82
CA ALA B 128 -3.93 -1.34 -45.96
C ALA B 128 -4.45 -2.02 -47.23
N LEU B 129 -3.70 -1.91 -48.33
CA LEU B 129 -4.17 -2.44 -49.61
C LEU B 129 -4.36 -3.95 -49.53
N LEU B 130 -3.40 -4.67 -48.96
CA LEU B 130 -3.49 -6.12 -48.90
C LEU B 130 -4.66 -6.56 -48.02
N GLU B 131 -4.87 -5.88 -46.89
CA GLU B 131 -5.94 -6.28 -45.98
C GLU B 131 -7.30 -6.23 -46.67
N GLU B 132 -7.57 -5.16 -47.41
CA GLU B 132 -8.80 -5.10 -48.19
C GLU B 132 -8.83 -6.19 -49.26
N ALA B 133 -7.69 -6.42 -49.91
CA ALA B 133 -7.64 -7.43 -50.97
C ALA B 133 -7.96 -8.81 -50.41
N GLN B 134 -7.43 -9.14 -49.24
CA GLN B 134 -7.71 -10.45 -48.64
C GLN B 134 -9.20 -10.58 -48.33
N ILE B 135 -9.83 -9.50 -47.89
CA ILE B 135 -11.26 -9.54 -47.59
C ILE B 135 -12.05 -9.89 -48.84
N GLN B 136 -11.71 -9.28 -49.97
CA GLN B 136 -12.41 -9.57 -51.21
C GLN B 136 -12.29 -11.04 -51.56
N GLN B 137 -11.06 -11.58 -51.56
CA GLN B 137 -10.88 -13.00 -51.83
C GLN B 137 -11.56 -13.84 -50.74
N GLU B 138 -11.52 -13.37 -49.49
CA GLU B 138 -12.18 -14.10 -48.42
C GLU B 138 -13.68 -14.19 -48.67
N LYS B 139 -14.28 -13.09 -49.13
CA LYS B 139 -15.70 -13.13 -49.48
C LYS B 139 -15.95 -14.08 -50.66
N ASN B 140 -15.07 -14.04 -51.67
CA ASN B 140 -15.29 -14.86 -52.85
C ASN B 140 -15.04 -16.33 -52.59
N MET B 141 -13.97 -16.65 -51.84
CA MET B 141 -13.59 -18.05 -51.68
C MET B 141 -14.68 -18.84 -50.97
N TYR B 142 -15.27 -18.28 -49.92
CA TYR B 142 -16.35 -18.98 -49.23
C TYR B 142 -17.64 -18.96 -50.04
N GLU B 143 -17.97 -17.81 -50.63
CA GLU B 143 -19.22 -17.71 -51.39
C GLU B 143 -19.28 -18.75 -52.50
N LEU B 144 -18.14 -19.08 -53.11
CA LEU B 144 -18.12 -20.16 -54.08
C LEU B 144 -18.50 -21.48 -53.44
N GLN B 145 -18.00 -21.74 -52.23
CA GLN B 145 -18.41 -22.93 -51.49
C GLN B 145 -19.90 -22.88 -51.17
N LYS B 146 -20.39 -21.71 -50.74
CA LYS B 146 -21.82 -21.55 -50.51
C LYS B 146 -22.61 -21.75 -51.80
N LEU B 147 -22.10 -21.20 -52.90
CA LEU B 147 -22.75 -21.33 -54.21
C LEU B 147 -22.95 -22.80 -54.57
N ASN B 148 -21.84 -23.48 -54.61
CA ASN B 148 -21.77 -24.93 -54.73
C ASN B 148 -20.98 -25.54 -53.58
N GLY C 1 -18.94 -33.94 -13.18
CA GLY C 1 -19.23 -33.11 -14.32
C GLY C 1 -18.57 -33.60 -15.59
N VAL C 2 -19.12 -33.22 -16.74
CA VAL C 2 -18.55 -33.63 -18.02
C VAL C 2 -17.14 -33.06 -18.18
N PHE C 3 -16.94 -31.78 -17.80
CA PHE C 3 -15.63 -31.18 -17.91
C PHE C 3 -14.62 -31.90 -17.01
N VAL C 4 -15.05 -32.26 -15.79
CA VAL C 4 -14.16 -32.97 -14.88
C VAL C 4 -13.72 -34.29 -15.49
N LEU C 5 -14.70 -35.08 -15.96
CA LEU C 5 -14.35 -36.33 -16.64
C LEU C 5 -13.60 -36.07 -17.93
N GLY C 6 -14.02 -35.05 -18.69
CA GLY C 6 -13.34 -34.74 -19.93
C GLY C 6 -11.88 -34.36 -19.71
N PHE C 7 -11.63 -33.48 -18.73
CA PHE C 7 -10.25 -33.11 -18.41
C PHE C 7 -9.47 -34.30 -17.88
N LEU C 8 -10.15 -35.21 -17.17
CA LEU C 8 -9.50 -36.40 -16.63
C LEU C 8 -9.55 -37.59 -17.58
N GLY C 9 -10.21 -37.45 -18.73
CA GLY C 9 -10.28 -38.56 -19.67
C GLY C 9 -9.00 -38.82 -20.42
N PHE C 10 -8.11 -37.83 -20.50
CA PHE C 10 -6.86 -38.02 -21.22
C PHE C 10 -6.02 -39.10 -20.55
N LEU C 11 -6.00 -39.10 -19.21
CA LEU C 11 -5.15 -40.01 -18.45
C LEU C 11 -5.74 -41.42 -18.35
N ALA C 12 -6.97 -41.63 -18.84
CA ALA C 12 -7.56 -42.95 -18.78
C ALA C 12 -6.75 -44.00 -19.54
N THR C 13 -5.93 -43.56 -20.51
CA THR C 13 -5.09 -44.46 -21.28
C THR C 13 -3.77 -44.77 -20.59
N ALA C 14 -3.46 -44.09 -19.48
CA ALA C 14 -2.16 -44.28 -18.84
C ALA C 14 -1.93 -45.73 -18.43
N GLY C 15 -2.99 -46.47 -18.13
CA GLY C 15 -2.84 -47.85 -17.75
C GLY C 15 -2.53 -48.79 -18.90
N SER C 16 -2.81 -48.36 -20.13
CA SER C 16 -2.60 -49.24 -21.28
C SER C 16 -1.14 -49.17 -21.75
N ALA C 17 -0.73 -50.20 -22.47
CA ALA C 17 0.61 -50.26 -23.02
C ALA C 17 0.71 -49.33 -24.24
N MET C 18 1.96 -49.11 -24.67
CA MET C 18 2.20 -48.15 -25.75
C MET C 18 1.47 -48.56 -27.02
N GLY C 19 1.59 -49.82 -27.42
CA GLY C 19 0.96 -50.26 -28.65
C GLY C 19 -0.56 -50.15 -28.60
N ALA C 20 -1.16 -50.56 -27.49
CA ALA C 20 -2.61 -50.54 -27.35
C ALA C 20 -3.14 -49.20 -26.85
N ALA C 21 -2.27 -48.25 -26.51
CA ALA C 21 -2.71 -46.95 -26.03
C ALA C 21 -3.30 -46.14 -27.17
N SER C 22 -4.46 -45.54 -26.92
CA SER C 22 -5.11 -44.66 -27.87
C SER C 22 -4.68 -43.22 -27.59
N LEU C 23 -4.07 -42.58 -28.59
CA LEU C 23 -3.62 -41.21 -28.43
C LEU C 23 -4.82 -40.27 -28.32
N THR C 24 -4.59 -39.12 -27.67
CA THR C 24 -5.62 -38.10 -27.52
C THR C 24 -5.01 -36.74 -27.85
N LEU C 25 -5.06 -36.38 -29.12
CA LEU C 25 -4.77 -35.02 -29.54
C LEU C 25 -5.90 -34.10 -29.07
N THR C 26 -5.62 -32.79 -29.04
CA THR C 26 -6.56 -31.76 -28.63
C THR C 26 -6.79 -31.77 -27.13
N ALA C 27 -6.15 -32.67 -26.37
CA ALA C 27 -6.38 -32.74 -24.94
C ALA C 27 -6.03 -31.44 -24.25
N GLN C 28 -4.86 -30.88 -24.57
CA GLN C 28 -4.47 -29.61 -23.99
C GLN C 28 -5.41 -28.48 -24.42
N SER C 29 -5.84 -28.52 -25.69
CA SER C 29 -6.79 -27.51 -26.17
C SER C 29 -8.08 -27.58 -25.38
N ARG C 30 -8.60 -28.77 -25.15
CA ARG C 30 -9.81 -28.90 -24.33
C ARG C 30 -9.54 -28.55 -22.87
N THR C 31 -8.31 -28.76 -22.41
CA THR C 31 -7.97 -28.42 -21.03
C THR C 31 -8.11 -26.92 -20.80
N LEU C 32 -7.59 -26.11 -21.72
CA LEU C 32 -7.70 -24.65 -21.61
C LEU C 32 -9.06 -24.14 -22.09
N LEU C 33 -9.83 -24.97 -22.79
CA LEU C 33 -11.12 -24.51 -23.29
C LEU C 33 -12.05 -24.12 -22.14
N ALA C 34 -12.06 -24.93 -21.08
CA ALA C 34 -12.93 -24.67 -19.94
C ALA C 34 -12.20 -24.04 -18.76
N GLY C 35 -10.86 -24.04 -18.77
CA GLY C 35 -10.14 -23.44 -17.65
C GLY C 35 -10.44 -21.96 -17.50
N ILE C 36 -10.41 -21.23 -18.62
CA ILE C 36 -10.77 -19.81 -18.58
C ILE C 36 -12.24 -19.66 -18.20
N VAL C 37 -13.09 -20.58 -18.64
CA VAL C 37 -14.51 -20.50 -18.30
C VAL C 37 -14.69 -20.56 -16.79
N GLN C 38 -14.00 -21.50 -16.14
CA GLN C 38 -14.07 -21.57 -14.68
C GLN C 38 -13.50 -20.32 -14.05
N GLN C 39 -12.36 -19.85 -14.54
CA GLN C 39 -11.77 -18.61 -14.02
C GLN C 39 -12.69 -17.43 -14.30
N GLN C 40 -13.22 -17.34 -15.53
CA GLN C 40 -14.10 -16.23 -15.88
C GLN C 40 -15.39 -16.28 -15.08
N GLN C 41 -15.96 -17.46 -14.90
CA GLN C 41 -17.22 -17.59 -14.17
C GLN C 41 -17.05 -17.07 -12.74
N GLN C 42 -17.99 -16.22 -12.32
CA GLN C 42 -18.03 -15.57 -11.01
C GLN C 42 -16.93 -14.53 -10.82
N LEU C 43 -16.03 -14.36 -11.79
CA LEU C 43 -15.04 -13.29 -11.71
C LEU C 43 -15.67 -11.94 -11.98
N LEU C 44 -16.73 -11.91 -12.79
CA LEU C 44 -17.40 -10.65 -13.09
C LEU C 44 -17.95 -10.01 -11.82
N ASP C 45 -18.51 -10.84 -10.93
CA ASP C 45 -19.06 -10.33 -9.67
C ASP C 45 -17.98 -9.63 -8.85
N TRP C 59 -2.17 -11.95 -4.76
CA TRP C 59 -0.72 -12.02 -4.78
C TRP C 59 -0.22 -12.66 -6.08
N GLY C 60 -1.14 -13.28 -6.83
CA GLY C 60 -0.75 -14.02 -8.01
C GLY C 60 -1.64 -15.20 -8.33
N THR C 61 -2.40 -15.68 -7.35
CA THR C 61 -3.38 -16.73 -7.63
C THR C 61 -4.56 -16.17 -8.41
N LYS C 62 -5.29 -15.24 -7.81
CA LYS C 62 -6.27 -14.47 -8.58
C LYS C 62 -5.58 -13.60 -9.61
N ASN C 63 -4.39 -13.09 -9.27
CA ASN C 63 -3.64 -12.24 -10.19
C ASN C 63 -2.87 -13.13 -11.18
N LEU C 64 -1.91 -12.55 -11.89
CA LEU C 64 -1.33 -13.16 -13.08
C LEU C 64 -0.01 -13.89 -12.79
N GLN C 65 0.15 -14.46 -11.60
CA GLN C 65 1.34 -15.26 -11.35
C GLN C 65 1.28 -16.59 -12.08
N THR C 66 0.10 -17.20 -12.16
CA THR C 66 -0.10 -18.44 -12.89
C THR C 66 -1.05 -18.31 -14.07
N ARG C 67 -1.89 -17.28 -14.12
CA ARG C 67 -2.78 -17.12 -15.26
C ARG C 67 -1.98 -16.98 -16.55
N VAL C 68 -0.92 -16.17 -16.52
CA VAL C 68 -0.02 -16.11 -17.67
C VAL C 68 0.69 -17.44 -17.86
N THR C 69 1.04 -18.11 -16.74
CA THR C 69 1.66 -19.42 -16.85
C THR C 69 0.72 -20.41 -17.52
N ALA C 70 -0.58 -20.31 -17.24
CA ALA C 70 -1.55 -21.12 -17.97
C ALA C 70 -1.50 -20.80 -19.45
N ILE C 71 -1.45 -19.50 -19.79
CA ILE C 71 -1.24 -19.11 -21.18
C ILE C 71 0.14 -19.57 -21.65
N GLU C 72 1.16 -19.40 -20.81
CA GLU C 72 2.52 -19.72 -21.21
C GLU C 72 2.66 -21.20 -21.55
N LYS C 73 2.07 -22.07 -20.72
CA LYS C 73 2.15 -23.50 -20.98
C LYS C 73 1.57 -23.84 -22.34
N TYR C 74 0.46 -23.18 -22.70
CA TYR C 74 -0.18 -23.46 -23.99
C TYR C 74 0.70 -23.02 -25.16
N LEU C 75 1.19 -21.78 -25.11
CA LEU C 75 1.98 -21.28 -26.24
C LEU C 75 3.27 -22.07 -26.40
N LYS C 76 3.93 -22.41 -25.29
CA LYS C 76 5.16 -23.19 -25.38
C LYS C 76 4.92 -24.50 -26.14
N ASP C 77 3.89 -25.24 -25.76
CA ASP C 77 3.63 -26.53 -26.40
C ASP C 77 3.28 -26.33 -27.88
N GLN C 78 2.43 -25.35 -28.18
CA GLN C 78 2.06 -25.12 -29.57
C GLN C 78 3.23 -24.56 -30.37
N ALA C 79 3.93 -23.56 -29.81
CA ALA C 79 5.12 -23.05 -30.47
C ALA C 79 6.17 -24.14 -30.64
N GLN C 80 6.17 -25.13 -29.75
CA GLN C 80 7.09 -26.26 -29.88
C GLN C 80 6.79 -27.02 -31.17
N LEU C 81 5.52 -27.26 -31.45
CA LEU C 81 5.14 -27.96 -32.69
C LEU C 81 5.40 -27.09 -33.91
N ASN C 82 5.08 -25.79 -33.83
CA ASN C 82 5.33 -24.91 -34.96
C ASN C 82 6.82 -24.83 -35.27
N ALA C 83 7.66 -24.81 -34.24
CA ALA C 83 9.10 -24.84 -34.45
C ALA C 83 9.52 -26.11 -35.17
N TRP C 84 8.92 -27.24 -34.81
CA TRP C 84 9.23 -28.52 -35.45
C TRP C 84 8.37 -28.81 -36.67
N GLY C 85 7.37 -27.99 -36.97
CA GLY C 85 6.56 -28.22 -38.15
C GLY C 85 5.76 -29.50 -38.11
N CYS C 86 5.08 -29.77 -36.99
CA CYS C 86 4.22 -30.95 -36.86
C CYS C 86 2.88 -30.58 -36.23
N ALA C 87 2.49 -29.31 -36.28
CA ALA C 87 1.25 -28.90 -35.67
C ALA C 87 0.05 -29.56 -36.35
N PHE C 88 -0.94 -29.92 -35.54
CA PHE C 88 -2.20 -30.48 -36.04
C PHE C 88 -1.96 -31.80 -36.77
N ARG C 89 -1.14 -32.67 -36.18
CA ARG C 89 -0.88 -33.98 -36.75
C ARG C 89 -0.54 -34.94 -35.62
N GLN C 90 -1.21 -36.09 -35.60
CA GLN C 90 -0.95 -37.08 -34.56
C GLN C 90 0.47 -37.62 -34.65
N VAL C 91 0.95 -37.88 -35.86
CA VAL C 91 2.27 -38.43 -36.08
C VAL C 91 2.90 -37.74 -37.28
N CYS C 92 4.18 -37.38 -37.15
CA CYS C 92 4.94 -36.77 -38.24
C CYS C 92 6.26 -37.51 -38.37
N CYS C 93 6.44 -38.24 -39.47
CA CYS C 93 7.73 -38.85 -39.74
C CYS C 93 8.77 -37.77 -40.02
N THR C 94 9.95 -37.93 -39.44
CA THR C 94 11.02 -36.96 -39.56
C THR C 94 12.28 -37.64 -40.07
N THR C 95 13.11 -36.87 -40.78
CA THR C 95 14.29 -37.43 -41.42
C THR C 95 15.38 -37.80 -40.42
N VAL C 96 15.32 -37.29 -39.20
CA VAL C 96 16.40 -37.53 -38.24
C VAL C 96 16.43 -39.01 -37.88
N PRO C 97 17.60 -39.63 -37.73
CA PRO C 97 17.64 -41.02 -37.29
C PRO C 97 17.51 -41.13 -35.77
N TRP C 98 17.15 -42.33 -35.33
CA TRP C 98 17.03 -42.58 -33.91
C TRP C 98 18.42 -42.62 -33.26
N PRO C 99 18.53 -42.19 -31.99
CA PRO C 99 19.82 -42.32 -31.29
C PRO C 99 20.13 -43.76 -30.93
N ASN C 100 21.14 -43.96 -30.08
CA ASN C 100 21.52 -45.28 -29.57
C ASN C 100 20.28 -46.15 -29.38
N ALA C 101 20.27 -47.33 -29.99
CA ALA C 101 19.06 -48.10 -30.23
C ALA C 101 18.78 -49.14 -29.16
N SER C 102 19.60 -49.25 -28.12
CA SER C 102 19.33 -50.24 -27.09
C SER C 102 18.00 -49.97 -26.40
N LEU C 103 17.68 -48.70 -26.17
CA LEU C 103 16.44 -48.32 -25.52
C LEU C 103 15.27 -48.48 -26.49
N THR C 104 14.98 -49.72 -26.88
CA THR C 104 13.91 -49.99 -27.83
C THR C 104 12.58 -50.09 -27.09
N PRO C 105 11.56 -49.31 -27.45
CA PRO C 105 10.27 -49.44 -26.78
C PRO C 105 9.68 -50.84 -26.97
N LYS C 106 9.03 -51.34 -25.92
CA LYS C 106 8.31 -52.61 -25.97
C LYS C 106 6.83 -52.27 -26.17
N TRP C 107 6.40 -52.28 -27.42
CA TRP C 107 5.07 -51.80 -27.77
C TRP C 107 3.95 -52.71 -27.28
N ASN C 108 4.27 -53.90 -26.77
CA ASN C 108 3.24 -54.81 -26.29
C ASN C 108 2.88 -54.54 -24.82
N ASN C 109 3.88 -54.43 -23.95
CA ASN C 109 3.68 -54.37 -22.51
C ASN C 109 4.52 -53.24 -21.91
N GLU C 110 4.42 -52.04 -22.48
CA GLU C 110 5.11 -50.88 -21.95
C GLU C 110 4.21 -49.67 -22.05
N THR C 111 3.94 -49.03 -20.92
CA THR C 111 3.18 -47.79 -20.90
C THR C 111 4.05 -46.65 -21.41
N TRP C 112 3.39 -45.57 -21.83
CA TRP C 112 4.12 -44.40 -22.29
C TRP C 112 5.02 -43.84 -21.20
N GLN C 113 4.47 -43.67 -19.99
CA GLN C 113 5.24 -43.10 -18.90
C GLN C 113 6.41 -43.98 -18.50
N GLU C 114 6.19 -45.29 -18.44
CA GLU C 114 7.24 -46.21 -18.01
C GLU C 114 8.46 -46.11 -18.91
N TRP C 115 8.26 -45.76 -20.18
CA TRP C 115 9.36 -45.66 -21.14
C TRP C 115 9.84 -44.23 -21.35
N GLU C 116 8.99 -43.23 -21.12
CA GLU C 116 9.43 -41.84 -21.27
C GLU C 116 10.59 -41.54 -20.34
N ARG C 117 10.64 -42.17 -19.16
CA ARG C 117 11.72 -41.91 -18.23
C ARG C 117 13.02 -42.56 -18.69
N LYS C 118 12.94 -43.73 -19.31
CA LYS C 118 14.14 -44.38 -19.82
C LYS C 118 14.81 -43.53 -20.90
N VAL C 119 14.01 -42.96 -21.81
CA VAL C 119 14.55 -42.09 -22.85
C VAL C 119 14.77 -40.67 -22.38
N ASP C 120 14.32 -40.33 -21.17
CA ASP C 120 14.50 -38.97 -20.66
C ASP C 120 15.97 -38.59 -20.60
N PHE C 121 16.86 -39.58 -20.42
CA PHE C 121 18.28 -39.29 -20.30
C PHE C 121 18.80 -38.62 -21.58
N LEU C 122 18.39 -39.11 -22.74
CA LEU C 122 18.80 -38.56 -24.02
C LEU C 122 17.72 -37.69 -24.65
N GLU C 123 16.67 -37.34 -23.91
CA GLU C 123 15.60 -36.52 -24.47
C GLU C 123 16.12 -35.15 -24.89
N GLU C 124 16.97 -34.55 -24.06
CA GLU C 124 17.47 -33.21 -24.36
C GLU C 124 18.27 -33.20 -25.66
N ASN C 125 19.12 -34.21 -25.85
CA ASN C 125 19.94 -34.24 -27.06
C ASN C 125 19.08 -34.41 -28.31
N ILE C 126 18.04 -35.23 -28.23
CA ILE C 126 17.14 -35.42 -29.37
C ILE C 126 16.49 -34.11 -29.74
N THR C 127 16.15 -33.29 -28.75
CA THR C 127 15.54 -32.00 -29.02
C THR C 127 16.43 -31.15 -29.93
N ALA C 128 17.72 -31.05 -29.57
CA ALA C 128 18.64 -30.23 -30.35
C ALA C 128 18.81 -30.78 -31.77
N LEU C 129 18.92 -32.10 -31.89
CA LEU C 129 19.19 -32.69 -33.20
C LEU C 129 18.07 -32.42 -34.19
N LEU C 130 16.81 -32.54 -33.74
CA LEU C 130 15.70 -32.37 -34.67
C LEU C 130 15.49 -30.91 -35.05
N GLU C 131 15.81 -29.99 -34.13
CA GLU C 131 15.66 -28.57 -34.43
C GLU C 131 16.54 -28.17 -35.61
N GLU C 132 17.79 -28.64 -35.63
CA GLU C 132 18.67 -28.35 -36.76
C GLU C 132 18.15 -28.99 -38.04
N ALA C 133 17.59 -30.20 -37.94
CA ALA C 133 17.12 -30.89 -39.14
C ALA C 133 16.03 -30.11 -39.83
N GLN C 134 15.07 -29.57 -39.07
CA GLN C 134 13.99 -28.81 -39.67
C GLN C 134 14.52 -27.57 -40.37
N ILE C 135 15.51 -26.91 -39.77
CA ILE C 135 16.11 -25.73 -40.40
C ILE C 135 16.74 -26.12 -41.73
N GLN C 136 17.45 -27.25 -41.77
CA GLN C 136 18.04 -27.71 -43.02
C GLN C 136 16.95 -28.01 -44.05
N GLN C 137 15.89 -28.69 -43.64
CA GLN C 137 14.75 -28.91 -44.53
C GLN C 137 14.09 -27.58 -44.89
N GLU C 138 13.97 -26.69 -43.91
CA GLU C 138 13.43 -25.36 -44.18
C GLU C 138 14.26 -24.64 -45.24
N LYS C 139 15.57 -24.71 -45.13
CA LYS C 139 16.44 -24.07 -46.10
C LYS C 139 16.24 -24.67 -47.49
N ASN C 140 16.06 -25.99 -47.57
CA ASN C 140 15.83 -26.63 -48.86
C ASN C 140 14.53 -26.14 -49.49
N MET C 141 13.48 -25.99 -48.69
CA MET C 141 12.20 -25.54 -49.22
C MET C 141 12.32 -24.15 -49.84
N TYR C 142 13.00 -23.23 -49.14
CA TYR C 142 13.16 -21.88 -49.67
C TYR C 142 13.95 -21.89 -50.98
N GLU C 143 15.02 -22.69 -51.04
CA GLU C 143 15.82 -22.76 -52.26
C GLU C 143 14.99 -23.27 -53.43
N LEU C 144 14.18 -24.31 -53.20
CA LEU C 144 13.33 -24.83 -54.27
C LEU C 144 12.31 -23.78 -54.72
N GLN C 145 11.69 -23.08 -53.76
CA GLN C 145 10.72 -22.05 -54.12
C GLN C 145 11.39 -20.92 -54.89
N LYS C 146 12.58 -20.49 -54.47
CA LYS C 146 13.28 -19.42 -55.16
C LYS C 146 13.63 -19.84 -56.58
N LEU C 147 14.04 -21.08 -56.77
CA LEU C 147 14.40 -21.60 -58.09
C LEU C 147 13.22 -21.47 -59.04
N ASN C 148 12.13 -21.88 -58.47
CA ASN C 148 10.81 -21.83 -59.11
C ASN C 148 9.80 -21.08 -58.25
N THR D 1 15.70 -48.62 -41.72
CA THR D 1 16.29 -47.79 -40.66
C THR D 1 15.21 -47.22 -39.77
N LEU D 2 15.63 -46.65 -38.64
CA LEU D 2 14.72 -46.08 -37.65
C LEU D 2 14.92 -44.58 -37.55
N TYR D 3 13.82 -43.84 -37.50
CA TYR D 3 13.85 -42.39 -37.41
C TYR D 3 13.01 -41.92 -36.22
N VAL D 4 13.39 -40.78 -35.66
CA VAL D 4 12.65 -40.21 -34.53
C VAL D 4 11.28 -39.76 -35.01
N THR D 5 10.27 -39.98 -34.17
CA THR D 5 8.91 -39.55 -34.45
C THR D 5 8.36 -38.82 -33.24
N VAL D 6 7.51 -37.83 -33.51
CA VAL D 6 6.93 -36.97 -32.48
C VAL D 6 5.47 -37.35 -32.33
N PHE D 7 5.04 -37.56 -31.09
CA PHE D 7 3.66 -37.89 -30.75
C PHE D 7 3.14 -36.84 -29.78
N TYR D 8 1.92 -36.36 -30.03
CA TYR D 8 1.28 -35.37 -29.18
C TYR D 8 0.04 -35.97 -28.53
N GLY D 9 -0.18 -35.60 -27.27
CA GLY D 9 -1.30 -36.13 -26.52
C GLY D 9 -0.99 -37.36 -25.71
N VAL D 10 0.27 -37.78 -25.63
CA VAL D 10 0.62 -38.97 -24.84
C VAL D 10 0.34 -38.68 -23.37
N PRO D 11 -0.32 -39.59 -22.64
CA PRO D 11 -0.62 -39.30 -21.23
C PRO D 11 0.55 -39.59 -20.29
N ALA D 12 1.45 -38.62 -20.14
CA ALA D 12 2.57 -38.71 -19.21
C ALA D 12 2.58 -37.47 -18.34
N TRP D 13 3.38 -37.51 -17.28
CA TRP D 13 3.48 -36.39 -16.35
C TRP D 13 4.86 -36.41 -15.68
N ARG D 14 5.03 -35.53 -14.70
CA ARG D 14 6.26 -35.43 -13.93
C ARG D 14 6.00 -34.51 -12.76
N ASN D 15 6.92 -34.51 -11.79
CA ASN D 15 6.82 -33.62 -10.64
C ASN D 15 6.68 -32.19 -11.13
N ALA D 16 6.13 -31.31 -10.30
CA ALA D 16 6.00 -29.91 -10.68
C ALA D 16 5.79 -29.07 -9.43
N THR D 17 6.08 -27.77 -9.56
CA THR D 17 5.94 -26.81 -8.47
C THR D 17 5.35 -25.53 -9.06
N ILE D 18 4.04 -25.40 -8.99
CA ILE D 18 3.33 -24.22 -9.50
C ILE D 18 2.35 -23.76 -8.42
N PRO D 19 2.05 -22.46 -8.33
CA PRO D 19 1.01 -22.03 -7.39
C PRO D 19 -0.36 -22.55 -7.80
N LEU D 20 -1.32 -22.41 -6.88
CA LEU D 20 -2.64 -22.97 -7.03
C LEU D 20 -3.72 -21.94 -6.73
N PHE D 21 -4.85 -22.07 -7.42
CA PHE D 21 -6.01 -21.24 -7.13
C PHE D 21 -6.79 -21.84 -5.97
N CYS D 22 -7.23 -20.97 -5.06
CA CYS D 22 -8.02 -21.39 -3.91
C CYS D 22 -9.49 -21.10 -4.17
N ALA D 23 -10.35 -22.00 -3.71
CA ALA D 23 -11.80 -21.84 -3.85
C ALA D 23 -12.43 -22.03 -2.48
N THR D 24 -13.42 -21.19 -2.16
CA THR D 24 -14.06 -21.21 -0.86
C THR D 24 -15.57 -21.06 -1.03
N LYS D 25 -16.30 -21.48 0.00
CA LYS D 25 -17.77 -21.44 -0.01
C LYS D 25 -18.31 -20.25 0.76
N ASN D 26 -18.00 -20.15 2.06
CA ASN D 26 -18.50 -19.07 2.91
C ASN D 26 -17.49 -17.93 2.89
N ARG D 27 -17.55 -17.12 1.84
CA ARG D 27 -16.62 -16.02 1.64
C ARG D 27 -17.27 -14.74 2.18
N ASP D 28 -17.03 -14.47 3.47
CA ASP D 28 -17.52 -13.23 4.05
C ASP D 28 -16.84 -12.03 3.40
N THR D 29 -15.51 -12.04 3.36
CA THR D 29 -14.74 -10.98 2.71
C THR D 29 -13.58 -11.49 1.87
N TRP D 30 -13.20 -12.75 1.98
CA TRP D 30 -12.01 -13.27 1.32
C TRP D 30 -12.29 -13.82 -0.08
N GLY D 31 -13.54 -13.78 -0.54
CA GLY D 31 -13.89 -14.23 -1.86
C GLY D 31 -13.89 -13.09 -2.87
N THR D 32 -13.52 -13.41 -4.11
CA THR D 32 -13.38 -12.51 -5.23
C THR D 32 -12.11 -11.65 -5.11
N THR D 33 -11.41 -11.69 -3.98
CA THR D 33 -10.16 -10.96 -3.79
C THR D 33 -8.95 -11.89 -3.81
N GLN D 34 -9.09 -13.09 -3.27
CA GLN D 34 -8.01 -14.09 -3.30
C GLN D 34 -8.47 -15.48 -3.72
N CYS D 35 -9.74 -15.83 -3.53
CA CYS D 35 -10.23 -17.17 -3.85
C CYS D 35 -11.55 -17.08 -4.59
N LEU D 36 -11.72 -17.95 -5.58
CA LEU D 36 -12.94 -18.01 -6.35
C LEU D 36 -14.04 -18.73 -5.55
N PRO D 37 -15.30 -18.55 -5.93
CA PRO D 37 -16.36 -19.39 -5.35
C PRO D 37 -16.25 -20.83 -5.82
N ASP D 38 -16.78 -21.73 -5.01
CA ASP D 38 -16.60 -23.15 -5.24
C ASP D 38 -17.40 -23.64 -6.44
N ASN D 39 -16.94 -24.76 -7.01
CA ASN D 39 -17.64 -25.43 -8.10
C ASN D 39 -18.57 -26.53 -7.58
N GLY D 40 -18.04 -27.46 -6.79
CA GLY D 40 -18.84 -28.51 -6.19
C GLY D 40 -18.83 -29.82 -6.94
N ASP D 41 -17.65 -30.29 -7.31
CA ASP D 41 -17.47 -31.59 -7.97
C ASP D 41 -16.34 -32.34 -7.31
N TYR D 42 -16.53 -33.64 -7.12
CA TYR D 42 -15.52 -34.46 -6.45
C TYR D 42 -15.33 -35.82 -7.12
N SER D 43 -15.78 -35.97 -8.36
CA SER D 43 -15.59 -37.22 -9.08
C SER D 43 -14.11 -37.43 -9.38
N GLU D 44 -13.66 -38.67 -9.21
CA GLU D 44 -12.28 -39.05 -9.50
C GLU D 44 -12.29 -40.36 -10.27
N VAL D 45 -11.24 -40.58 -11.05
CA VAL D 45 -11.11 -41.76 -11.90
C VAL D 45 -9.86 -42.52 -11.48
N ALA D 46 -10.02 -43.83 -11.29
CA ALA D 46 -8.92 -44.68 -10.90
C ALA D 46 -8.10 -45.10 -12.12
N LEU D 47 -6.78 -45.11 -11.96
CA LEU D 47 -5.85 -45.52 -13.01
C LEU D 47 -5.04 -46.71 -12.53
N ASN D 48 -4.68 -47.58 -13.47
CA ASN D 48 -3.90 -48.78 -13.17
C ASN D 48 -2.41 -48.51 -13.28
N VAL D 49 -1.94 -47.47 -12.58
CA VAL D 49 -0.55 -47.06 -12.64
C VAL D 49 -0.05 -46.81 -11.22
N THR D 50 1.27 -46.84 -11.06
CA THR D 50 1.93 -46.65 -9.78
C THR D 50 2.71 -45.34 -9.79
N GLU D 51 2.62 -44.60 -8.69
CA GLU D 51 3.35 -43.35 -8.54
C GLU D 51 3.69 -43.15 -7.07
N SER D 52 4.75 -42.38 -6.82
CA SER D 52 5.23 -42.15 -5.46
C SER D 52 4.58 -40.92 -4.86
N PHE D 53 4.27 -40.99 -3.57
CA PHE D 53 3.62 -39.90 -2.86
C PHE D 53 4.29 -39.69 -1.52
N ASP D 54 4.35 -38.43 -1.09
CA ASP D 54 4.89 -38.07 0.20
C ASP D 54 4.00 -37.03 0.85
N ALA D 55 3.95 -37.05 2.18
CA ALA D 55 3.12 -36.13 2.93
C ALA D 55 3.88 -34.94 3.47
N TRP D 56 5.21 -35.04 3.62
CA TRP D 56 6.03 -33.94 4.09
C TRP D 56 6.77 -33.23 2.95
N ASN D 57 7.32 -34.00 2.02
CA ASN D 57 8.02 -33.44 0.86
C ASN D 57 7.07 -33.29 -0.33
N ASN D 58 6.04 -32.49 -0.12
CA ASN D 58 4.99 -32.27 -1.10
C ASN D 58 4.81 -30.78 -1.34
N THR D 59 4.76 -30.38 -2.61
CA THR D 59 4.57 -28.97 -2.93
C THR D 59 3.23 -28.46 -2.44
N VAL D 60 2.17 -29.28 -2.60
CA VAL D 60 0.84 -28.84 -2.17
C VAL D 60 0.82 -28.63 -0.66
N THR D 61 1.42 -29.54 0.09
CA THR D 61 1.42 -29.42 1.54
C THR D 61 2.14 -28.16 2.00
N GLU D 62 3.32 -27.89 1.42
CA GLU D 62 4.10 -26.73 1.82
C GLU D 62 3.37 -25.43 1.50
N GLN D 63 2.74 -25.37 0.32
CA GLN D 63 2.02 -24.15 -0.06
C GLN D 63 0.87 -23.87 0.89
N ALA D 64 0.17 -24.91 1.32
CA ALA D 64 -0.99 -24.70 2.20
C ALA D 64 -0.57 -24.00 3.48
N ILE D 65 0.56 -24.38 4.07
CA ILE D 65 1.05 -23.68 5.24
C ILE D 65 1.34 -22.22 4.92
N GLU D 66 1.98 -21.97 3.77
CA GLU D 66 2.30 -20.60 3.39
C GLU D 66 1.05 -19.78 3.14
N ASP D 67 0.07 -20.33 2.42
CA ASP D 67 -1.10 -19.56 2.04
C ASP D 67 -1.89 -19.11 3.26
N VAL D 68 -2.07 -19.99 4.24
CA VAL D 68 -2.83 -19.63 5.43
C VAL D 68 -2.14 -18.49 6.16
N TRP D 69 -0.83 -18.60 6.36
CA TRP D 69 -0.10 -17.53 7.03
C TRP D 69 -0.10 -16.27 6.18
N GLN D 70 0.10 -16.40 4.87
CA GLN D 70 0.08 -15.24 3.99
C GLN D 70 -1.28 -14.56 4.02
N LEU D 71 -2.35 -15.33 4.02
CA LEU D 71 -3.69 -14.76 4.10
C LEU D 71 -3.86 -13.94 5.38
N PHE D 72 -3.38 -14.48 6.50
CA PHE D 72 -3.51 -13.77 7.77
C PHE D 72 -2.74 -12.47 7.77
N GLU D 73 -1.62 -12.40 7.05
CA GLU D 73 -0.81 -11.19 7.03
C GLU D 73 -1.59 -10.03 6.42
N THR D 74 -2.29 -10.28 5.33
CA THR D 74 -3.07 -9.22 4.68
C THR D 74 -4.21 -8.74 5.58
N SER D 75 -4.77 -9.62 6.39
CA SER D 75 -5.91 -9.25 7.23
C SER D 75 -5.51 -8.24 8.29
N ILE D 76 -4.35 -8.44 8.93
CA ILE D 76 -3.95 -7.58 10.05
C ILE D 76 -3.18 -6.34 9.62
N LYS D 77 -2.71 -6.28 8.38
CA LYS D 77 -1.93 -5.12 7.96
C LYS D 77 -2.69 -3.82 8.10
N PRO D 78 -3.93 -3.68 7.62
CA PRO D 78 -4.64 -2.41 7.77
C PRO D 78 -5.22 -2.17 9.15
N CYS D 79 -5.23 -3.17 10.03
CA CYS D 79 -5.86 -3.02 11.33
C CYS D 79 -5.05 -2.06 12.21
N VAL D 80 -5.56 -1.79 13.40
CA VAL D 80 -5.03 -0.72 14.24
C VAL D 80 -3.76 -1.18 14.94
N LYS D 81 -2.92 -0.22 15.30
CA LYS D 81 -1.68 -0.47 16.04
C LYS D 81 -1.88 -0.07 17.49
N LEU D 82 -1.47 -0.95 18.41
CA LEU D 82 -1.64 -0.74 19.84
C LEU D 82 -0.39 -0.18 20.50
N SER D 83 0.44 0.55 19.75
CA SER D 83 1.62 1.17 20.36
C SER D 83 1.26 2.09 21.51
N PRO D 84 0.23 2.94 21.43
CA PRO D 84 0.03 3.95 22.49
C PRO D 84 -0.19 3.36 23.88
N LEU D 85 -0.84 2.19 23.98
CA LEU D 85 -1.26 1.69 25.28
C LEU D 85 -0.15 0.99 26.05
N CYS D 86 1.11 1.18 25.68
CA CYS D 86 2.24 0.63 26.44
C CYS D 86 2.69 1.65 27.48
N ILE D 87 1.81 1.85 28.47
CA ILE D 87 2.06 2.77 29.57
C ILE D 87 1.72 2.08 30.89
N THR D 88 2.27 2.61 31.97
CA THR D 88 2.03 2.04 33.29
C THR D 88 0.55 2.11 33.63
N MET D 89 0.01 0.99 34.09
CA MET D 89 -1.41 0.88 34.41
C MET D 89 -1.55 0.60 35.90
N ARG D 90 -2.27 1.48 36.60
CA ARG D 90 -2.56 1.23 38.00
C ARG D 90 -3.45 0.00 38.12
N CYS D 91 -3.13 -0.86 39.08
CA CYS D 91 -3.80 -2.15 39.20
C CYS D 91 -4.06 -2.45 40.67
N ASN D 92 -5.02 -3.35 40.89
CA ASN D 92 -5.44 -3.73 42.23
C ASN D 92 -4.39 -4.64 42.85
N LYS D 93 -3.75 -4.17 43.92
CA LYS D 93 -2.68 -4.95 44.54
C LYS D 93 -3.21 -6.27 45.08
N SER D 94 -4.36 -6.25 45.76
CA SER D 94 -4.89 -7.47 46.36
C SER D 94 -5.26 -8.51 45.32
N GLU D 95 -5.43 -8.11 44.06
CA GLU D 95 -5.83 -9.04 43.00
C GLU D 95 -4.66 -9.60 42.23
N THR D 96 -3.58 -8.84 42.06
CA THR D 96 -2.39 -9.36 41.40
C THR D 96 -1.59 -10.28 42.31
N ASP D 97 -1.65 -10.05 43.63
CA ASP D 97 -0.93 -10.91 44.56
C ASP D 97 -1.48 -12.33 44.53
N ARG D 98 -2.80 -12.48 44.36
CA ARG D 98 -3.40 -13.80 44.43
C ARG D 98 -2.84 -14.73 43.38
N TRP D 99 -2.67 -14.25 42.15
CA TRP D 99 -2.18 -15.08 41.05
C TRP D 99 -0.66 -15.05 40.93
N GLY D 100 0.03 -14.34 41.81
CA GLY D 100 1.48 -14.45 41.90
C GLY D 100 2.26 -13.63 40.90
N LEU D 101 1.62 -12.71 40.17
CA LEU D 101 2.37 -11.87 39.25
C LEU D 101 3.43 -11.07 40.00
N THR D 102 3.05 -10.44 41.10
CA THR D 102 4.00 -9.70 41.92
C THR D 102 4.86 -10.62 42.76
N LYS D 103 4.32 -11.76 43.18
CA LYS D 103 5.03 -12.71 44.05
C LYS D 103 5.25 -12.15 45.46
N SER D 104 4.34 -11.28 45.91
CA SER D 104 4.44 -10.66 47.23
C SER D 104 3.48 -11.38 48.17
N ILE D 105 3.96 -12.45 48.78
CA ILE D 105 3.20 -13.25 49.74
C ILE D 105 3.98 -13.29 51.04
N THR D 106 3.30 -13.01 52.15
CA THR D 106 3.92 -12.95 53.47
C THR D 106 3.14 -13.79 54.46
N THR D 107 3.84 -14.61 55.23
CA THR D 107 3.26 -15.40 56.32
C THR D 107 2.19 -16.32 55.73
N THR D 108 0.98 -16.33 56.29
CA THR D 108 -0.12 -17.20 55.84
C THR D 108 0.37 -18.62 55.56
N ALA D 109 -0.24 -19.31 54.59
CA ALA D 109 0.14 -20.66 54.22
C ALA D 109 0.02 -21.61 55.41
N SER D 110 -1.20 -21.69 55.94
CA SER D 110 -1.47 -22.57 57.07
C SER D 110 -1.59 -24.01 56.61
N THR D 111 -1.24 -24.93 57.51
CA THR D 111 -1.29 -26.36 57.19
C THR D 111 -2.73 -26.84 57.10
N THR D 112 -2.97 -27.78 56.18
CA THR D 112 -4.29 -28.36 56.00
C THR D 112 -4.13 -29.81 55.57
N SER D 113 -5.13 -30.62 55.92
CA SER D 113 -5.13 -32.03 55.59
C SER D 113 -5.75 -32.25 54.21
N THR D 114 -5.53 -33.46 53.67
CA THR D 114 -6.05 -33.86 52.37
C THR D 114 -6.93 -35.09 52.54
N THR D 115 -8.17 -35.01 52.05
CA THR D 115 -9.07 -36.14 52.17
C THR D 115 -8.58 -37.35 51.39
N ALA D 116 -8.13 -37.13 50.15
CA ALA D 116 -7.61 -38.19 49.29
C ALA D 116 -8.59 -39.37 49.23
N SER D 117 -9.80 -39.08 48.76
CA SER D 117 -10.86 -40.07 48.68
C SER D 117 -11.60 -39.93 47.35
N ALA D 118 -12.15 -41.05 46.90
CA ALA D 118 -12.93 -41.10 45.66
C ALA D 118 -12.11 -40.55 44.49
N LYS D 119 -12.34 -39.29 44.12
CA LYS D 119 -11.64 -38.63 43.02
C LYS D 119 -11.60 -39.51 41.77
N VAL D 120 -12.77 -40.04 41.39
CA VAL D 120 -12.95 -40.74 40.13
C VAL D 120 -14.13 -40.11 39.41
N ASP D 121 -14.34 -38.82 39.64
CA ASP D 121 -15.53 -38.14 39.13
C ASP D 121 -15.58 -38.19 37.60
N MET D 122 -16.77 -38.41 37.07
CA MET D 122 -17.02 -38.39 35.64
C MET D 122 -18.32 -37.63 35.39
N VAL D 123 -18.44 -37.06 34.20
CA VAL D 123 -19.54 -36.16 33.87
C VAL D 123 -20.07 -36.48 32.48
N ASN D 124 -21.39 -36.41 32.34
CA ASN D 124 -22.01 -36.46 31.02
C ASN D 124 -23.16 -35.45 30.98
N GLU D 125 -23.61 -35.16 29.75
CA GLU D 125 -24.37 -33.95 29.50
C GLU D 125 -25.61 -33.81 30.38
N THR D 126 -26.22 -34.93 30.76
CA THR D 126 -27.47 -34.84 31.54
C THR D 126 -27.24 -34.21 32.91
N SER D 127 -26.04 -34.37 33.47
CA SER D 127 -25.78 -33.92 34.83
C SER D 127 -25.86 -32.39 34.91
N SER D 128 -25.71 -31.89 36.13
CA SER D 128 -25.70 -30.46 36.38
C SER D 128 -24.30 -29.87 36.30
N CYS D 129 -23.29 -30.67 35.95
CA CYS D 129 -21.95 -30.17 35.80
C CYS D 129 -21.85 -29.13 34.68
N ILE D 130 -22.50 -29.41 33.55
CA ILE D 130 -22.39 -28.52 32.40
C ILE D 130 -23.05 -27.18 32.69
N ALA D 131 -24.26 -27.22 33.25
CA ALA D 131 -25.09 -26.02 33.30
C ALA D 131 -24.47 -24.92 34.15
N GLN D 132 -23.91 -25.28 35.31
CA GLN D 132 -23.56 -24.30 36.33
C GLN D 132 -22.07 -24.26 36.63
N ASP D 133 -21.23 -24.82 35.77
CA ASP D 133 -19.81 -25.01 36.08
C ASP D 133 -19.79 -25.92 37.31
N ASN D 134 -19.19 -25.53 38.43
CA ASN D 134 -19.61 -26.08 39.71
C ASN D 134 -19.22 -27.55 39.83
N CYS D 135 -18.19 -27.96 39.09
CA CYS D 135 -17.91 -29.37 38.84
C CYS D 135 -16.79 -29.83 39.77
N THR D 136 -17.16 -30.19 40.99
CA THR D 136 -16.30 -30.76 42.02
C THR D 136 -15.36 -29.71 42.62
N GLY D 137 -15.32 -28.49 42.09
CA GLY D 137 -14.42 -27.48 42.57
C GLY D 137 -13.23 -27.28 41.67
N LEU D 138 -12.28 -26.49 42.17
CA LEU D 138 -11.05 -26.09 41.48
C LEU D 138 -11.34 -25.20 40.27
N GLU D 139 -12.56 -24.67 40.16
CA GLU D 139 -12.92 -23.69 39.13
C GLU D 139 -13.41 -22.45 39.88
N GLN D 140 -12.49 -21.53 40.17
CA GLN D 140 -12.79 -20.43 41.09
C GLN D 140 -12.79 -19.06 40.41
N GLU D 141 -11.67 -18.60 39.86
CA GLU D 141 -11.54 -17.22 39.43
C GLU D 141 -10.41 -17.10 38.41
N GLN D 142 -10.54 -16.15 37.49
CA GLN D 142 -9.40 -15.71 36.68
C GLN D 142 -9.71 -14.32 36.11
N MET D 143 -9.18 -13.27 36.74
CA MET D 143 -9.40 -11.91 36.27
C MET D 143 -8.39 -10.97 36.92
N ILE D 144 -8.13 -9.84 36.24
CA ILE D 144 -7.37 -8.74 36.79
C ILE D 144 -7.91 -7.45 36.19
N SER D 145 -7.84 -6.36 36.94
CA SER D 145 -8.36 -5.06 36.52
C SER D 145 -7.33 -3.98 36.74
N CYS D 146 -7.27 -3.02 35.82
CA CYS D 146 -6.30 -1.94 35.87
C CYS D 146 -6.92 -0.67 35.28
N LYS D 147 -6.11 0.38 35.13
CA LYS D 147 -6.56 1.67 34.62
C LYS D 147 -5.52 2.26 33.69
N PHE D 148 -5.98 3.11 32.77
CA PHE D 148 -5.09 3.86 31.88
C PHE D 148 -5.86 5.04 31.31
N ASN D 149 -5.13 6.03 30.80
CA ASN D 149 -5.73 7.30 30.39
C ASN D 149 -6.08 7.33 28.91
N MET D 150 -5.07 7.23 28.03
CA MET D 150 -5.30 7.04 26.60
C MET D 150 -6.16 8.15 26.00
N THR D 151 -5.56 9.34 25.92
CA THR D 151 -6.20 10.45 25.22
C THR D 151 -6.60 10.02 23.81
N GLY D 152 -7.81 10.40 23.42
CA GLY D 152 -8.43 9.90 22.20
C GLY D 152 -8.08 10.71 20.96
N LEU D 153 -9.02 10.72 20.01
CA LEU D 153 -8.77 11.38 18.73
C LEU D 153 -8.55 12.87 18.90
N LYS D 154 -9.35 13.51 19.76
CA LYS D 154 -9.16 14.92 20.08
C LYS D 154 -7.89 15.04 20.91
N ARG D 155 -6.80 15.48 20.27
CA ARG D 155 -5.50 15.51 20.94
C ARG D 155 -5.39 16.74 21.83
N ASP D 156 -6.35 16.92 22.74
CA ASP D 156 -6.31 18.00 23.71
C ASP D 156 -6.66 17.55 25.13
N LYS D 157 -7.40 16.47 25.31
CA LYS D 157 -7.83 16.04 26.64
C LYS D 157 -7.81 14.53 26.73
N THR D 158 -7.67 14.04 27.96
CA THR D 158 -7.63 12.61 28.25
C THR D 158 -8.97 12.14 28.83
N LYS D 159 -9.14 10.82 28.86
CA LYS D 159 -10.36 10.23 29.39
C LYS D 159 -10.00 8.87 29.99
N GLU D 160 -9.93 8.80 31.32
CA GLU D 160 -9.53 7.57 31.98
C GLU D 160 -10.60 6.50 31.80
N TYR D 161 -10.16 5.29 31.45
CA TYR D 161 -11.04 4.14 31.28
C TYR D 161 -10.56 3.01 32.20
N ASN D 162 -11.19 1.85 32.05
CA ASN D 162 -10.75 0.63 32.72
C ASN D 162 -10.81 -0.52 31.73
N GLU D 163 -9.80 -1.37 31.77
CA GLU D 163 -9.78 -2.60 31.00
C GLU D 163 -9.26 -3.70 31.89
N THR D 164 -9.83 -4.89 31.77
CA THR D 164 -9.51 -6.03 32.62
C THR D 164 -8.78 -7.08 31.80
N TRP D 165 -7.48 -7.24 32.06
CA TRP D 165 -6.69 -8.26 31.38
C TRP D 165 -6.87 -9.59 32.10
N TYR D 166 -6.07 -10.58 31.72
CA TYR D 166 -5.99 -11.87 32.38
C TYR D 166 -4.62 -12.03 33.02
N SER D 167 -4.45 -13.12 33.77
CA SER D 167 -3.22 -13.31 34.51
C SER D 167 -2.00 -13.41 33.58
N ALA D 168 -2.15 -14.14 32.47
CA ALA D 168 -1.04 -14.42 31.57
C ALA D 168 -0.88 -13.37 30.48
N ASP D 169 -1.32 -12.14 30.73
CA ASP D 169 -1.26 -11.07 29.75
C ASP D 169 -0.52 -9.83 30.26
N LEU D 170 0.11 -9.92 31.43
CA LEU D 170 0.77 -8.78 32.02
C LEU D 170 2.07 -9.21 32.68
N VAL D 171 3.04 -8.29 32.69
CA VAL D 171 4.27 -8.43 33.45
C VAL D 171 4.39 -7.22 34.35
N CYS D 172 4.57 -7.44 35.64
CA CYS D 172 4.51 -6.40 36.64
C CYS D 172 5.89 -6.14 37.22
N GLU D 173 6.15 -4.89 37.56
CA GLU D 173 7.45 -4.46 38.08
C GLU D 173 7.46 -4.62 39.60
N GLN D 174 8.18 -5.63 40.07
CA GLN D 174 8.31 -5.85 41.51
C GLN D 174 9.04 -4.67 42.15
N GLY D 175 8.63 -4.34 43.37
CA GLY D 175 9.27 -3.25 44.09
C GLY D 175 8.78 -3.17 45.51
N ASN D 176 9.39 -2.28 46.27
CA ASN D 176 9.05 -2.05 47.67
C ASN D 176 7.94 -1.02 47.83
N ASN D 177 7.13 -0.79 46.80
CA ASN D 177 6.07 0.20 46.89
C ASN D 177 4.94 -0.32 47.76
N THR D 178 4.55 0.48 48.74
CA THR D 178 3.45 0.14 49.66
C THR D 178 2.10 0.59 49.15
N GLY D 179 2.05 1.36 48.07
CA GLY D 179 0.76 1.84 47.57
C GLY D 179 -0.11 0.71 47.09
N ASN D 180 -1.42 0.91 47.22
CA ASN D 180 -2.39 -0.09 46.79
C ASN D 180 -2.40 -0.27 45.28
N GLU D 181 -1.77 0.64 44.53
CA GLU D 181 -1.71 0.53 43.07
C GLU D 181 -0.39 -0.13 42.67
N SER D 182 -0.49 -1.13 41.81
CA SER D 182 0.67 -1.89 41.35
C SER D 182 0.95 -1.54 39.90
N ARG D 183 2.02 -0.79 39.68
CA ARG D 183 2.43 -0.45 38.31
C ARG D 183 2.75 -1.73 37.56
N CYS D 184 2.22 -1.85 36.34
CA CYS D 184 2.36 -3.11 35.61
C CYS D 184 2.08 -2.85 34.13
N TYR D 185 3.03 -3.27 33.27
CA TYR D 185 2.93 -3.06 31.84
C TYR D 185 2.21 -4.21 31.17
N MET D 186 2.16 -4.19 29.83
CA MET D 186 1.66 -5.31 29.07
C MET D 186 2.76 -6.36 28.89
N ASN D 187 2.38 -7.51 28.33
CA ASN D 187 3.30 -8.64 28.26
C ASN D 187 4.48 -8.35 27.33
N HIS D 188 4.20 -7.89 26.12
CA HIS D 188 5.22 -7.77 25.08
C HIS D 188 5.10 -6.43 24.36
N CYS D 189 4.91 -5.35 25.11
CA CYS D 189 4.86 -4.03 24.48
C CYS D 189 6.20 -3.32 24.49
N ASN D 190 7.25 -3.93 25.07
CA ASN D 190 8.60 -3.40 25.00
C ASN D 190 9.49 -4.19 24.04
N THR D 191 8.90 -5.08 23.23
CA THR D 191 9.63 -5.84 22.23
C THR D 191 9.27 -5.42 20.82
N SER D 192 7.98 -5.42 20.49
CA SER D 192 7.52 -4.99 19.18
C SER D 192 6.07 -4.56 19.29
N VAL D 193 5.69 -3.56 18.50
CA VAL D 193 4.32 -3.08 18.52
C VAL D 193 3.39 -4.21 18.06
N ILE D 194 2.33 -4.44 18.82
CA ILE D 194 1.35 -5.48 18.53
C ILE D 194 0.11 -4.84 17.94
N GLN D 195 -0.41 -5.44 16.88
CA GLN D 195 -1.59 -4.94 16.21
C GLN D 195 -2.77 -5.86 16.46
N GLU D 196 -3.95 -5.26 16.57
CA GLU D 196 -5.15 -6.01 16.91
C GLU D 196 -5.50 -6.99 15.82
N SER D 197 -6.59 -7.72 16.05
CA SER D 197 -7.18 -8.60 15.05
C SER D 197 -8.58 -8.09 14.75
N CYS D 198 -8.68 -6.79 14.49
CA CYS D 198 -9.98 -6.13 14.38
C CYS D 198 -10.66 -6.57 13.10
N ASP D 199 -11.03 -7.85 13.05
CA ASP D 199 -11.61 -8.49 11.89
C ASP D 199 -12.44 -9.66 12.38
N LYS D 200 -12.95 -10.45 11.44
CA LYS D 200 -13.70 -11.66 11.77
C LYS D 200 -12.85 -12.92 11.62
N HIS D 201 -11.53 -12.78 11.52
CA HIS D 201 -10.66 -13.95 11.52
C HIS D 201 -10.70 -14.60 12.89
N TYR D 202 -10.72 -15.95 12.89
CA TYR D 202 -10.85 -16.77 14.09
C TYR D 202 -12.25 -16.70 14.69
N TRP D 203 -13.14 -15.89 14.12
CA TRP D 203 -14.52 -15.83 14.58
C TRP D 203 -15.42 -16.84 13.88
N ASP D 204 -14.94 -17.48 12.81
CA ASP D 204 -15.74 -18.44 12.08
C ASP D 204 -14.81 -19.40 11.36
N ALA D 205 -15.27 -20.64 11.19
CA ALA D 205 -14.46 -21.64 10.53
C ALA D 205 -14.18 -21.25 9.09
N ILE D 206 -12.98 -21.60 8.62
CA ILE D 206 -12.54 -21.29 7.26
C ILE D 206 -12.22 -22.59 6.54
N ARG D 207 -12.82 -22.78 5.38
CA ARG D 207 -12.57 -23.93 4.53
C ARG D 207 -12.37 -23.44 3.10
N PHE D 208 -11.48 -24.12 2.37
CA PHE D 208 -11.26 -23.76 0.98
C PHE D 208 -10.52 -24.88 0.27
N ARG D 209 -11.03 -25.28 -0.87
CA ARG D 209 -10.40 -26.30 -1.69
C ARG D 209 -9.20 -25.72 -2.43
N TYR D 210 -8.44 -26.60 -3.07
CA TYR D 210 -7.32 -26.21 -3.90
C TYR D 210 -7.53 -26.75 -5.31
N CYS D 211 -7.44 -25.87 -6.30
CA CYS D 211 -7.63 -26.24 -7.70
C CYS D 211 -6.38 -25.87 -8.48
N ALA D 212 -5.83 -26.84 -9.20
CA ALA D 212 -4.65 -26.58 -10.00
C ALA D 212 -5.04 -25.85 -11.29
N PRO D 213 -4.18 -24.96 -11.79
CA PRO D 213 -4.49 -24.29 -13.05
C PRO D 213 -4.51 -25.28 -14.20
N PRO D 214 -5.13 -24.93 -15.33
CA PRO D 214 -5.17 -25.87 -16.47
C PRO D 214 -3.77 -26.23 -16.92
N GLY D 215 -3.63 -27.47 -17.36
CA GLY D 215 -2.33 -28.02 -17.68
C GLY D 215 -1.62 -28.66 -16.51
N TYR D 216 -2.25 -28.76 -15.35
CA TYR D 216 -1.69 -29.41 -14.18
C TYR D 216 -2.78 -30.18 -13.47
N ALA D 217 -2.47 -31.41 -13.08
CA ALA D 217 -3.41 -32.32 -12.47
C ALA D 217 -2.92 -32.75 -11.10
N LEU D 218 -3.85 -33.21 -10.27
CA LEU D 218 -3.57 -33.69 -8.93
C LEU D 218 -3.85 -35.18 -8.85
N LEU D 219 -2.93 -35.93 -8.24
CA LEU D 219 -3.05 -37.36 -8.08
C LEU D 219 -3.16 -37.69 -6.59
N ARG D 220 -4.00 -38.68 -6.27
CA ARG D 220 -4.22 -39.10 -4.90
C ARG D 220 -4.01 -40.61 -4.79
N CYS D 221 -3.32 -41.04 -3.73
CA CYS D 221 -3.08 -42.45 -3.47
C CYS D 221 -4.19 -42.97 -2.57
N ASN D 222 -5.08 -43.80 -3.13
CA ASN D 222 -6.26 -44.27 -2.42
C ASN D 222 -6.01 -45.55 -1.64
N ASP D 223 -4.80 -46.09 -1.67
CA ASP D 223 -4.50 -47.32 -0.92
C ASP D 223 -4.73 -47.10 0.57
N THR D 224 -5.44 -48.02 1.20
CA THR D 224 -5.73 -47.91 2.62
C THR D 224 -4.50 -48.13 3.49
N ASN D 225 -3.44 -48.72 2.93
CA ASN D 225 -2.21 -48.98 3.66
C ASN D 225 -1.24 -47.82 3.60
N TYR D 226 -1.64 -46.69 3.03
CA TYR D 226 -0.75 -45.54 2.93
C TYR D 226 -0.25 -45.12 4.30
N SER D 227 1.06 -44.88 4.40
CA SER D 227 1.69 -44.44 5.63
C SER D 227 2.44 -43.13 5.50
N GLY D 228 2.87 -42.77 4.30
CA GLY D 228 3.53 -41.49 4.09
C GLY D 228 4.75 -41.54 3.18
N PHE D 229 5.50 -42.65 3.22
CA PHE D 229 6.73 -42.78 2.44
C PHE D 229 6.68 -43.97 1.49
N MET D 230 5.48 -44.41 1.09
CA MET D 230 5.34 -45.60 0.25
C MET D 230 5.33 -45.18 -1.22
N PRO D 231 6.32 -45.57 -2.02
CA PRO D 231 6.33 -45.17 -3.44
C PRO D 231 5.61 -46.11 -4.39
N LYS D 232 4.76 -47.02 -3.90
CA LYS D 232 4.06 -47.97 -4.74
C LYS D 232 2.58 -47.99 -4.33
N CYS D 233 1.74 -47.31 -5.10
CA CYS D 233 0.31 -47.27 -4.87
C CYS D 233 -0.40 -48.19 -5.85
N SER D 234 -1.08 -49.21 -5.32
CA SER D 234 -1.90 -50.06 -6.18
C SER D 234 -3.06 -49.27 -6.76
N LYS D 235 -3.70 -48.44 -5.95
CA LYS D 235 -4.85 -47.64 -6.37
C LYS D 235 -4.44 -46.17 -6.37
N VAL D 236 -4.61 -45.52 -7.51
CA VAL D 236 -4.33 -44.09 -7.65
C VAL D 236 -5.49 -43.46 -8.42
N VAL D 237 -5.96 -42.32 -7.94
CA VAL D 237 -7.13 -41.64 -8.52
C VAL D 237 -6.74 -40.22 -8.88
N VAL D 238 -7.06 -39.82 -10.11
CA VAL D 238 -6.80 -38.47 -10.58
C VAL D 238 -7.98 -37.58 -10.24
N SER D 239 -7.71 -36.30 -10.03
CA SER D 239 -8.75 -35.36 -9.65
C SER D 239 -8.42 -33.99 -10.23
N SER D 240 -9.45 -33.14 -10.29
CA SER D 240 -9.26 -31.76 -10.73
C SER D 240 -8.99 -30.82 -9.56
N CYS D 241 -9.54 -31.11 -8.40
CA CYS D 241 -9.35 -30.26 -7.23
C CYS D 241 -9.36 -31.15 -5.98
N THR D 242 -8.82 -30.61 -4.90
CA THR D 242 -8.71 -31.34 -3.65
C THR D 242 -10.00 -31.21 -2.84
N ARG D 243 -10.05 -31.91 -1.72
CA ARG D 243 -11.19 -31.83 -0.82
C ARG D 243 -11.09 -30.56 0.03
N MET D 244 -12.11 -30.34 0.86
CA MET D 244 -12.06 -29.24 1.81
C MET D 244 -10.89 -29.46 2.79
N MET D 245 -10.63 -28.44 3.59
CA MET D 245 -9.58 -28.54 4.60
C MET D 245 -9.88 -27.57 5.72
N GLU D 246 -9.84 -28.05 6.95
CA GLU D 246 -10.07 -27.21 8.11
C GLU D 246 -8.80 -26.44 8.45
N THR D 247 -8.96 -25.15 8.75
CA THR D 247 -7.85 -24.25 9.03
C THR D 247 -7.82 -23.89 10.50
N GLN D 248 -8.09 -24.87 11.36
CA GLN D 248 -8.05 -24.66 12.81
C GLN D 248 -6.69 -25.06 13.34
N THR D 249 -6.18 -24.26 14.28
CA THR D 249 -4.86 -24.46 14.86
C THR D 249 -5.01 -24.83 16.33
N SER D 250 -4.38 -25.93 16.72
CA SER D 250 -4.48 -26.41 18.09
C SER D 250 -3.27 -27.30 18.38
N THR D 251 -3.06 -27.55 19.67
CA THR D 251 -1.94 -28.36 20.14
C THR D 251 -2.46 -29.64 20.80
N TRP D 252 -1.72 -30.72 20.60
CA TRP D 252 -2.02 -32.04 21.17
C TRP D 252 -3.20 -32.72 20.48
N PHE D 253 -3.90 -32.00 19.61
CA PHE D 253 -5.11 -32.52 18.99
C PHE D 253 -5.39 -31.75 17.73
N GLY D 254 -6.28 -32.29 16.90
CA GLY D 254 -6.80 -31.58 15.75
C GLY D 254 -8.29 -31.78 15.62
N PHE D 255 -9.04 -30.68 15.62
CA PHE D 255 -10.48 -30.72 15.69
C PHE D 255 -11.09 -30.43 14.31
N ASN D 256 -12.33 -30.91 14.13
CA ASN D 256 -13.08 -30.67 12.90
C ASN D 256 -12.30 -31.11 11.66
N GLY D 257 -11.63 -32.25 11.77
CA GLY D 257 -10.92 -32.79 10.62
C GLY D 257 -11.86 -33.47 9.65
N THR D 258 -11.66 -33.20 8.36
CA THR D 258 -12.51 -33.78 7.34
C THR D 258 -12.12 -35.20 6.97
N ARG D 259 -10.94 -35.68 7.39
CA ARG D 259 -10.45 -37.00 7.02
C ARG D 259 -10.77 -38.05 8.07
N ALA D 260 -11.80 -37.84 8.88
CA ALA D 260 -12.20 -38.86 9.84
C ALA D 260 -12.74 -40.07 9.12
N GLU D 261 -12.38 -41.26 9.61
CA GLU D 261 -12.78 -42.50 8.97
C GLU D 261 -12.90 -43.58 10.03
N ASN D 262 -13.63 -44.65 9.68
CA ASN D 262 -13.84 -45.75 10.60
C ASN D 262 -12.55 -46.45 10.99
N ARG D 263 -11.50 -46.35 10.17
CA ARG D 263 -10.23 -47.01 10.43
C ARG D 263 -9.28 -46.03 11.09
N THR D 264 -8.47 -46.53 12.02
CA THR D 264 -7.50 -45.70 12.74
C THR D 264 -6.13 -45.76 12.06
N TYR D 265 -6.12 -45.30 10.81
CA TYR D 265 -4.88 -45.25 10.05
C TYR D 265 -3.90 -44.25 10.67
N ILE D 266 -2.61 -44.49 10.44
CA ILE D 266 -1.54 -43.67 10.99
C ILE D 266 -0.68 -43.18 9.83
N TYR D 267 -0.39 -41.87 9.83
CA TYR D 267 0.52 -41.27 8.86
C TYR D 267 1.89 -41.11 9.53
N TRP D 268 2.90 -41.75 8.97
CA TRP D 268 4.22 -41.82 9.57
C TRP D 268 5.23 -41.10 8.68
N HIS D 269 6.09 -40.29 9.30
CA HIS D 269 7.18 -39.62 8.60
C HIS D 269 8.42 -40.49 8.76
N GLY D 270 8.70 -41.32 7.75
CA GLY D 270 9.72 -42.35 7.88
C GLY D 270 11.10 -41.83 8.19
N ARG D 271 11.40 -40.57 7.83
CA ARG D 271 12.74 -40.05 8.01
C ARG D 271 13.12 -39.88 9.47
N ASP D 272 12.15 -39.77 10.37
CA ASP D 272 12.43 -39.68 11.80
C ASP D 272 11.17 -40.13 12.55
N ASN D 273 11.12 -39.81 13.85
CA ASN D 273 10.03 -40.26 14.70
C ASN D 273 8.86 -39.27 14.76
N ARG D 274 8.68 -38.45 13.73
CA ARG D 274 7.54 -37.55 13.66
C ARG D 274 6.31 -38.33 13.21
N THR D 275 5.18 -38.12 13.90
CA THR D 275 4.01 -38.94 13.70
C THR D 275 2.74 -38.13 13.91
N ILE D 276 1.68 -38.57 13.24
CA ILE D 276 0.33 -38.06 13.45
C ILE D 276 -0.64 -39.23 13.31
N ILE D 277 -1.65 -39.27 14.18
CA ILE D 277 -2.60 -40.37 14.25
C ILE D 277 -4.01 -39.81 14.08
N SER D 278 -4.81 -40.50 13.27
CA SER D 278 -6.20 -40.13 13.03
C SER D 278 -7.10 -41.04 13.84
N LEU D 279 -7.96 -40.43 14.67
CA LEU D 279 -8.85 -41.21 15.51
C LEU D 279 -10.00 -41.77 14.69
N ASN D 280 -10.94 -42.43 15.37
CA ASN D 280 -12.08 -43.08 14.73
C ASN D 280 -13.34 -42.29 15.00
N LYS D 281 -14.22 -42.24 14.00
CA LYS D 281 -15.53 -41.62 14.13
C LYS D 281 -16.59 -42.60 14.60
N TYR D 282 -16.19 -43.68 15.27
CA TYR D 282 -17.11 -44.69 15.77
C TYR D 282 -17.44 -44.52 17.24
N TYR D 283 -16.55 -43.88 18.00
CA TYR D 283 -16.75 -43.69 19.44
C TYR D 283 -17.37 -42.34 19.78
N ASN D 284 -17.64 -41.49 18.80
CA ASN D 284 -18.21 -40.18 19.03
C ASN D 284 -17.36 -39.38 20.03
N LEU D 285 -16.12 -39.10 19.61
CA LEU D 285 -15.15 -38.43 20.47
C LEU D 285 -15.36 -36.92 20.44
N THR D 286 -16.58 -36.51 20.76
CA THR D 286 -16.92 -35.10 20.82
C THR D 286 -16.36 -34.47 22.09
N MET D 287 -15.98 -33.20 21.99
CA MET D 287 -15.52 -32.45 23.15
C MET D 287 -16.18 -31.08 23.10
N LYS D 288 -16.66 -30.61 24.25
CA LYS D 288 -17.34 -29.33 24.37
C LYS D 288 -16.59 -28.44 25.34
N CYS D 289 -16.39 -27.19 24.96
CA CYS D 289 -15.69 -26.22 25.78
C CYS D 289 -16.63 -25.05 26.08
N ARG D 290 -16.59 -24.58 27.33
CA ARG D 290 -17.44 -23.49 27.77
C ARG D 290 -16.64 -22.56 28.68
N ARG D 291 -16.95 -21.27 28.61
CA ARG D 291 -16.44 -20.29 29.56
C ARG D 291 -17.64 -19.54 30.13
N PRO D 292 -17.72 -19.34 31.44
CA PRO D 292 -18.90 -18.70 32.01
C PRO D 292 -18.76 -17.18 32.09
N GLY D 293 -19.89 -16.54 32.33
CA GLY D 293 -19.94 -15.10 32.46
C GLY D 293 -20.16 -14.44 31.12
N ASN D 294 -21.29 -13.76 30.96
CA ASN D 294 -21.62 -13.12 29.69
C ASN D 294 -21.04 -11.71 29.70
N LYS D 295 -20.28 -11.39 28.65
CA LYS D 295 -19.33 -10.30 28.67
C LYS D 295 -19.85 -9.09 27.92
N THR D 296 -19.30 -7.93 28.27
CA THR D 296 -19.61 -6.66 27.63
C THR D 296 -18.34 -6.07 27.04
N VAL D 297 -18.44 -5.56 25.83
CA VAL D 297 -17.32 -4.97 25.11
C VAL D 297 -17.60 -3.49 24.89
N LEU D 298 -16.64 -2.64 25.28
CA LEU D 298 -16.78 -1.18 25.20
C LEU D 298 -15.67 -0.63 24.31
N PRO D 299 -15.93 -0.43 23.01
CA PRO D 299 -14.86 0.06 22.14
C PRO D 299 -14.33 1.41 22.60
N VAL D 300 -13.01 1.58 22.49
CA VAL D 300 -12.32 2.79 22.90
C VAL D 300 -11.50 3.30 21.73
N THR D 301 -11.57 4.61 21.47
CA THR D 301 -10.88 5.21 20.34
C THR D 301 -9.49 5.68 20.74
N ILE D 302 -8.54 5.53 19.82
CA ILE D 302 -7.18 6.02 20.00
C ILE D 302 -6.89 7.02 18.90
N MET D 303 -5.69 7.60 18.90
CA MET D 303 -5.40 8.72 18.00
C MET D 303 -5.08 8.29 16.58
N SER D 304 -5.88 7.38 16.03
CA SER D 304 -5.76 7.01 14.62
C SER D 304 -7.12 6.86 13.96
N GLY D 305 -8.21 7.19 14.64
CA GLY D 305 -9.53 6.98 14.10
C GLY D 305 -10.05 5.56 14.23
N LEU D 306 -9.31 4.68 14.89
CA LEU D 306 -9.67 3.27 15.04
C LEU D 306 -10.07 3.00 16.48
N VAL D 307 -10.58 1.79 16.72
CA VAL D 307 -11.23 1.43 17.98
C VAL D 307 -10.52 0.23 18.58
N PHE D 308 -10.29 0.29 19.89
CA PHE D 308 -9.70 -0.80 20.66
C PHE D 308 -10.77 -1.42 21.56
N HIS D 309 -11.11 -2.67 21.29
CA HIS D 309 -12.19 -3.34 22.00
C HIS D 309 -11.70 -3.77 23.39
N SER D 310 -12.23 -3.12 24.42
CA SER D 310 -11.87 -3.41 25.80
C SER D 310 -12.96 -4.24 26.48
N GLN D 311 -12.66 -4.68 27.69
CA GLN D 311 -13.58 -5.47 28.52
C GLN D 311 -13.63 -4.88 29.92
N PRO D 312 -14.41 -3.82 30.13
CA PRO D 312 -14.51 -3.22 31.47
C PRO D 312 -15.34 -4.04 32.46
N ILE D 313 -15.67 -5.28 32.11
CA ILE D 313 -16.51 -6.10 32.99
C ILE D 313 -15.83 -6.24 34.35
N ASN D 314 -16.62 -6.06 35.41
CA ASN D 314 -16.13 -6.21 36.77
C ASN D 314 -16.54 -7.55 37.40
N ASP D 315 -17.28 -8.39 36.66
CA ASP D 315 -17.69 -9.68 37.20
C ASP D 315 -16.50 -10.64 37.29
N ARG D 316 -16.63 -11.63 38.16
CA ARG D 316 -15.55 -12.58 38.45
C ARG D 316 -16.09 -14.01 38.33
N PRO D 317 -16.38 -14.45 37.11
CA PRO D 317 -16.89 -15.82 36.93
C PRO D 317 -15.80 -16.86 37.12
N LYS D 318 -16.19 -18.14 37.03
CA LYS D 318 -15.22 -19.22 37.13
C LYS D 318 -14.44 -19.34 35.82
N GLN D 319 -13.24 -19.91 35.91
CA GLN D 319 -12.40 -19.99 34.73
C GLN D 319 -12.96 -21.00 33.74
N ALA D 320 -12.51 -20.89 32.49
CA ALA D 320 -13.00 -21.76 31.44
C ALA D 320 -12.55 -23.20 31.68
N TRP D 321 -13.33 -24.14 31.15
CA TRP D 321 -13.04 -25.56 31.31
C TRP D 321 -13.71 -26.32 30.16
N CYS D 322 -13.25 -27.55 29.96
CA CYS D 322 -13.81 -28.44 28.95
C CYS D 322 -13.93 -29.84 29.53
N TRP D 323 -15.00 -30.55 29.16
CA TRP D 323 -15.30 -31.84 29.74
C TRP D 323 -15.24 -33.00 28.76
N PHE D 324 -14.83 -32.76 27.51
CA PHE D 324 -14.63 -33.85 26.57
C PHE D 324 -15.89 -34.68 26.40
N GLY D 325 -16.00 -35.78 27.14
CA GLY D 325 -17.15 -36.65 27.02
C GLY D 325 -16.98 -37.68 25.92
N GLY D 326 -17.94 -38.59 25.85
CA GLY D 326 -17.88 -39.68 24.90
C GLY D 326 -17.04 -40.84 25.41
N LYS D 327 -16.89 -41.84 24.56
CA LYS D 327 -16.14 -43.06 24.89
C LYS D 327 -14.68 -42.82 24.53
N TRP D 328 -13.86 -42.51 25.53
CA TRP D 328 -12.46 -42.16 25.33
C TRP D 328 -11.53 -43.33 25.61
N LYS D 329 -11.56 -43.88 26.83
CA LYS D 329 -10.56 -44.87 27.22
C LYS D 329 -10.59 -46.08 26.29
N ASP D 330 -11.78 -46.56 25.94
CA ASP D 330 -11.87 -47.64 24.96
C ASP D 330 -11.35 -47.20 23.61
N ALA D 331 -11.47 -45.91 23.28
CA ALA D 331 -11.01 -45.41 21.99
C ALA D 331 -9.49 -45.30 21.94
N ILE D 332 -8.87 -44.81 23.02
CA ILE D 332 -7.43 -44.60 23.01
C ILE D 332 -6.69 -45.92 22.84
N LYS D 333 -7.12 -46.96 23.55
CA LYS D 333 -6.39 -48.22 23.52
C LYS D 333 -6.26 -48.76 22.11
N GLU D 334 -7.25 -48.49 21.24
CA GLU D 334 -7.14 -48.94 19.86
C GLU D 334 -5.98 -48.29 19.15
N VAL D 335 -5.64 -47.04 19.52
CA VAL D 335 -4.50 -46.37 18.91
C VAL D 335 -3.22 -47.12 19.24
N LYS D 336 -3.06 -47.51 20.50
CA LYS D 336 -1.84 -48.21 20.90
C LYS D 336 -1.71 -49.54 20.17
N GLN D 337 -2.82 -50.27 20.03
CA GLN D 337 -2.77 -51.54 19.30
C GLN D 337 -2.35 -51.32 17.86
N THR D 338 -2.84 -50.27 17.22
CA THR D 338 -2.48 -50.00 15.83
C THR D 338 -0.99 -49.73 15.69
N ILE D 339 -0.40 -49.03 16.66
CA ILE D 339 1.02 -48.72 16.58
C ILE D 339 1.83 -50.00 16.56
N VAL D 340 1.40 -51.01 17.31
CA VAL D 340 2.18 -52.25 17.43
C VAL D 340 2.32 -52.91 16.07
N LYS D 341 1.22 -53.03 15.32
CA LYS D 341 1.24 -53.75 14.06
C LYS D 341 1.74 -52.92 12.89
N HIS D 342 1.87 -51.60 13.06
CA HIS D 342 2.29 -50.76 11.95
C HIS D 342 3.73 -51.10 11.55
N PRO D 343 4.06 -51.07 10.26
CA PRO D 343 5.46 -51.23 9.85
C PRO D 343 6.36 -50.22 10.57
N ARG D 344 7.67 -50.44 10.49
CA ARG D 344 8.60 -49.71 11.33
C ARG D 344 8.26 -49.97 12.80
N TYR D 345 8.74 -49.12 13.70
CA TYR D 345 8.48 -49.29 15.12
C TYR D 345 8.92 -50.68 15.60
N THR D 346 10.23 -50.92 15.51
CA THR D 346 10.82 -52.16 16.01
C THR D 346 11.02 -52.03 17.51
N GLY D 347 9.89 -51.97 18.23
CA GLY D 347 9.90 -51.78 19.65
C GLY D 347 9.03 -52.77 20.40
N THR D 348 8.69 -52.46 21.64
CA THR D 348 7.94 -53.38 22.48
C THR D 348 6.54 -53.60 21.93
N ASN D 349 5.91 -54.68 22.39
CA ASN D 349 4.54 -55.02 22.04
C ASN D 349 3.62 -55.07 23.25
N ASN D 350 4.11 -54.65 24.42
CA ASN D 350 3.32 -54.69 25.64
C ASN D 350 2.37 -53.50 25.65
N THR D 351 1.07 -53.78 25.49
CA THR D 351 0.10 -52.70 25.39
C THR D 351 0.01 -51.88 26.66
N ASP D 352 0.07 -52.53 27.83
CA ASP D 352 -0.06 -51.81 29.09
C ASP D 352 1.30 -51.33 29.63
N LYS D 353 2.34 -51.29 28.81
CA LYS D 353 3.55 -50.57 29.13
C LYS D 353 3.81 -49.36 28.24
N ILE D 354 3.19 -49.30 27.06
CA ILE D 354 3.24 -48.11 26.22
C ILE D 354 2.25 -47.11 26.79
N ASN D 355 2.72 -45.93 27.15
CA ASN D 355 1.94 -44.97 27.89
C ASN D 355 1.99 -43.60 27.23
N LEU D 356 0.86 -42.91 27.25
CA LEU D 356 0.69 -41.61 26.61
C LEU D 356 0.95 -40.51 27.64
N THR D 357 2.01 -39.74 27.43
CA THR D 357 2.44 -38.74 28.39
C THR D 357 2.81 -37.45 27.66
N ALA D 358 2.76 -36.35 28.40
CA ALA D 358 3.11 -35.05 27.86
C ALA D 358 4.62 -34.85 27.84
N PRO D 359 5.13 -33.94 27.02
CA PRO D 359 6.57 -33.65 27.03
C PRO D 359 7.04 -33.09 28.37
N GLY D 360 8.35 -32.89 28.50
CA GLY D 360 8.94 -32.52 29.77
C GLY D 360 8.78 -31.06 30.15
N GLY D 361 7.56 -30.54 30.03
CA GLY D 361 7.29 -29.18 30.47
C GLY D 361 8.19 -28.17 29.79
N GLY D 362 8.70 -27.25 30.59
CA GLY D 362 9.56 -26.18 30.07
C GLY D 362 8.74 -24.95 29.71
N ASP D 363 8.80 -24.55 28.44
CA ASP D 363 8.07 -23.38 28.01
C ASP D 363 6.56 -23.64 28.09
N PRO D 364 5.75 -22.63 28.38
CA PRO D 364 4.30 -22.86 28.43
C PRO D 364 3.71 -23.33 27.11
N GLU D 365 4.39 -23.10 25.98
CA GLU D 365 3.84 -23.48 24.69
C GLU D 365 3.60 -24.98 24.62
N VAL D 366 4.56 -25.77 25.11
CA VAL D 366 4.45 -27.22 25.05
C VAL D 366 3.84 -27.82 26.32
N THR D 367 3.92 -27.11 27.45
CA THR D 367 3.38 -27.66 28.69
C THR D 367 1.87 -27.78 28.63
N PHE D 368 1.19 -26.70 28.23
CA PHE D 368 -0.27 -26.66 28.23
C PHE D 368 -0.82 -27.14 26.89
N MET D 369 -2.14 -27.19 26.79
CA MET D 369 -2.84 -27.37 25.54
C MET D 369 -3.19 -26.01 24.96
N TRP D 370 -3.66 -25.99 23.71
CA TRP D 370 -4.07 -24.75 23.08
C TRP D 370 -5.19 -25.05 22.10
N THR D 371 -6.37 -24.51 22.37
CA THR D 371 -7.54 -24.69 21.52
C THR D 371 -8.19 -23.33 21.29
N ASN D 372 -8.55 -23.07 20.04
CA ASN D 372 -9.20 -21.84 19.65
C ASN D 372 -10.62 -22.15 19.19
N CYS D 373 -11.58 -21.41 19.73
CA CYS D 373 -12.97 -21.58 19.31
C CYS D 373 -13.68 -20.24 19.37
N ARG D 374 -14.16 -19.79 18.21
CA ARG D 374 -14.96 -18.57 18.11
C ARG D 374 -14.26 -17.36 18.73
N GLY D 375 -12.96 -17.24 18.47
CA GLY D 375 -12.22 -16.02 18.70
C GLY D 375 -11.46 -15.93 20.00
N GLU D 376 -11.80 -16.75 20.99
CA GLU D 376 -11.15 -16.72 22.30
C GLU D 376 -10.38 -18.01 22.51
N PHE D 377 -9.06 -17.90 22.63
CA PHE D 377 -8.22 -19.06 22.86
C PHE D 377 -8.32 -19.54 24.31
N LEU D 378 -8.01 -20.81 24.50
CA LEU D 378 -7.99 -21.42 25.83
C LEU D 378 -6.82 -22.38 25.91
N TYR D 379 -6.09 -22.33 27.01
CA TYR D 379 -5.02 -23.29 27.29
C TYR D 379 -5.33 -23.97 28.62
N CYS D 380 -5.20 -25.30 28.65
CA CYS D 380 -5.66 -26.11 29.76
C CYS D 380 -4.53 -27.01 30.25
N LYS D 381 -4.57 -27.32 31.55
CA LYS D 381 -3.51 -28.11 32.15
C LYS D 381 -3.43 -29.50 31.52
N MET D 382 -4.58 -30.14 31.31
CA MET D 382 -4.71 -31.46 30.68
C MET D 382 -4.09 -32.57 31.50
N ASN D 383 -3.64 -32.30 32.72
CA ASN D 383 -3.09 -33.37 33.56
C ASN D 383 -4.16 -34.39 33.91
N TRP D 384 -5.34 -33.92 34.33
CA TRP D 384 -6.38 -34.84 34.78
C TRP D 384 -6.84 -35.76 33.65
N PHE D 385 -7.04 -35.20 32.46
CA PHE D 385 -7.46 -36.03 31.34
C PHE D 385 -6.45 -37.13 31.06
N LEU D 386 -5.17 -36.78 31.09
CA LEU D 386 -4.12 -37.79 30.96
C LEU D 386 -4.14 -38.74 32.16
N ASN D 387 -4.42 -38.21 33.35
CA ASN D 387 -4.46 -39.06 34.54
C ASN D 387 -5.60 -40.06 34.46
N TRP D 388 -6.78 -39.63 33.99
CA TRP D 388 -7.95 -40.49 33.97
C TRP D 388 -7.95 -41.45 32.78
N VAL D 389 -7.32 -41.07 31.68
CA VAL D 389 -7.39 -41.91 30.48
C VAL D 389 -6.61 -43.20 30.68
N GLU D 390 -5.48 -43.14 31.40
CA GLU D 390 -4.67 -44.32 31.64
C GLU D 390 -4.95 -44.96 33.00
N ASP D 391 -5.53 -44.23 33.94
CA ASP D 391 -5.77 -44.72 35.30
C ASP D 391 -4.46 -45.14 35.95
N ARG D 392 -3.55 -44.17 36.07
CA ARG D 392 -2.23 -44.39 36.64
C ARG D 392 -2.24 -44.04 38.12
N ASN D 393 -1.22 -44.51 38.83
CA ASN D 393 -1.06 -44.13 40.22
C ASN D 393 -0.96 -42.62 40.33
N THR D 394 -1.77 -42.04 41.21
CA THR D 394 -1.86 -40.59 41.33
C THR D 394 -0.80 -40.08 42.32
N ALA D 395 0.45 -40.30 41.97
CA ALA D 395 1.59 -39.75 42.69
C ALA D 395 2.34 -38.73 41.84
N ASN D 396 1.60 -37.97 41.03
CA ASN D 396 2.18 -37.03 40.07
C ASN D 396 2.25 -35.65 40.69
N GLN D 397 3.46 -35.19 41.00
CA GLN D 397 3.73 -33.82 41.43
C GLN D 397 2.87 -33.52 42.66
N LYS D 398 2.24 -32.35 42.75
CA LYS D 398 1.57 -31.92 43.98
C LYS D 398 0.22 -32.60 44.13
N PRO D 399 -0.45 -32.40 45.26
CA PRO D 399 -1.79 -32.98 45.43
C PRO D 399 -2.82 -32.47 44.44
N LYS D 400 -2.57 -31.34 43.79
CA LYS D 400 -3.57 -30.77 42.88
C LYS D 400 -3.85 -31.69 41.70
N GLU D 401 -2.90 -32.54 41.33
CA GLU D 401 -3.05 -33.42 40.18
C GLU D 401 -3.49 -34.83 40.56
N GLN D 402 -3.86 -35.05 41.83
CA GLN D 402 -4.24 -36.39 42.26
C GLN D 402 -5.50 -36.89 41.58
N HIS D 403 -6.43 -36.01 41.24
CA HIS D 403 -7.75 -36.43 40.83
C HIS D 403 -7.74 -37.01 39.42
N LYS D 404 -8.65 -37.95 39.19
CA LYS D 404 -8.90 -38.52 37.88
C LYS D 404 -10.27 -38.04 37.44
N ARG D 405 -10.31 -37.12 36.47
CA ARG D 405 -11.56 -36.51 36.04
C ARG D 405 -11.60 -36.45 34.52
N ASN D 406 -12.82 -36.37 34.00
CA ASN D 406 -13.05 -36.25 32.57
C ASN D 406 -13.03 -34.82 32.08
N TYR D 407 -12.82 -33.85 32.98
CA TYR D 407 -12.77 -32.43 32.62
C TYR D 407 -11.47 -31.84 33.16
N VAL D 408 -11.05 -30.75 32.54
CA VAL D 408 -9.78 -30.11 32.88
C VAL D 408 -10.00 -28.60 33.02
N PRO D 409 -9.15 -27.92 33.78
CA PRO D 409 -9.27 -26.47 33.92
C PRO D 409 -8.50 -25.74 32.82
N CYS D 410 -8.94 -24.52 32.56
CA CYS D 410 -8.36 -23.72 31.48
C CYS D 410 -8.30 -22.26 31.92
N HIS D 411 -7.49 -21.50 31.20
CA HIS D 411 -7.40 -20.05 31.40
C HIS D 411 -7.30 -19.39 30.02
N ILE D 412 -7.46 -18.07 30.01
CA ILE D 412 -7.55 -17.29 28.78
C ILE D 412 -6.31 -16.42 28.67
N ARG D 413 -5.66 -16.46 27.51
CA ARG D 413 -4.57 -15.56 27.17
C ARG D 413 -4.97 -14.75 25.94
N GLN D 414 -4.73 -13.44 25.99
CA GLN D 414 -5.16 -12.53 24.94
C GLN D 414 -4.03 -12.03 24.05
N ILE D 415 -2.80 -11.99 24.56
CA ILE D 415 -1.64 -11.59 23.76
C ILE D 415 -1.01 -12.87 23.24
N ILE D 416 -1.49 -13.31 22.07
CA ILE D 416 -1.11 -14.60 21.50
C ILE D 416 -0.39 -14.37 20.18
N ASN D 417 0.67 -15.14 19.95
CA ASN D 417 1.35 -15.15 18.67
C ASN D 417 0.76 -16.22 17.76
N THR D 418 0.74 -15.93 16.47
CA THR D 418 0.32 -16.94 15.50
C THR D 418 1.37 -18.03 15.44
N TRP D 419 1.03 -19.20 15.98
CA TRP D 419 1.98 -20.31 16.06
C TRP D 419 2.35 -20.86 14.69
N HIS D 420 1.64 -20.45 13.63
CA HIS D 420 1.70 -21.17 12.37
C HIS D 420 3.14 -21.28 11.84
N LYS D 421 3.74 -20.14 11.50
CA LYS D 421 5.08 -20.19 10.87
C LYS D 421 6.21 -20.03 11.89
N VAL D 422 6.36 -18.84 12.46
CA VAL D 422 7.43 -18.61 13.43
C VAL D 422 6.96 -17.88 14.69
N GLY D 423 6.43 -16.66 14.51
CA GLY D 423 6.32 -15.74 15.63
C GLY D 423 5.28 -14.65 15.47
N LYS D 424 5.68 -13.42 15.81
CA LYS D 424 4.84 -12.22 15.83
C LYS D 424 4.04 -12.16 17.13
N ASN D 425 3.24 -11.11 17.27
CA ASN D 425 2.37 -10.95 18.44
C ASN D 425 1.16 -10.14 18.02
N VAL D 426 -0.03 -10.67 18.29
CA VAL D 426 -1.29 -10.01 17.92
C VAL D 426 -2.23 -10.05 19.10
N TYR D 427 -3.24 -9.19 19.05
CA TYR D 427 -4.23 -9.04 20.11
C TYR D 427 -5.59 -9.50 19.60
N LEU D 428 -6.22 -10.41 20.34
CA LEU D 428 -7.50 -10.97 19.95
C LEU D 428 -8.63 -10.26 20.68
N PRO D 429 -9.59 -9.63 20.00
CA PRO D 429 -10.64 -8.91 20.72
C PRO D 429 -11.49 -9.88 21.52
N PRO D 430 -12.11 -9.43 22.61
CA PRO D 430 -12.98 -10.32 23.39
C PRO D 430 -14.40 -10.34 22.86
N ARG D 431 -15.00 -11.52 22.89
CA ARG D 431 -16.36 -11.70 22.40
C ARG D 431 -17.38 -11.28 23.44
N GLU D 432 -18.42 -10.59 23.00
CA GLU D 432 -19.51 -10.22 23.89
C GLU D 432 -20.34 -11.44 24.23
N GLY D 433 -20.87 -11.46 25.45
CA GLY D 433 -21.74 -12.53 25.87
C GLY D 433 -21.00 -13.83 26.16
N ASP D 434 -21.78 -14.87 26.37
CA ASP D 434 -21.23 -16.18 26.70
C ASP D 434 -20.82 -16.93 25.45
N LEU D 435 -19.79 -17.76 25.59
CA LEU D 435 -19.30 -18.62 24.51
C LEU D 435 -19.42 -20.07 24.92
N THR D 436 -19.95 -20.89 24.02
CA THR D 436 -19.97 -22.33 24.17
C THR D 436 -19.66 -22.95 22.81
N CYS D 437 -18.53 -23.62 22.70
CA CYS D 437 -18.05 -24.17 21.45
C CYS D 437 -17.94 -25.69 21.56
N ASN D 438 -18.48 -26.39 20.57
CA ASN D 438 -18.52 -27.84 20.54
C ASN D 438 -17.83 -28.35 19.28
N SER D 439 -17.02 -29.40 19.44
CA SER D 439 -16.21 -29.89 18.34
C SER D 439 -16.02 -31.39 18.48
N THR D 440 -15.61 -32.01 17.39
CA THR D 440 -15.34 -33.45 17.33
C THR D 440 -13.86 -33.67 17.06
N VAL D 441 -13.22 -34.45 17.93
CA VAL D 441 -11.79 -34.73 17.81
C VAL D 441 -11.59 -35.80 16.75
N THR D 442 -10.74 -35.50 15.76
CA THR D 442 -10.57 -36.40 14.62
C THR D 442 -9.11 -36.53 14.20
N SER D 443 -8.17 -36.31 15.12
CA SER D 443 -6.76 -36.49 14.82
C SER D 443 -5.99 -36.47 16.14
N LEU D 444 -4.68 -36.62 16.04
CA LEU D 444 -3.82 -36.61 17.23
C LEU D 444 -2.41 -36.26 16.80
N ILE D 445 -1.82 -35.24 17.43
CA ILE D 445 -0.45 -34.83 17.16
C ILE D 445 0.43 -35.47 18.24
N ALA D 446 1.36 -36.31 17.82
CA ALA D 446 2.21 -37.01 18.78
C ALA D 446 3.49 -37.47 18.12
N ASN D 447 4.60 -37.36 18.86
CA ASN D 447 5.89 -37.92 18.47
C ASN D 447 6.14 -39.15 19.33
N ILE D 448 6.41 -40.28 18.70
CA ILE D 448 6.61 -41.54 19.41
C ILE D 448 8.08 -41.65 19.79
N ASP D 449 8.36 -41.71 21.09
CA ASP D 449 9.71 -41.71 21.61
C ASP D 449 9.96 -42.99 22.40
N TRP D 450 11.02 -43.71 22.04
CA TRP D 450 11.48 -44.85 22.83
C TRP D 450 12.95 -45.07 22.50
N ILE D 451 13.77 -45.23 23.55
CA ILE D 451 15.20 -45.45 23.37
C ILE D 451 15.60 -46.90 23.65
N ASP D 452 14.90 -47.59 24.54
CA ASP D 452 15.21 -48.96 24.92
C ASP D 452 14.14 -49.90 24.38
N GLY D 453 14.24 -51.17 24.75
CA GLY D 453 13.24 -52.15 24.39
C GLY D 453 12.01 -52.15 25.26
N ASN D 454 11.94 -51.24 26.23
CA ASN D 454 10.79 -51.14 27.13
C ASN D 454 10.33 -49.70 27.23
N GLN D 455 9.05 -49.53 27.57
CA GLN D 455 8.48 -48.23 27.92
C GLN D 455 8.61 -47.22 26.77
N THR D 456 7.90 -47.52 25.68
CA THR D 456 7.74 -46.57 24.60
C THR D 456 6.68 -45.53 24.96
N ASN D 457 6.93 -44.29 24.57
CA ASN D 457 6.03 -43.17 24.86
C ASN D 457 5.34 -42.69 23.58
N ILE D 458 4.06 -42.39 23.70
CA ILE D 458 3.33 -41.63 22.69
C ILE D 458 3.35 -40.19 23.19
N THR D 459 4.40 -39.45 22.82
CA THR D 459 4.63 -38.12 23.34
C THR D 459 3.93 -37.09 22.45
N MET D 460 3.20 -36.19 23.08
CA MET D 460 2.50 -35.14 22.35
C MET D 460 3.51 -34.13 21.82
N SER D 461 3.14 -33.43 20.75
CA SER D 461 3.99 -32.38 20.20
C SER D 461 3.12 -31.17 19.86
N ALA D 462 3.76 -30.00 19.86
CA ALA D 462 3.08 -28.72 19.70
C ALA D 462 3.38 -28.10 18.34
N GLU D 463 3.46 -28.92 17.30
CA GLU D 463 3.65 -28.45 15.93
C GLU D 463 2.27 -28.32 15.28
N VAL D 464 1.75 -27.10 15.26
CA VAL D 464 0.41 -26.87 14.73
C VAL D 464 0.35 -27.21 13.24
N ALA D 465 1.44 -26.93 12.52
CA ALA D 465 1.44 -27.13 11.08
C ALA D 465 1.24 -28.58 10.69
N GLU D 466 1.44 -29.52 11.62
CA GLU D 466 1.39 -30.93 11.26
C GLU D 466 -0.01 -31.33 10.82
N LEU D 467 -1.03 -30.61 11.29
CA LEU D 467 -2.41 -30.91 10.90
C LEU D 467 -2.60 -30.83 9.39
N TYR D 468 -2.04 -29.80 8.76
CA TYR D 468 -2.20 -29.64 7.32
C TYR D 468 -1.59 -30.80 6.56
N ARG D 469 -0.67 -31.55 7.17
CA ARG D 469 -0.09 -32.71 6.52
C ARG D 469 -1.00 -33.93 6.56
N LEU D 470 -2.11 -33.87 7.30
CA LEU D 470 -3.09 -34.94 7.30
C LEU D 470 -4.21 -34.69 6.31
N GLU D 471 -4.52 -33.43 6.01
CA GLU D 471 -5.63 -33.13 5.11
C GLU D 471 -5.28 -33.47 3.67
N LEU D 472 -4.08 -33.10 3.22
CA LEU D 472 -3.66 -33.32 1.84
C LEU D 472 -2.39 -34.17 1.78
N GLY D 473 -2.24 -35.09 2.72
CA GLY D 473 -1.02 -35.89 2.77
C GLY D 473 -0.84 -36.77 1.55
N ASP D 474 -1.93 -37.33 1.03
CA ASP D 474 -1.86 -38.28 -0.07
C ASP D 474 -1.98 -37.61 -1.43
N TYR D 475 -1.99 -36.28 -1.48
CA TYR D 475 -2.12 -35.56 -2.74
C TYR D 475 -0.75 -35.28 -3.34
N LYS D 476 -0.65 -35.38 -4.66
CA LYS D 476 0.55 -35.05 -5.40
C LYS D 476 0.18 -34.19 -6.60
N LEU D 477 1.06 -33.25 -6.94
CA LEU D 477 0.87 -32.36 -8.07
C LEU D 477 1.78 -32.79 -9.21
N VAL D 478 1.21 -32.99 -10.38
CA VAL D 478 1.95 -33.47 -11.55
C VAL D 478 1.64 -32.57 -12.74
N GLU D 479 2.68 -32.17 -13.45
CA GLU D 479 2.55 -31.40 -14.68
C GLU D 479 2.46 -32.36 -15.86
N ILE D 480 1.56 -32.07 -16.78
CA ILE D 480 1.31 -32.94 -17.93
C ILE D 480 2.20 -32.51 -19.08
N THR D 481 2.89 -33.49 -19.68
CA THR D 481 3.76 -33.27 -20.83
C THR D 481 3.20 -34.10 -21.98
N PRO D 482 2.34 -33.52 -22.82
CA PRO D 482 1.69 -34.32 -23.88
C PRO D 482 2.57 -34.63 -25.08
N ILE D 483 3.88 -34.42 -24.99
CA ILE D 483 4.81 -34.69 -26.09
C ILE D 483 5.50 -36.01 -25.82
N GLY D 484 5.46 -36.91 -26.81
CA GLY D 484 6.11 -38.19 -26.71
C GLY D 484 6.93 -38.52 -27.93
N LEU D 485 8.20 -38.89 -27.74
CA LEU D 485 9.13 -39.16 -28.82
C LEU D 485 9.47 -40.65 -28.82
N ALA D 486 9.18 -41.32 -29.93
CA ALA D 486 9.46 -42.74 -30.09
C ALA D 486 9.93 -42.99 -31.51
N PRO D 487 10.70 -44.07 -31.74
CA PRO D 487 11.20 -44.33 -33.08
C PRO D 487 10.10 -44.86 -34.00
N THR D 488 10.32 -44.65 -35.31
CA THR D 488 9.45 -45.22 -36.32
C THR D 488 10.24 -45.31 -37.63
N ASP D 489 10.08 -46.43 -38.33
CA ASP D 489 10.81 -46.63 -39.57
C ASP D 489 10.39 -45.64 -40.66
N CYS D 490 9.19 -45.07 -40.56
CA CYS D 490 8.72 -44.15 -41.58
C CYS D 490 9.58 -42.90 -41.60
N LYS D 491 9.79 -42.36 -42.81
CA LYS D 491 10.56 -41.15 -43.02
C LYS D 491 9.63 -40.02 -43.45
N ARG D 492 10.14 -38.79 -43.35
CA ARG D 492 9.33 -37.62 -43.70
C ARG D 492 8.91 -37.64 -45.16
N TYR D 493 9.73 -38.24 -46.03
CA TYR D 493 9.44 -38.26 -47.46
C TYR D 493 9.35 -36.83 -48.00
N THR D 494 8.70 -36.67 -49.16
CA THR D 494 8.54 -35.36 -49.76
C THR D 494 7.14 -35.21 -50.34
N THR E 1 -29.70 -36.39 -44.53
CA THR E 1 -29.87 -35.93 -43.16
C THR E 1 -29.28 -34.55 -42.97
N LEU E 2 -29.47 -33.99 -41.78
CA LEU E 2 -28.99 -32.65 -41.44
C LEU E 2 -27.90 -32.75 -40.39
N TYR E 3 -26.75 -32.16 -40.67
CA TYR E 3 -25.63 -32.10 -39.75
C TYR E 3 -25.47 -30.67 -39.24
N VAL E 4 -24.45 -30.48 -38.40
CA VAL E 4 -24.16 -29.18 -37.82
C VAL E 4 -23.06 -28.51 -38.62
N THR E 5 -22.89 -27.22 -38.41
CA THR E 5 -21.92 -26.40 -39.13
C THR E 5 -21.20 -25.49 -38.15
N VAL E 6 -20.03 -25.00 -38.55
CA VAL E 6 -19.31 -23.97 -37.82
C VAL E 6 -19.25 -22.73 -38.71
N PHE E 7 -19.57 -21.58 -38.14
CA PHE E 7 -19.54 -20.30 -38.86
C PHE E 7 -18.69 -19.33 -38.05
N TYR E 8 -17.42 -19.20 -38.41
CA TYR E 8 -16.50 -18.29 -37.75
C TYR E 8 -16.56 -16.94 -38.46
N GLY E 9 -16.97 -15.91 -37.74
CA GLY E 9 -17.14 -14.58 -38.31
C GLY E 9 -18.58 -14.10 -38.35
N VAL E 10 -19.48 -14.73 -37.62
CA VAL E 10 -20.89 -14.29 -37.62
C VAL E 10 -20.98 -12.95 -36.89
N PRO E 11 -21.70 -11.96 -37.43
CA PRO E 11 -21.87 -10.69 -36.68
C PRO E 11 -22.92 -10.81 -35.59
N ALA E 12 -22.50 -11.35 -34.45
CA ALA E 12 -23.37 -11.58 -33.31
C ALA E 12 -22.75 -10.93 -32.08
N TRP E 13 -23.60 -10.65 -31.09
CA TRP E 13 -23.13 -10.00 -29.87
C TRP E 13 -24.01 -10.41 -28.71
N ARG E 14 -23.48 -10.20 -27.50
CA ARG E 14 -24.18 -10.55 -26.27
C ARG E 14 -23.84 -9.52 -25.20
N ASN E 15 -24.72 -9.40 -24.21
CA ASN E 15 -24.43 -8.54 -23.07
C ASN E 15 -23.04 -8.85 -22.53
N ALA E 16 -22.37 -7.82 -21.99
CA ALA E 16 -21.01 -7.98 -21.52
C ALA E 16 -20.76 -7.06 -20.35
N THR E 17 -19.77 -7.43 -19.53
CA THR E 17 -19.36 -6.64 -18.36
C THR E 17 -17.84 -6.75 -18.25
N ILE E 18 -17.14 -5.77 -18.82
CA ILE E 18 -15.68 -5.75 -18.81
C ILE E 18 -15.21 -4.35 -18.41
N PRO E 19 -14.05 -4.20 -17.79
CA PRO E 19 -13.49 -2.85 -17.59
C PRO E 19 -13.12 -2.21 -18.92
N LEU E 20 -13.08 -0.87 -18.89
CA LEU E 20 -12.80 -0.08 -20.08
C LEU E 20 -11.63 0.86 -19.83
N PHE E 21 -10.90 1.17 -20.90
CA PHE E 21 -9.75 2.06 -20.83
C PHE E 21 -10.20 3.50 -20.97
N CYS E 22 -9.63 4.38 -20.14
CA CYS E 22 -9.95 5.80 -20.16
C CYS E 22 -8.98 6.52 -21.09
N ALA E 23 -9.50 7.07 -22.18
CA ALA E 23 -8.71 7.87 -23.12
C ALA E 23 -9.00 9.34 -22.85
N THR E 24 -7.94 10.11 -22.62
CA THR E 24 -8.08 11.48 -22.16
C THR E 24 -7.08 12.37 -22.90
N LYS E 25 -6.96 13.61 -22.41
CA LYS E 25 -6.09 14.61 -23.00
C LYS E 25 -5.65 15.55 -21.89
N ASN E 26 -4.52 16.23 -22.11
CA ASN E 26 -3.93 17.10 -21.10
C ASN E 26 -3.64 16.31 -19.82
N ARG E 27 -3.19 15.08 -19.99
CA ARG E 27 -2.95 14.16 -18.87
C ARG E 27 -1.66 14.54 -18.16
N ASP E 28 -1.76 14.99 -16.91
CA ASP E 28 -0.59 15.30 -16.10
C ASP E 28 -0.46 14.38 -14.89
N THR E 29 -1.44 14.37 -13.99
CA THR E 29 -1.46 13.43 -12.87
C THR E 29 -2.79 12.72 -12.71
N TRP E 30 -3.90 13.43 -12.89
CA TRP E 30 -5.20 12.75 -12.93
C TRP E 30 -5.27 11.84 -14.13
N GLY E 31 -4.74 12.28 -15.27
CA GLY E 31 -4.44 11.39 -16.36
C GLY E 31 -3.04 10.81 -16.21
N THR E 32 -2.70 9.90 -17.12
CA THR E 32 -1.40 9.25 -17.16
C THR E 32 -1.25 8.22 -16.04
N THR E 33 -2.22 8.15 -15.13
CA THR E 33 -2.18 7.12 -14.10
C THR E 33 -2.62 5.77 -14.66
N GLN E 34 -3.77 5.73 -15.34
CA GLN E 34 -4.19 4.54 -16.06
C GLN E 34 -4.90 4.87 -17.36
N CYS E 35 -4.69 6.07 -17.92
CA CYS E 35 -5.44 6.53 -19.08
C CYS E 35 -4.53 6.71 -20.29
N LEU E 36 -5.03 6.24 -21.43
CA LEU E 36 -4.35 6.35 -22.71
C LEU E 36 -4.52 7.74 -23.29
N PRO E 37 -3.76 8.10 -24.32
CA PRO E 37 -3.94 9.40 -24.96
C PRO E 37 -5.09 9.38 -25.96
N ASP E 38 -5.45 10.58 -26.41
CA ASP E 38 -6.58 10.73 -27.32
C ASP E 38 -6.29 10.08 -28.67
N ASN E 39 -7.35 9.59 -29.31
CA ASN E 39 -7.27 9.02 -30.65
C ASN E 39 -7.75 10.02 -31.70
N GLY E 40 -8.99 10.49 -31.56
CA GLY E 40 -9.53 11.47 -32.48
C GLY E 40 -10.23 10.86 -33.68
N ASP E 41 -11.12 9.90 -33.44
CA ASP E 41 -11.90 9.26 -34.50
C ASP E 41 -13.31 9.07 -33.98
N TYR E 42 -14.23 9.93 -34.43
CA TYR E 42 -15.60 9.93 -33.94
C TYR E 42 -16.57 9.24 -34.88
N SER E 43 -16.07 8.59 -35.93
CA SER E 43 -16.96 7.98 -36.90
C SER E 43 -17.83 6.90 -36.23
N GLU E 44 -19.06 6.78 -36.73
CA GLU E 44 -19.99 5.79 -36.23
C GLU E 44 -20.91 5.39 -37.38
N VAL E 45 -21.10 4.08 -37.56
CA VAL E 45 -21.86 3.55 -38.69
C VAL E 45 -23.18 3.02 -38.16
N ALA E 46 -24.24 3.18 -38.96
CA ALA E 46 -25.56 2.75 -38.56
C ALA E 46 -25.80 1.29 -38.93
N LEU E 47 -26.71 0.66 -38.19
CA LEU E 47 -27.11 -0.72 -38.45
C LEU E 47 -28.62 -0.82 -38.42
N ASN E 48 -29.16 -1.73 -39.23
CA ASN E 48 -30.60 -1.93 -39.33
C ASN E 48 -31.07 -3.06 -38.41
N VAL E 49 -30.71 -2.99 -37.13
CA VAL E 49 -31.08 -4.01 -36.15
C VAL E 49 -31.48 -3.32 -34.86
N THR E 50 -32.58 -3.76 -34.27
CA THR E 50 -33.04 -3.23 -33.00
C THR E 50 -32.37 -3.96 -31.84
N GLU E 51 -32.12 -3.23 -30.77
CA GLU E 51 -31.47 -3.78 -29.60
C GLU E 51 -32.00 -3.09 -28.35
N SER E 52 -31.93 -3.78 -27.22
CA SER E 52 -32.42 -3.23 -25.97
C SER E 52 -31.38 -2.33 -25.33
N PHE E 53 -31.83 -1.25 -24.71
CA PHE E 53 -30.97 -0.27 -24.06
C PHE E 53 -31.54 0.08 -22.69
N ASP E 54 -30.65 0.56 -21.82
CA ASP E 54 -31.05 1.06 -20.51
C ASP E 54 -30.11 2.17 -20.11
N ALA E 55 -30.62 3.08 -19.27
CA ALA E 55 -29.84 4.21 -18.79
C ALA E 55 -29.42 4.10 -17.34
N TRP E 56 -30.00 3.18 -16.57
CA TRP E 56 -29.63 2.97 -15.18
C TRP E 56 -29.06 1.59 -14.92
N ASN E 57 -29.70 0.54 -15.43
CA ASN E 57 -29.17 -0.82 -15.33
C ASN E 57 -28.24 -1.12 -16.52
N ASN E 58 -27.22 -0.27 -16.65
CA ASN E 58 -26.27 -0.34 -17.74
C ASN E 58 -24.86 -0.42 -17.18
N THR E 59 -24.05 -1.31 -17.77
CA THR E 59 -22.70 -1.51 -17.28
C THR E 59 -21.83 -0.28 -17.50
N VAL E 60 -21.94 0.35 -18.67
CA VAL E 60 -21.02 1.42 -19.04
C VAL E 60 -21.12 2.59 -18.07
N THR E 61 -22.34 3.01 -17.75
CA THR E 61 -22.51 4.14 -16.85
C THR E 61 -22.11 3.77 -15.42
N GLU E 62 -22.40 2.55 -15.00
CA GLU E 62 -22.07 2.15 -13.63
C GLU E 62 -20.56 2.19 -13.40
N GLN E 63 -19.79 1.75 -14.38
CA GLN E 63 -18.34 1.74 -14.23
C GLN E 63 -17.79 3.16 -14.09
N ALA E 64 -18.33 4.10 -14.87
CA ALA E 64 -17.81 5.47 -14.83
C ALA E 64 -17.96 6.07 -13.45
N ILE E 65 -19.09 5.81 -12.78
CA ILE E 65 -19.31 6.37 -11.45
C ILE E 65 -18.24 5.88 -10.48
N GLU E 66 -17.85 4.61 -10.61
CA GLU E 66 -16.81 4.08 -9.73
C GLU E 66 -15.44 4.60 -10.12
N ASP E 67 -15.16 4.71 -11.43
CA ASP E 67 -13.85 5.17 -11.86
C ASP E 67 -13.57 6.59 -11.40
N VAL E 68 -14.58 7.46 -11.49
CA VAL E 68 -14.39 8.84 -11.02
C VAL E 68 -14.10 8.86 -9.53
N TRP E 69 -14.84 8.05 -8.76
CA TRP E 69 -14.58 7.99 -7.32
C TRP E 69 -13.19 7.43 -7.04
N GLN E 70 -12.79 6.38 -7.76
CA GLN E 70 -11.46 5.82 -7.58
C GLN E 70 -10.39 6.85 -7.95
N LEU E 71 -10.64 7.63 -8.99
CA LEU E 71 -9.67 8.64 -9.41
C LEU E 71 -9.37 9.61 -8.28
N PHE E 72 -10.40 10.06 -7.57
CA PHE E 72 -10.18 10.96 -6.44
C PHE E 72 -9.65 10.23 -5.22
N GLU E 73 -10.02 8.96 -5.04
CA GLU E 73 -9.59 8.23 -3.86
C GLU E 73 -8.07 8.08 -3.84
N THR E 74 -7.47 7.77 -5.00
CA THR E 74 -6.02 7.59 -5.07
C THR E 74 -5.28 8.91 -4.85
N SER E 75 -5.83 10.01 -5.35
CA SER E 75 -5.11 11.28 -5.30
C SER E 75 -4.84 11.72 -3.87
N ILE E 76 -5.82 11.54 -2.97
CA ILE E 76 -5.70 12.07 -1.61
C ILE E 76 -4.85 11.21 -0.70
N LYS E 77 -4.33 10.07 -1.18
CA LYS E 77 -3.47 9.25 -0.33
C LYS E 77 -2.18 9.98 0.02
N PRO E 78 -1.33 10.36 -0.95
CA PRO E 78 -0.05 10.97 -0.59
C PRO E 78 -0.17 12.29 0.15
N CYS E 79 -1.31 12.98 0.08
CA CYS E 79 -1.43 14.25 0.78
C CYS E 79 -1.37 14.08 2.29
N VAL E 80 -1.24 15.21 2.97
CA VAL E 80 -0.92 15.22 4.40
C VAL E 80 -2.19 15.06 5.22
N LYS E 81 -2.02 14.55 6.44
CA LYS E 81 -3.11 14.40 7.38
C LYS E 81 -3.21 15.65 8.25
N LEU E 82 -4.44 16.03 8.57
CA LEU E 82 -4.69 17.21 9.38
C LEU E 82 -5.01 16.88 10.83
N SER E 83 -4.71 15.67 11.27
CA SER E 83 -4.96 15.30 12.65
C SER E 83 -4.31 16.22 13.67
N PRO E 84 -3.08 16.72 13.48
CA PRO E 84 -2.41 17.42 14.58
C PRO E 84 -3.14 18.65 15.11
N LEU E 85 -4.00 19.28 14.31
CA LEU E 85 -4.61 20.54 14.70
C LEU E 85 -6.07 20.41 15.12
N CYS E 86 -6.55 19.22 15.41
CA CYS E 86 -7.90 19.07 15.95
C CYS E 86 -7.83 19.41 17.43
N ILE E 87 -7.49 20.67 17.71
CA ILE E 87 -7.27 21.17 19.05
C ILE E 87 -8.09 22.44 19.25
N THR E 88 -8.16 22.89 20.50
CA THR E 88 -8.85 24.13 20.79
C THR E 88 -8.21 25.29 20.05
N MET E 89 -9.03 26.17 19.51
CA MET E 89 -8.58 27.34 18.76
C MET E 89 -9.22 28.58 19.34
N ARG E 90 -8.41 29.50 19.86
CA ARG E 90 -8.93 30.79 20.27
C ARG E 90 -9.50 31.52 19.06
N CYS E 91 -10.65 32.17 19.26
CA CYS E 91 -11.38 32.73 18.13
C CYS E 91 -12.09 33.99 18.58
N ASN E 92 -12.42 34.85 17.61
CA ASN E 92 -13.02 36.15 17.89
C ASN E 92 -14.45 35.97 18.39
N LYS E 93 -14.67 36.29 19.67
CA LYS E 93 -16.00 36.08 20.26
C LYS E 93 -17.04 36.94 19.58
N SER E 94 -16.73 38.21 19.33
CA SER E 94 -17.72 39.11 18.73
C SER E 94 -18.13 38.62 17.35
N GLU E 95 -17.17 38.16 16.55
CA GLU E 95 -17.49 37.74 15.19
C GLU E 95 -18.39 36.50 15.19
N THR E 96 -18.14 35.56 16.09
CA THR E 96 -18.94 34.34 16.13
C THR E 96 -20.32 34.60 16.74
N ASP E 97 -20.46 35.62 17.58
CA ASP E 97 -21.79 35.98 18.08
C ASP E 97 -22.70 36.36 16.92
N ARG E 98 -22.19 37.14 15.98
CA ARG E 98 -23.00 37.63 14.88
C ARG E 98 -23.60 36.49 14.06
N TRP E 99 -22.91 35.35 14.01
CA TRP E 99 -23.30 34.23 13.17
C TRP E 99 -23.94 33.08 13.94
N GLY E 100 -24.13 33.23 15.24
CA GLY E 100 -24.94 32.30 15.98
C GLY E 100 -24.34 30.94 16.23
N LEU E 101 -23.05 30.75 15.92
CA LEU E 101 -22.42 29.48 16.26
C LEU E 101 -22.42 29.26 17.76
N THR E 102 -22.13 30.33 18.53
CA THR E 102 -22.22 30.28 19.98
C THR E 102 -23.62 30.60 20.49
N LYS E 103 -24.50 31.15 19.65
CA LYS E 103 -25.89 31.37 20.00
C LYS E 103 -26.02 32.15 21.32
N SER E 104 -25.21 33.19 21.47
CA SER E 104 -25.24 34.05 22.64
C SER E 104 -25.67 35.44 22.18
N ILE E 105 -26.98 35.69 22.20
CA ILE E 105 -27.56 36.98 21.84
C ILE E 105 -28.42 37.45 23.00
N THR E 106 -28.23 38.69 23.42
CA THR E 106 -28.93 39.26 24.57
C THR E 106 -29.55 40.59 24.18
N THR E 107 -30.83 40.77 24.54
CA THR E 107 -31.55 42.04 24.36
C THR E 107 -31.57 42.36 22.88
N THR E 108 -31.19 43.58 22.46
CA THR E 108 -31.21 44.03 21.07
C THR E 108 -32.49 43.58 20.36
N ALA E 109 -32.41 43.31 19.06
CA ALA E 109 -33.56 42.87 18.27
C ALA E 109 -34.67 43.92 18.31
N SER E 110 -34.31 45.14 17.94
CA SER E 110 -35.28 46.23 17.91
C SER E 110 -36.26 46.06 16.76
N THR E 111 -37.49 46.50 17.00
CA THR E 111 -38.53 46.40 15.98
C THR E 111 -38.20 47.27 14.77
N THR E 112 -38.52 46.77 13.58
CA THR E 112 -38.28 47.49 12.34
C THR E 112 -39.51 47.34 11.45
N SER E 113 -39.76 48.38 10.64
CA SER E 113 -40.90 48.38 9.74
C SER E 113 -40.56 47.64 8.44
N THR E 114 -41.59 47.09 7.81
CA THR E 114 -41.46 46.38 6.55
C THR E 114 -41.81 47.34 5.40
N THR E 115 -40.86 47.54 4.50
CA THR E 115 -41.07 48.49 3.41
C THR E 115 -42.17 48.04 2.46
N ALA E 116 -42.21 46.75 2.15
CA ALA E 116 -43.15 46.21 1.18
C ALA E 116 -43.02 46.95 -0.16
N SER E 117 -41.81 46.90 -0.70
CA SER E 117 -41.45 47.65 -1.90
C SER E 117 -40.40 46.83 -2.65
N ALA E 118 -39.64 47.50 -3.53
CA ALA E 118 -38.56 46.86 -4.27
C ALA E 118 -39.11 45.74 -5.17
N LYS E 119 -39.85 46.17 -6.18
CA LYS E 119 -40.43 45.25 -7.16
C LYS E 119 -39.33 44.48 -7.87
N VAL E 120 -39.71 43.57 -8.77
CA VAL E 120 -38.79 42.64 -9.42
C VAL E 120 -37.52 43.35 -9.86
N ASP E 121 -36.37 42.79 -9.46
CA ASP E 121 -35.06 43.32 -9.84
C ASP E 121 -34.46 42.43 -10.91
N MET E 122 -33.60 43.03 -11.74
CA MET E 122 -32.96 42.31 -12.82
C MET E 122 -31.62 42.96 -13.11
N VAL E 123 -30.63 42.13 -13.41
CA VAL E 123 -29.28 42.59 -13.72
C VAL E 123 -28.70 41.73 -14.83
N ASN E 124 -28.20 42.38 -15.88
CA ASN E 124 -27.47 41.70 -16.94
C ASN E 124 -26.06 42.27 -17.00
N GLU E 125 -25.29 41.85 -18.01
CA GLU E 125 -23.85 42.06 -17.99
C GLU E 125 -23.49 43.52 -17.91
N THR E 126 -24.18 44.39 -18.67
CA THR E 126 -23.79 45.79 -18.73
C THR E 126 -23.96 46.51 -17.40
N SER E 127 -24.75 45.98 -16.48
CA SER E 127 -25.04 46.68 -15.24
C SER E 127 -23.83 46.68 -14.32
N SER E 128 -23.87 47.58 -13.33
CA SER E 128 -22.82 47.67 -12.32
C SER E 128 -22.97 46.62 -11.23
N CYS E 129 -24.09 45.88 -11.22
CA CYS E 129 -24.24 44.78 -10.29
C CYS E 129 -23.05 43.83 -10.35
N ILE E 130 -22.58 43.51 -11.56
CA ILE E 130 -21.60 42.46 -11.72
C ILE E 130 -20.24 42.90 -11.18
N ALA E 131 -19.84 44.15 -11.47
CA ALA E 131 -18.44 44.53 -11.29
C ALA E 131 -18.05 44.75 -9.84
N GLN E 132 -19.00 45.15 -8.98
CA GLN E 132 -18.65 45.63 -7.65
C GLN E 132 -19.45 44.95 -6.54
N ASP E 133 -20.04 43.79 -6.80
CA ASP E 133 -21.01 43.23 -5.87
C ASP E 133 -22.11 44.26 -5.69
N ASN E 134 -22.25 44.85 -4.50
CA ASN E 134 -22.93 46.13 -4.37
C ASN E 134 -24.38 46.09 -4.83
N CYS E 135 -24.94 44.90 -5.02
CA CYS E 135 -26.09 44.71 -5.90
C CYS E 135 -27.34 44.47 -5.07
N THR E 136 -28.00 45.55 -4.68
CA THR E 136 -29.26 45.57 -3.96
C THR E 136 -29.11 45.11 -2.51
N GLY E 137 -27.92 44.72 -2.08
CA GLY E 137 -27.68 44.37 -0.69
C GLY E 137 -27.82 42.90 -0.41
N LEU E 138 -27.82 42.58 0.88
CA LEU E 138 -27.90 41.21 1.39
C LEU E 138 -26.64 40.41 1.05
N GLU E 139 -25.50 41.08 1.09
CA GLU E 139 -24.20 40.41 0.94
C GLU E 139 -23.21 41.16 1.82
N GLN E 140 -22.98 40.67 3.03
CA GLN E 140 -22.22 41.41 4.03
C GLN E 140 -20.89 40.75 4.38
N GLU E 141 -20.91 39.52 4.88
CA GLU E 141 -19.71 38.84 5.35
C GLU E 141 -19.96 37.35 5.35
N GLN E 142 -18.86 36.56 5.37
CA GLN E 142 -19.01 35.13 5.62
C GLN E 142 -17.87 34.51 6.41
N MET E 143 -17.07 35.27 7.16
CA MET E 143 -15.79 34.80 7.67
C MET E 143 -15.71 34.89 9.19
N ILE E 144 -14.84 34.04 9.74
CA ILE E 144 -14.50 34.04 11.16
C ILE E 144 -13.00 33.83 11.30
N SER E 145 -12.38 34.55 12.22
CA SER E 145 -10.94 34.46 12.46
C SER E 145 -10.66 33.64 13.72
N CYS E 146 -9.47 33.05 13.77
CA CYS E 146 -9.16 32.07 14.81
C CYS E 146 -7.64 32.02 14.98
N LYS E 147 -7.19 31.25 15.97
CA LYS E 147 -5.76 31.12 16.28
C LYS E 147 -5.44 29.69 16.69
N PHE E 148 -4.17 29.31 16.51
CA PHE E 148 -3.67 28.01 16.96
C PHE E 148 -2.15 28.03 16.85
N ASN E 149 -1.49 27.04 17.46
CA ASN E 149 -0.03 27.07 17.62
C ASN E 149 0.73 26.26 16.57
N MET E 150 0.48 24.95 16.45
CA MET E 150 1.10 24.14 15.39
C MET E 150 2.63 24.16 15.47
N THR E 151 3.16 23.44 16.46
CA THR E 151 4.58 23.07 16.40
C THR E 151 4.94 22.61 15.00
N GLY E 152 6.12 23.03 14.53
CA GLY E 152 6.56 22.75 13.17
C GLY E 152 7.31 21.44 13.03
N LEU E 153 7.99 21.30 11.90
CA LEU E 153 8.76 20.09 11.65
C LEU E 153 9.87 19.90 12.67
N LYS E 154 10.61 20.97 12.96
CA LYS E 154 11.58 20.93 14.03
C LYS E 154 10.83 20.76 15.34
N ARG E 155 10.91 19.57 15.94
CA ARG E 155 10.01 19.23 17.02
C ARG E 155 10.35 19.99 18.29
N ASP E 156 10.19 21.31 18.23
CA ASP E 156 10.44 22.21 19.36
C ASP E 156 10.08 23.61 18.91
N LYS E 157 10.06 24.54 19.86
CA LYS E 157 9.88 25.98 19.61
C LYS E 157 8.73 26.23 18.63
N THR E 158 7.52 25.91 19.11
CA THR E 158 6.30 26.13 18.35
C THR E 158 6.18 27.58 17.89
N LYS E 159 5.39 27.84 16.85
CA LYS E 159 5.20 29.18 16.31
C LYS E 159 3.72 29.43 16.08
N GLU E 160 3.19 30.47 16.71
CA GLU E 160 1.78 30.79 16.59
C GLU E 160 1.46 31.28 15.18
N TYR E 161 0.32 30.84 14.66
CA TYR E 161 -0.19 31.27 13.37
C TYR E 161 -1.63 31.72 13.51
N ASN E 162 -2.20 32.25 12.44
CA ASN E 162 -3.64 32.42 12.33
C ASN E 162 -4.13 31.78 11.05
N GLU E 163 -5.40 31.39 11.06
CA GLU E 163 -6.05 30.85 9.86
C GLU E 163 -7.55 31.02 10.06
N THR E 164 -8.17 31.84 9.20
CA THR E 164 -9.57 32.20 9.36
C THR E 164 -10.46 31.26 8.55
N TRP E 165 -11.43 30.65 9.21
CA TRP E 165 -12.34 29.73 8.56
C TRP E 165 -13.60 30.47 8.11
N TYR E 166 -14.54 29.72 7.55
CA TYR E 166 -15.87 30.20 7.25
C TYR E 166 -16.85 29.66 8.29
N SER E 167 -18.05 30.26 8.33
CA SER E 167 -19.01 29.92 9.36
C SER E 167 -19.47 28.47 9.27
N ALA E 168 -19.33 27.83 8.11
CA ALA E 168 -19.79 26.47 7.91
C ALA E 168 -18.71 25.43 8.14
N ASP E 169 -17.72 25.75 9.00
CA ASP E 169 -16.60 24.83 9.23
C ASP E 169 -16.24 24.71 10.70
N LEU E 170 -17.10 25.14 11.61
CA LEU E 170 -16.80 25.06 13.04
C LEU E 170 -18.06 24.68 13.80
N VAL E 171 -17.87 23.87 14.84
CA VAL E 171 -18.89 23.64 15.86
C VAL E 171 -18.26 23.98 17.19
N CYS E 172 -18.84 24.97 17.88
CA CYS E 172 -18.22 25.53 19.07
C CYS E 172 -19.07 25.27 20.30
N GLU E 173 -18.43 24.77 21.35
CA GLU E 173 -19.11 24.55 22.61
C GLU E 173 -19.63 25.87 23.18
N GLN E 174 -20.80 25.81 23.80
CA GLN E 174 -21.42 26.98 24.41
C GLN E 174 -21.23 26.92 25.91
N GLY E 175 -20.80 28.04 26.49
CA GLY E 175 -20.53 28.09 27.91
C GLY E 175 -20.78 29.48 28.45
N ASN E 176 -20.57 29.62 29.76
CA ASN E 176 -20.76 30.87 30.47
C ASN E 176 -19.48 31.69 30.55
N ASN E 177 -18.45 31.30 29.82
CA ASN E 177 -17.18 32.02 29.84
C ASN E 177 -17.37 33.44 29.31
N THR E 178 -16.78 34.41 30.02
CA THR E 178 -16.86 35.81 29.65
C THR E 178 -15.67 36.26 28.80
N GLY E 179 -14.66 35.41 28.63
CA GLY E 179 -13.47 35.83 27.90
C GLY E 179 -13.78 36.18 26.46
N ASN E 180 -13.03 37.16 25.95
CA ASN E 180 -13.20 37.60 24.57
C ASN E 180 -12.77 36.54 23.55
N GLU E 181 -12.06 35.51 23.98
CA GLU E 181 -11.63 34.44 23.10
C GLU E 181 -12.62 33.28 23.19
N SER E 182 -13.13 32.86 22.03
CA SER E 182 -14.03 31.72 21.95
C SER E 182 -13.22 30.51 21.50
N ARG E 183 -13.20 29.46 22.32
CA ARG E 183 -12.43 28.27 22.02
C ARG E 183 -13.33 27.20 21.42
N CYS E 184 -12.90 26.62 20.30
CA CYS E 184 -13.64 25.51 19.71
C CYS E 184 -12.81 24.86 18.61
N TYR E 185 -13.32 23.75 18.10
CA TYR E 185 -12.62 22.83 17.21
C TYR E 185 -13.18 22.91 15.80
N MET E 186 -12.70 22.00 14.94
CA MET E 186 -13.23 21.81 13.60
C MET E 186 -14.64 21.23 13.65
N ASN E 187 -15.21 21.06 12.46
CA ASN E 187 -16.55 20.50 12.29
C ASN E 187 -16.58 18.97 12.38
N HIS E 188 -15.62 18.28 11.77
CA HIS E 188 -15.60 16.81 11.74
C HIS E 188 -14.20 16.28 12.03
N CYS E 189 -13.55 16.81 13.07
CA CYS E 189 -12.24 16.32 13.48
C CYS E 189 -12.32 15.38 14.67
N ASN E 190 -13.52 15.08 15.17
CA ASN E 190 -13.69 14.11 16.26
C ASN E 190 -14.45 12.88 15.78
N THR E 191 -14.42 12.60 14.49
CA THR E 191 -15.00 11.39 13.92
C THR E 191 -14.04 10.61 13.06
N SER E 192 -13.16 11.30 12.33
CA SER E 192 -12.16 10.64 11.50
C SER E 192 -11.20 11.69 10.98
N VAL E 193 -9.91 11.32 10.86
CA VAL E 193 -8.92 12.23 10.32
C VAL E 193 -9.33 12.63 8.91
N ILE E 194 -9.11 13.91 8.58
CA ILE E 194 -9.46 14.46 7.27
C ILE E 194 -8.17 14.80 6.55
N GLN E 195 -8.04 14.32 5.31
CA GLN E 195 -6.84 14.55 4.52
C GLN E 195 -7.02 15.77 3.64
N GLU E 196 -5.91 16.49 3.43
CA GLU E 196 -5.93 17.60 2.49
C GLU E 196 -6.11 17.07 1.07
N SER E 197 -6.37 17.98 0.15
CA SER E 197 -6.57 17.64 -1.26
C SER E 197 -5.44 18.23 -2.08
N CYS E 198 -4.20 18.01 -1.64
CA CYS E 198 -3.06 18.73 -2.20
C CYS E 198 -2.77 18.27 -3.63
N ASP E 199 -3.68 18.55 -4.54
CA ASP E 199 -3.51 18.19 -5.94
C ASP E 199 -4.26 19.20 -6.79
N LYS E 200 -4.17 19.03 -8.10
CA LYS E 200 -4.89 19.88 -9.03
C LYS E 200 -6.32 19.39 -9.28
N HIS E 201 -6.80 18.46 -8.46
CA HIS E 201 -8.20 18.05 -8.54
C HIS E 201 -9.09 19.21 -8.13
N TYR E 202 -10.18 19.40 -8.88
CA TYR E 202 -11.13 20.50 -8.73
C TYR E 202 -10.53 21.85 -9.11
N TRP E 203 -9.26 21.88 -9.54
CA TRP E 203 -8.66 23.10 -10.06
C TRP E 203 -8.76 23.21 -11.57
N ASP E 204 -9.21 22.16 -12.25
CA ASP E 204 -9.26 22.15 -13.70
C ASP E 204 -10.31 21.15 -14.15
N ALA E 205 -10.88 21.39 -15.33
CA ALA E 205 -11.85 20.47 -15.90
C ALA E 205 -11.18 19.16 -16.28
N ILE E 206 -11.96 18.08 -16.21
CA ILE E 206 -11.49 16.73 -16.54
C ILE E 206 -12.42 16.15 -17.59
N ARG E 207 -11.84 15.65 -18.68
CA ARG E 207 -12.58 14.94 -19.72
C ARG E 207 -11.83 13.66 -20.07
N PHE E 208 -12.58 12.61 -20.38
CA PHE E 208 -11.97 11.36 -20.81
C PHE E 208 -13.00 10.50 -21.51
N ARG E 209 -12.62 9.92 -22.64
CA ARG E 209 -13.48 9.02 -23.37
C ARG E 209 -13.39 7.62 -22.77
N TYR E 210 -14.12 6.68 -23.37
CA TYR E 210 -14.05 5.27 -23.00
C TYR E 210 -13.91 4.46 -24.27
N CYS E 211 -12.95 3.54 -24.28
CA CYS E 211 -12.71 2.67 -25.42
C CYS E 211 -12.87 1.22 -25.01
N ALA E 212 -13.64 0.47 -25.77
CA ALA E 212 -13.84 -0.95 -25.49
C ALA E 212 -12.61 -1.74 -25.92
N PRO E 213 -12.05 -2.59 -25.05
CA PRO E 213 -10.89 -3.39 -25.47
C PRO E 213 -11.22 -4.21 -26.70
N PRO E 214 -10.22 -4.81 -27.33
CA PRO E 214 -10.47 -5.60 -28.54
C PRO E 214 -11.44 -6.74 -28.26
N GLY E 215 -12.25 -7.05 -29.27
CA GLY E 215 -13.26 -8.07 -29.12
C GLY E 215 -14.56 -7.59 -28.52
N TYR E 216 -14.72 -6.28 -28.36
CA TYR E 216 -15.94 -5.70 -27.81
C TYR E 216 -16.29 -4.45 -28.59
N ALA E 217 -17.57 -4.10 -28.56
CA ALA E 217 -18.07 -2.92 -29.26
C ALA E 217 -19.09 -2.21 -28.40
N LEU E 218 -19.24 -0.92 -28.65
CA LEU E 218 -20.23 -0.09 -27.97
C LEU E 218 -21.34 0.27 -28.94
N LEU E 219 -22.58 0.03 -28.53
CA LEU E 219 -23.75 0.34 -29.34
C LEU E 219 -24.47 1.55 -28.75
N ARG E 220 -24.89 2.45 -29.64
CA ARG E 220 -25.59 3.67 -29.26
C ARG E 220 -26.88 3.77 -30.04
N CYS E 221 -27.99 4.07 -29.35
CA CYS E 221 -29.29 4.26 -29.99
C CYS E 221 -29.42 5.72 -30.37
N ASN E 222 -29.44 6.00 -31.67
CA ASN E 222 -29.51 7.37 -32.17
C ASN E 222 -30.93 7.87 -32.31
N ASP E 223 -31.93 7.04 -32.03
CA ASP E 223 -33.32 7.47 -32.14
C ASP E 223 -33.58 8.65 -31.20
N THR E 224 -34.23 9.69 -31.74
CA THR E 224 -34.41 10.92 -30.97
C THR E 224 -35.42 10.77 -29.84
N ASN E 225 -36.35 9.83 -29.94
CA ASN E 225 -37.37 9.63 -28.93
C ASN E 225 -36.89 8.82 -27.73
N TYR E 226 -35.58 8.64 -27.59
CA TYR E 226 -35.05 7.86 -26.48
C TYR E 226 -35.49 8.45 -25.15
N SER E 227 -35.88 7.57 -24.22
CA SER E 227 -36.36 7.99 -22.91
C SER E 227 -35.65 7.31 -21.75
N GLY E 228 -35.05 6.14 -21.93
CA GLY E 228 -34.33 5.49 -20.86
C GLY E 228 -34.53 3.99 -20.77
N PHE E 229 -35.69 3.50 -21.21
CA PHE E 229 -35.99 2.07 -21.18
C PHE E 229 -36.50 1.54 -22.51
N MET E 230 -36.37 2.31 -23.59
CA MET E 230 -36.90 1.89 -24.88
C MET E 230 -36.33 0.54 -25.26
N PRO E 231 -37.13 -0.53 -25.24
CA PRO E 231 -36.62 -1.84 -25.66
C PRO E 231 -36.47 -2.01 -27.17
N LYS E 232 -36.70 -0.95 -27.94
CA LYS E 232 -36.56 -0.99 -29.39
C LYS E 232 -35.81 0.26 -29.84
N CYS E 233 -35.11 0.13 -30.96
CA CYS E 233 -34.41 1.26 -31.55
C CYS E 233 -34.30 1.01 -33.04
N SER E 234 -35.09 1.73 -33.83
CA SER E 234 -34.99 1.61 -35.29
C SER E 234 -33.60 1.99 -35.76
N LYS E 235 -33.04 3.06 -35.21
CA LYS E 235 -31.71 3.54 -35.56
C LYS E 235 -30.74 3.16 -34.45
N VAL E 236 -29.66 2.47 -34.80
CA VAL E 236 -28.59 2.14 -33.86
C VAL E 236 -27.26 2.37 -34.56
N VAL E 237 -26.33 3.02 -33.87
CA VAL E 237 -25.02 3.38 -34.41
C VAL E 237 -23.94 2.79 -33.52
N VAL E 238 -22.95 2.15 -34.14
CA VAL E 238 -21.86 1.50 -33.43
C VAL E 238 -20.67 2.45 -33.41
N SER E 239 -19.89 2.36 -32.34
CA SER E 239 -18.69 3.18 -32.19
C SER E 239 -17.67 2.43 -31.34
N SER E 240 -16.41 2.49 -31.74
CA SER E 240 -15.36 1.81 -31.00
C SER E 240 -15.00 2.51 -29.69
N CYS E 241 -15.40 3.77 -29.53
CA CYS E 241 -15.12 4.50 -28.30
C CYS E 241 -16.25 5.49 -28.07
N THR E 242 -16.34 5.96 -26.82
CA THR E 242 -17.41 6.87 -26.43
C THR E 242 -17.04 8.31 -26.83
N ARG E 243 -17.80 9.27 -26.32
CA ARG E 243 -17.52 10.68 -26.49
C ARG E 243 -16.89 11.24 -25.22
N MET E 244 -16.67 12.55 -25.20
CA MET E 244 -16.21 13.21 -23.99
C MET E 244 -17.29 13.19 -22.92
N MET E 245 -16.86 13.40 -21.68
CA MET E 245 -17.75 13.45 -20.54
C MET E 245 -17.35 14.63 -19.66
N GLU E 246 -18.29 15.07 -18.83
CA GLU E 246 -18.03 16.09 -17.82
C GLU E 246 -18.02 15.42 -16.46
N THR E 247 -16.88 15.51 -15.77
CA THR E 247 -16.71 14.89 -14.46
C THR E 247 -17.18 15.79 -13.33
N GLN E 248 -17.68 16.98 -13.64
CA GLN E 248 -18.09 17.92 -12.59
C GLN E 248 -19.23 17.33 -11.78
N THR E 249 -19.24 17.67 -10.49
CA THR E 249 -20.29 17.27 -9.57
C THR E 249 -21.05 18.50 -9.10
N SER E 250 -22.38 18.41 -9.10
CA SER E 250 -23.22 19.52 -8.66
C SER E 250 -24.62 18.99 -8.39
N THR E 251 -25.46 19.86 -7.84
CA THR E 251 -26.83 19.52 -7.49
C THR E 251 -27.78 20.53 -8.14
N TRP E 252 -28.97 20.03 -8.49
CA TRP E 252 -30.05 20.83 -9.06
C TRP E 252 -29.79 21.23 -10.50
N PHE E 253 -28.60 20.97 -11.02
CA PHE E 253 -28.23 21.44 -12.35
C PHE E 253 -27.02 20.66 -12.82
N GLY E 254 -26.72 20.81 -14.11
CA GLY E 254 -25.53 20.22 -14.69
C GLY E 254 -24.86 21.17 -15.66
N PHE E 255 -23.58 21.44 -15.45
CA PHE E 255 -22.85 22.44 -16.23
C PHE E 255 -21.91 21.76 -17.22
N ASN E 256 -21.71 22.41 -18.36
CA ASN E 256 -20.78 21.97 -19.39
C ASN E 256 -21.11 20.57 -19.91
N GLY E 257 -22.35 20.13 -19.76
CA GLY E 257 -22.75 18.85 -20.30
C GLY E 257 -22.57 18.81 -21.81
N THR E 258 -21.97 17.74 -22.32
CA THR E 258 -21.64 17.66 -23.73
C THR E 258 -22.82 17.21 -24.59
N ARG E 259 -23.94 16.81 -23.99
CA ARG E 259 -25.06 16.27 -24.74
C ARG E 259 -26.12 17.33 -25.05
N ALA E 260 -25.72 18.59 -25.15
CA ALA E 260 -26.67 19.64 -25.48
C ALA E 260 -27.21 19.45 -26.89
N GLU E 261 -28.46 19.87 -27.08
CA GLU E 261 -29.13 19.76 -28.37
C GLU E 261 -30.32 20.69 -28.36
N ASN E 262 -30.89 20.94 -29.54
CA ASN E 262 -32.01 21.85 -29.67
C ASN E 262 -33.37 21.17 -29.46
N ARG E 263 -33.41 20.06 -28.73
CA ARG E 263 -34.67 19.44 -28.32
C ARG E 263 -34.60 19.16 -26.82
N THR E 264 -35.69 19.45 -26.12
CA THR E 264 -35.73 19.29 -24.66
C THR E 264 -36.14 17.86 -24.29
N TYR E 265 -35.36 16.91 -24.77
CA TYR E 265 -35.63 15.51 -24.46
C TYR E 265 -35.47 15.28 -22.96
N ILE E 266 -36.23 14.31 -22.45
CA ILE E 266 -36.25 13.97 -21.04
C ILE E 266 -35.97 12.49 -20.87
N TYR E 267 -35.06 12.14 -19.98
CA TYR E 267 -34.79 10.76 -19.63
C TYR E 267 -35.66 10.36 -18.45
N TRP E 268 -36.31 9.20 -18.55
CA TRP E 268 -37.19 8.70 -17.50
C TRP E 268 -36.74 7.30 -17.10
N HIS E 269 -36.69 7.06 -15.79
CA HIS E 269 -36.30 5.75 -15.24
C HIS E 269 -37.58 5.02 -14.87
N GLY E 270 -38.19 4.38 -15.87
CA GLY E 270 -39.53 3.82 -15.72
C GLY E 270 -39.74 2.95 -14.50
N ARG E 271 -38.67 2.46 -13.88
CA ARG E 271 -38.84 1.65 -12.67
C ARG E 271 -39.21 2.49 -11.46
N ASP E 272 -39.11 3.82 -11.55
CA ASP E 272 -39.59 4.72 -10.51
C ASP E 272 -39.72 6.10 -11.13
N ASN E 273 -39.87 7.12 -10.30
CA ASN E 273 -40.05 8.48 -10.79
C ASN E 273 -38.74 9.26 -10.87
N ARG E 274 -37.59 8.58 -10.76
CA ARG E 274 -36.31 9.24 -10.98
C ARG E 274 -36.26 9.82 -12.38
N THR E 275 -35.83 11.08 -12.48
CA THR E 275 -35.90 11.80 -13.74
C THR E 275 -34.76 12.81 -13.84
N ILE E 276 -34.36 13.10 -15.07
CA ILE E 276 -33.43 14.17 -15.38
C ILE E 276 -33.89 14.87 -16.64
N ILE E 277 -33.76 16.18 -16.68
CA ILE E 277 -34.24 17.01 -17.79
C ILE E 277 -33.05 17.71 -18.40
N SER E 278 -32.90 17.59 -19.72
CA SER E 278 -31.85 18.27 -20.45
C SER E 278 -32.43 19.52 -21.09
N LEU E 279 -31.89 20.68 -20.73
CA LEU E 279 -32.41 21.95 -21.24
C LEU E 279 -32.00 22.13 -22.69
N ASN E 280 -32.37 23.27 -23.25
CA ASN E 280 -32.12 23.59 -24.65
C ASN E 280 -31.03 24.64 -24.76
N LYS E 281 -30.15 24.46 -25.75
CA LYS E 281 -29.04 25.39 -25.95
C LYS E 281 -29.46 26.66 -26.69
N TYR E 282 -30.67 26.69 -27.26
CA TYR E 282 -31.09 27.86 -28.02
C TYR E 282 -31.25 29.09 -27.15
N TYR E 283 -31.57 28.91 -25.88
CA TYR E 283 -31.87 30.03 -25.00
C TYR E 283 -30.62 30.62 -24.34
N ASN E 284 -29.43 30.10 -24.65
CA ASN E 284 -28.19 30.63 -24.11
C ASN E 284 -28.21 30.66 -22.59
N LEU E 285 -28.65 29.56 -22.00
CA LEU E 285 -28.73 29.44 -20.54
C LEU E 285 -27.33 29.30 -19.99
N THR E 286 -26.81 30.39 -19.43
CA THR E 286 -25.48 30.41 -18.83
C THR E 286 -25.54 31.13 -17.50
N MET E 287 -24.78 30.64 -16.53
CA MET E 287 -24.75 31.22 -15.19
C MET E 287 -23.32 31.54 -14.81
N LYS E 288 -23.14 32.69 -14.15
CA LYS E 288 -21.83 33.16 -13.74
C LYS E 288 -21.78 33.23 -12.22
N CYS E 289 -20.73 32.65 -11.63
CA CYS E 289 -20.51 32.67 -10.20
C CYS E 289 -19.23 33.45 -9.92
N ARG E 290 -19.31 34.39 -8.98
CA ARG E 290 -18.17 35.25 -8.65
C ARG E 290 -18.12 35.44 -7.14
N ARG E 291 -16.92 35.33 -6.58
CA ARG E 291 -16.68 35.66 -5.18
C ARG E 291 -15.70 36.80 -5.08
N PRO E 292 -15.96 37.81 -4.25
CA PRO E 292 -15.05 38.95 -4.16
C PRO E 292 -13.92 38.70 -3.17
N GLY E 293 -12.99 39.66 -3.13
CA GLY E 293 -11.87 39.58 -2.22
C GLY E 293 -10.64 38.94 -2.85
N ASN E 294 -9.54 39.67 -2.87
CA ASN E 294 -8.28 39.16 -3.40
C ASN E 294 -7.59 38.38 -2.28
N LYS E 295 -7.56 37.06 -2.41
CA LYS E 295 -7.14 36.17 -1.34
C LYS E 295 -5.63 35.94 -1.35
N THR E 296 -5.13 35.44 -0.22
CA THR E 296 -3.71 35.12 -0.07
C THR E 296 -3.58 33.77 0.61
N VAL E 297 -2.47 33.09 0.34
CA VAL E 297 -2.23 31.74 0.85
C VAL E 297 -0.84 31.71 1.49
N LEU E 298 -0.76 31.14 2.70
CA LEU E 298 0.49 31.02 3.43
C LEU E 298 0.75 29.57 3.79
N PRO E 299 1.51 28.82 2.99
CA PRO E 299 1.73 27.41 3.31
C PRO E 299 2.42 27.23 4.66
N VAL E 300 2.04 26.17 5.37
CA VAL E 300 2.56 25.87 6.70
C VAL E 300 2.93 24.40 6.77
N THR E 301 4.18 24.12 7.13
CA THR E 301 4.63 22.75 7.34
C THR E 301 4.18 22.28 8.71
N ILE E 302 3.60 21.08 8.78
CA ILE E 302 2.85 20.63 9.95
C ILE E 302 3.43 19.37 10.57
N MET E 303 3.58 18.30 9.78
CA MET E 303 3.88 16.98 10.35
C MET E 303 5.16 16.37 9.81
N SER E 304 5.37 16.39 8.50
CA SER E 304 6.56 15.75 7.91
C SER E 304 7.14 16.63 6.81
N GLY E 305 7.02 17.94 6.95
CA GLY E 305 7.42 18.86 5.91
C GLY E 305 6.33 19.19 4.91
N LEU E 306 5.28 18.37 4.84
CA LEU E 306 4.16 18.66 3.96
C LEU E 306 3.43 19.90 4.45
N VAL E 307 2.90 20.66 3.49
CA VAL E 307 2.37 21.99 3.77
C VAL E 307 0.87 21.91 3.99
N PHE E 308 0.34 22.97 4.59
CA PHE E 308 -1.09 23.13 4.82
C PHE E 308 -1.47 24.56 4.44
N HIS E 309 -2.11 24.72 3.28
CA HIS E 309 -2.39 26.05 2.74
C HIS E 309 -3.35 26.79 3.64
N SER E 310 -2.85 27.78 4.36
CA SER E 310 -3.65 28.61 5.25
C SER E 310 -4.10 29.88 4.54
N GLN E 311 -5.08 30.56 5.14
CA GLN E 311 -5.63 31.80 4.62
C GLN E 311 -5.68 32.82 5.74
N PRO E 312 -4.59 33.56 5.99
CA PRO E 312 -4.58 34.50 7.11
C PRO E 312 -5.18 35.86 6.75
N ILE E 313 -5.93 35.92 5.64
CA ILE E 313 -6.48 37.18 5.17
C ILE E 313 -7.28 37.85 6.28
N ASN E 314 -7.11 39.17 6.41
CA ASN E 314 -7.78 39.95 7.44
C ASN E 314 -8.88 40.85 6.91
N ASP E 315 -8.98 41.04 5.60
CA ASP E 315 -10.06 41.84 5.04
C ASP E 315 -11.39 41.12 5.20
N ARG E 316 -12.47 41.89 5.07
CA ARG E 316 -13.83 41.39 5.28
C ARG E 316 -14.66 41.73 4.05
N PRO E 317 -14.52 40.97 2.98
CA PRO E 317 -15.25 41.27 1.74
C PRO E 317 -16.67 40.72 1.79
N LYS E 318 -17.43 41.06 0.75
CA LYS E 318 -18.80 40.59 0.64
C LYS E 318 -18.82 39.09 0.32
N GLN E 319 -19.99 38.49 0.49
CA GLN E 319 -20.14 37.07 0.26
C GLN E 319 -20.35 36.78 -1.23
N ALA E 320 -20.10 35.53 -1.61
CA ALA E 320 -20.19 35.13 -3.00
C ALA E 320 -21.63 35.13 -3.48
N TRP E 321 -21.80 35.11 -4.80
CA TRP E 321 -23.12 35.14 -5.40
C TRP E 321 -23.01 34.75 -6.86
N CYS E 322 -24.14 34.35 -7.44
CA CYS E 322 -24.25 34.04 -8.86
C CYS E 322 -25.55 34.62 -9.39
N TRP E 323 -25.51 35.19 -10.59
CA TRP E 323 -26.65 35.93 -11.12
C TRP E 323 -27.27 35.29 -12.35
N PHE E 324 -26.84 34.10 -12.74
CA PHE E 324 -27.49 33.36 -13.82
C PHE E 324 -27.55 34.19 -15.10
N GLY E 325 -28.69 34.83 -15.36
CA GLY E 325 -28.86 35.63 -16.55
C GLY E 325 -29.31 34.80 -17.74
N GLY E 326 -29.62 35.52 -18.82
CA GLY E 326 -30.13 34.90 -20.02
C GLY E 326 -31.64 34.70 -19.96
N LYS E 327 -32.19 34.26 -21.09
CA LYS E 327 -33.62 34.02 -21.19
C LYS E 327 -34.00 32.77 -20.40
N TRP E 328 -34.38 32.95 -19.14
CA TRP E 328 -34.75 31.83 -18.28
C TRP E 328 -36.26 31.58 -18.27
N LYS E 329 -37.06 32.64 -18.28
CA LYS E 329 -38.50 32.46 -18.19
C LYS E 329 -39.05 31.69 -19.38
N ASP E 330 -38.59 32.02 -20.59
CA ASP E 330 -39.06 31.32 -21.78
C ASP E 330 -38.58 29.87 -21.79
N ALA E 331 -37.33 29.64 -21.41
CA ALA E 331 -36.77 28.28 -21.48
C ALA E 331 -37.50 27.33 -20.56
N ILE E 332 -37.75 27.75 -19.32
CA ILE E 332 -38.32 26.83 -18.33
C ILE E 332 -39.73 26.42 -18.73
N LYS E 333 -40.49 27.31 -19.36
CA LYS E 333 -41.85 26.97 -19.75
C LYS E 333 -41.87 25.77 -20.69
N GLU E 334 -40.92 25.73 -21.63
CA GLU E 334 -40.83 24.59 -22.54
C GLU E 334 -40.62 23.29 -21.77
N VAL E 335 -39.90 23.35 -20.64
CA VAL E 335 -39.69 22.14 -19.84
C VAL E 335 -41.00 21.60 -19.32
N LYS E 336 -41.83 22.48 -18.74
CA LYS E 336 -43.12 22.04 -18.22
C LYS E 336 -44.01 21.53 -19.35
N GLN E 337 -43.97 22.19 -20.50
CA GLN E 337 -44.72 21.71 -21.66
C GLN E 337 -44.31 20.28 -22.01
N THR E 338 -43.00 20.01 -21.99
CA THR E 338 -42.50 18.71 -22.44
C THR E 338 -42.97 17.59 -21.53
N ILE E 339 -43.05 17.84 -20.22
CA ILE E 339 -43.48 16.79 -19.30
C ILE E 339 -44.88 16.32 -19.66
N VAL E 340 -45.76 17.25 -20.02
CA VAL E 340 -47.13 16.87 -20.37
C VAL E 340 -47.13 15.99 -21.62
N LYS E 341 -46.36 16.38 -22.64
CA LYS E 341 -46.37 15.64 -23.89
C LYS E 341 -45.57 14.34 -23.82
N HIS E 342 -44.79 14.13 -22.77
CA HIS E 342 -43.98 12.92 -22.70
C HIS E 342 -44.87 11.69 -22.50
N PRO E 343 -44.52 10.54 -23.09
CA PRO E 343 -45.20 9.29 -22.70
C PRO E 343 -45.17 9.10 -21.19
N ARG E 344 -46.03 8.23 -20.68
CA ARG E 344 -46.22 8.11 -19.24
C ARG E 344 -46.78 9.42 -18.70
N TYR E 345 -46.57 9.70 -17.41
CA TYR E 345 -47.05 10.92 -16.77
C TYR E 345 -48.58 11.03 -16.91
N THR E 346 -49.26 10.08 -16.27
CA THR E 346 -50.72 10.08 -16.22
C THR E 346 -51.17 11.06 -15.13
N GLY E 347 -50.92 12.34 -15.39
CA GLY E 347 -51.24 13.39 -14.45
C GLY E 347 -51.98 14.55 -15.09
N THR E 348 -51.93 15.71 -14.45
CA THR E 348 -52.65 16.88 -14.95
C THR E 348 -51.98 17.41 -16.22
N ASN E 349 -52.70 18.30 -16.89
CA ASN E 349 -52.19 18.97 -18.09
C ASN E 349 -52.27 20.48 -17.97
N ASN E 350 -52.50 21.01 -16.78
CA ASN E 350 -52.59 22.46 -16.57
C ASN E 350 -51.20 22.99 -16.27
N THR E 351 -50.60 23.65 -17.26
CA THR E 351 -49.23 24.15 -17.11
C THR E 351 -49.13 25.14 -15.96
N ASP E 352 -50.08 26.06 -15.86
CA ASP E 352 -50.08 27.06 -14.79
C ASP E 352 -50.39 26.45 -13.42
N LYS E 353 -50.53 25.13 -13.30
CA LYS E 353 -50.65 24.48 -11.99
C LYS E 353 -49.46 23.60 -11.65
N ILE E 354 -48.59 23.30 -12.60
CA ILE E 354 -47.34 22.60 -12.31
C ILE E 354 -46.29 23.63 -11.91
N ASN E 355 -45.66 23.43 -10.75
CA ASN E 355 -44.70 24.38 -10.23
C ASN E 355 -43.45 23.65 -9.76
N LEU E 356 -42.30 24.30 -9.93
CA LEU E 356 -41.01 23.76 -9.55
C LEU E 356 -40.64 24.31 -8.18
N THR E 357 -40.47 23.42 -7.20
CA THR E 357 -40.18 23.81 -5.83
C THR E 357 -39.07 22.94 -5.26
N ALA E 358 -38.36 23.47 -4.27
CA ALA E 358 -37.31 22.73 -3.61
C ALA E 358 -37.90 21.65 -2.72
N PRO E 359 -37.10 20.65 -2.34
CA PRO E 359 -37.60 19.63 -1.42
C PRO E 359 -37.97 20.24 -0.07
N GLY E 360 -38.54 19.41 0.78
CA GLY E 360 -39.06 19.87 2.06
C GLY E 360 -37.98 20.16 3.09
N GLY E 361 -36.98 20.95 2.71
CA GLY E 361 -35.95 21.32 3.65
C GLY E 361 -35.26 20.10 4.24
N GLY E 362 -35.08 20.12 5.55
CA GLY E 362 -34.44 19.00 6.25
C GLY E 362 -32.96 19.23 6.40
N ASP E 363 -32.15 18.27 5.96
CA ASP E 363 -30.71 18.38 6.08
C ASP E 363 -30.19 19.53 5.20
N PRO E 364 -29.14 20.23 5.64
CA PRO E 364 -28.58 21.29 4.79
C PRO E 364 -28.05 20.76 3.46
N GLU E 365 -27.75 19.47 3.36
CA GLU E 365 -27.20 18.94 2.12
C GLU E 365 -28.17 19.13 0.96
N VAL E 366 -29.46 18.87 1.19
CA VAL E 366 -30.44 18.93 0.11
C VAL E 366 -31.13 20.29 0.00
N THR E 367 -31.14 21.09 1.06
CA THR E 367 -31.85 22.35 1.02
C THR E 367 -31.23 23.31 0.02
N PHE E 368 -29.90 23.36 -0.05
CA PHE E 368 -29.19 24.28 -0.92
C PHE E 368 -28.71 23.57 -2.18
N MET E 369 -28.28 24.38 -3.15
CA MET E 369 -27.54 23.89 -4.30
C MET E 369 -26.06 23.84 -3.94
N TRP E 370 -25.35 22.89 -4.55
CA TRP E 370 -23.91 22.74 -4.34
C TRP E 370 -23.22 22.80 -5.69
N THR E 371 -22.57 23.93 -5.97
CA THR E 371 -21.87 24.15 -7.23
C THR E 371 -20.40 24.37 -6.96
N ASN E 372 -19.55 23.75 -7.77
CA ASN E 372 -18.11 23.88 -7.68
C ASN E 372 -17.58 24.59 -8.91
N CYS E 373 -16.57 25.42 -8.71
CA CYS E 373 -15.87 26.05 -9.83
C CYS E 373 -14.46 26.40 -9.37
N ARG E 374 -13.48 25.71 -9.93
CA ARG E 374 -12.07 26.00 -9.71
C ARG E 374 -11.73 25.99 -8.22
N GLY E 375 -11.89 24.83 -7.61
CA GLY E 375 -11.39 24.59 -6.25
C GLY E 375 -12.34 24.80 -5.09
N GLU E 376 -12.94 25.98 -5.00
CA GLU E 376 -13.74 26.36 -3.84
C GLU E 376 -15.21 26.04 -4.08
N PHE E 377 -15.79 25.27 -3.17
CA PHE E 377 -17.20 24.89 -3.29
C PHE E 377 -18.09 26.01 -2.79
N LEU E 378 -19.22 26.20 -3.45
CA LEU E 378 -20.21 27.22 -3.11
C LEU E 378 -21.56 26.55 -2.92
N TYR E 379 -22.24 26.88 -1.83
CA TYR E 379 -23.62 26.44 -1.60
C TYR E 379 -24.51 27.66 -1.47
N CYS E 380 -25.57 27.70 -2.26
CA CYS E 380 -26.39 28.89 -2.45
C CYS E 380 -27.81 28.66 -1.95
N LYS E 381 -28.41 29.73 -1.41
CA LYS E 381 -29.77 29.62 -0.89
C LYS E 381 -30.76 29.24 -1.98
N MET E 382 -30.66 29.88 -3.14
CA MET E 382 -31.38 29.54 -4.36
C MET E 382 -32.86 29.90 -4.31
N ASN E 383 -33.37 30.36 -3.15
CA ASN E 383 -34.80 30.60 -3.03
C ASN E 383 -35.27 31.69 -3.99
N TRP E 384 -34.50 32.78 -4.10
CA TRP E 384 -34.95 33.91 -4.92
C TRP E 384 -35.11 33.50 -6.38
N PHE E 385 -34.17 32.71 -6.90
CA PHE E 385 -34.23 32.32 -8.31
C PHE E 385 -35.54 31.61 -8.62
N LEU E 386 -36.00 30.76 -7.71
CA LEU E 386 -37.28 30.08 -7.92
C LEU E 386 -38.44 31.08 -7.95
N ASN E 387 -38.38 32.10 -7.10
CA ASN E 387 -39.49 33.05 -7.02
C ASN E 387 -39.65 33.80 -8.35
N TRP E 388 -38.54 34.26 -8.94
CA TRP E 388 -38.64 35.07 -10.14
C TRP E 388 -38.98 34.24 -11.37
N VAL E 389 -38.43 33.02 -11.46
CA VAL E 389 -38.61 32.23 -12.67
C VAL E 389 -40.09 31.84 -12.83
N GLU E 390 -40.78 31.59 -11.71
CA GLU E 390 -42.20 31.28 -11.76
C GLU E 390 -43.09 32.47 -11.44
N ASP E 391 -42.57 33.49 -10.76
CA ASP E 391 -43.33 34.70 -10.45
C ASP E 391 -44.54 34.38 -9.58
N ARG E 392 -44.35 33.50 -8.60
CA ARG E 392 -45.43 33.11 -7.71
C ARG E 392 -45.55 34.11 -6.56
N ASN E 393 -46.64 34.01 -5.82
CA ASN E 393 -46.86 34.88 -4.67
C ASN E 393 -45.83 34.60 -3.57
N THR E 394 -45.43 35.65 -2.88
CA THR E 394 -44.42 35.58 -1.84
C THR E 394 -45.00 35.66 -0.43
N ALA E 395 -46.32 35.54 -0.30
CA ALA E 395 -46.94 35.72 1.02
C ALA E 395 -46.44 34.67 2.02
N ASN E 396 -46.31 33.42 1.58
CA ASN E 396 -45.96 32.34 2.50
C ASN E 396 -44.57 32.56 3.10
N GLN E 397 -43.61 33.00 2.28
CA GLN E 397 -42.23 33.06 2.71
C GLN E 397 -41.98 34.25 3.63
N LYS E 398 -40.84 34.21 4.31
CA LYS E 398 -40.43 35.26 5.22
C LYS E 398 -40.02 36.50 4.43
N PRO E 399 -39.96 37.67 5.09
CA PRO E 399 -39.56 38.89 4.36
C PRO E 399 -38.20 38.77 3.68
N LYS E 400 -37.24 38.09 4.30
CA LYS E 400 -35.92 37.96 3.70
C LYS E 400 -35.97 37.21 2.38
N GLU E 401 -37.03 36.43 2.13
CA GLU E 401 -37.20 35.68 0.90
C GLU E 401 -38.37 36.21 0.07
N GLN E 402 -38.84 37.42 0.38
CA GLN E 402 -40.05 37.97 -0.25
C GLN E 402 -39.78 38.61 -1.60
N HIS E 403 -38.53 38.73 -2.03
CA HIS E 403 -38.18 39.45 -3.23
C HIS E 403 -37.95 38.50 -4.39
N LYS E 404 -38.27 38.96 -5.60
CA LYS E 404 -37.98 38.24 -6.83
C LYS E 404 -36.77 38.89 -7.48
N ARG E 405 -35.73 38.10 -7.72
CA ARG E 405 -34.48 38.63 -8.24
C ARG E 405 -33.85 37.60 -9.17
N ASN E 406 -32.99 38.10 -10.06
CA ASN E 406 -32.30 37.24 -11.02
C ASN E 406 -31.10 36.53 -10.41
N TYR E 407 -30.61 36.97 -9.26
CA TYR E 407 -29.43 36.43 -8.62
C TYR E 407 -29.77 35.82 -7.26
N VAL E 408 -28.80 35.12 -6.70
CA VAL E 408 -28.98 34.45 -5.41
C VAL E 408 -27.70 34.57 -4.59
N PRO E 409 -27.79 34.47 -3.27
CA PRO E 409 -26.60 34.50 -2.43
C PRO E 409 -26.00 33.11 -2.24
N CYS E 410 -24.76 33.10 -1.76
CA CYS E 410 -24.05 31.85 -1.53
C CYS E 410 -23.05 32.04 -0.39
N HIS E 411 -22.53 30.92 0.09
CA HIS E 411 -21.47 30.90 1.09
C HIS E 411 -20.50 29.78 0.77
N ILE E 412 -19.30 29.86 1.33
CA ILE E 412 -18.23 28.90 1.06
C ILE E 412 -18.09 27.99 2.27
N ARG E 413 -17.95 26.70 2.01
CA ARG E 413 -17.65 25.70 3.04
C ARG E 413 -16.41 24.93 2.61
N GLN E 414 -15.40 24.92 3.48
CA GLN E 414 -14.09 24.36 3.14
C GLN E 414 -13.90 22.92 3.61
N ILE E 415 -14.79 22.38 4.43
CA ILE E 415 -14.73 20.99 4.85
C ILE E 415 -15.87 20.30 4.12
N ILE E 416 -15.56 19.72 2.96
CA ILE E 416 -16.57 19.14 2.07
C ILE E 416 -16.60 17.64 2.26
N ASN E 417 -17.80 17.11 2.45
CA ASN E 417 -18.04 15.66 2.37
C ASN E 417 -18.40 15.38 0.92
N THR E 418 -17.44 14.83 0.17
CA THR E 418 -17.63 14.63 -1.26
C THR E 418 -18.87 13.78 -1.52
N TRP E 419 -19.70 14.23 -2.46
CA TRP E 419 -20.99 13.57 -2.68
C TRP E 419 -20.82 12.21 -3.33
N HIS E 420 -19.91 12.10 -4.29
CA HIS E 420 -19.81 10.86 -5.06
C HIS E 420 -19.39 9.69 -4.16
N LYS E 421 -20.16 8.62 -4.22
CA LYS E 421 -19.87 7.36 -3.51
C LYS E 421 -19.87 7.64 -2.01
N VAL E 422 -18.98 7.02 -1.24
CA VAL E 422 -19.09 7.03 0.22
C VAL E 422 -19.00 8.46 0.76
N GLY E 423 -18.07 9.25 0.23
CA GLY E 423 -17.92 10.61 0.69
C GLY E 423 -17.16 10.75 1.99
N LYS E 424 -15.89 10.36 1.98
CA LYS E 424 -15.03 10.62 3.13
C LYS E 424 -14.67 12.09 3.18
N ASN E 425 -14.65 12.66 4.38
CA ASN E 425 -14.37 14.08 4.53
C ASN E 425 -12.95 14.40 4.05
N VAL E 426 -12.80 15.59 3.44
CA VAL E 426 -11.51 16.10 3.00
C VAL E 426 -11.49 17.60 3.23
N TYR E 427 -10.36 18.22 2.88
CA TYR E 427 -10.17 19.65 3.01
C TYR E 427 -9.71 20.21 1.68
N LEU E 428 -10.36 21.29 1.22
CA LEU E 428 -10.07 21.86 -0.09
C LEU E 428 -9.19 23.09 0.08
N PRO E 429 -7.99 23.14 -0.49
CA PRO E 429 -7.16 24.33 -0.35
C PRO E 429 -7.84 25.53 -0.96
N PRO E 430 -7.62 26.72 -0.41
CA PRO E 430 -8.25 27.92 -1.00
C PRO E 430 -7.43 28.46 -2.16
N ARG E 431 -8.13 28.93 -3.19
CA ARG E 431 -7.47 29.49 -4.35
C ARG E 431 -7.05 30.93 -4.08
N GLU E 432 -5.86 31.28 -4.55
CA GLU E 432 -5.35 32.64 -4.40
C GLU E 432 -5.92 33.53 -5.50
N GLY E 433 -5.97 34.83 -5.21
CA GLY E 433 -6.48 35.79 -6.16
C GLY E 433 -7.99 35.86 -6.18
N ASP E 434 -8.50 36.62 -7.15
CA ASP E 434 -9.94 36.83 -7.29
C ASP E 434 -10.50 35.82 -8.29
N LEU E 435 -11.58 35.15 -7.90
CA LEU E 435 -12.19 34.11 -8.71
C LEU E 435 -13.45 34.64 -9.38
N THR E 436 -13.57 34.39 -10.68
CA THR E 436 -14.77 34.71 -11.45
C THR E 436 -14.98 33.56 -12.43
N CYS E 437 -15.77 32.57 -12.02
CA CYS E 437 -15.99 31.37 -12.81
C CYS E 437 -17.31 31.48 -13.56
N ASN E 438 -17.28 31.12 -14.84
CA ASN E 438 -18.44 31.19 -15.71
C ASN E 438 -18.68 29.83 -16.34
N SER E 439 -19.94 29.37 -16.29
CA SER E 439 -20.31 28.05 -16.78
C SER E 439 -21.63 28.15 -17.54
N THR E 440 -21.92 27.11 -18.32
CA THR E 440 -23.14 27.02 -19.10
C THR E 440 -23.99 25.87 -18.59
N VAL E 441 -25.27 26.15 -18.36
CA VAL E 441 -26.20 25.15 -17.82
C VAL E 441 -26.86 24.41 -18.97
N THR E 442 -26.81 23.07 -18.93
CA THR E 442 -27.40 22.27 -19.99
C THR E 442 -28.12 21.03 -19.48
N SER E 443 -28.52 20.99 -18.22
CA SER E 443 -29.28 19.86 -17.71
C SER E 443 -29.92 20.23 -16.39
N LEU E 444 -30.92 19.44 -15.99
CA LEU E 444 -31.66 19.65 -14.75
C LEU E 444 -32.01 18.29 -14.16
N ILE E 445 -31.67 18.10 -12.89
CA ILE E 445 -31.97 16.87 -12.17
C ILE E 445 -33.21 17.14 -11.33
N ALA E 446 -34.24 16.31 -11.49
CA ALA E 446 -35.50 16.55 -10.80
C ALA E 446 -36.23 15.24 -10.57
N ASN E 447 -37.01 15.20 -9.49
CA ASN E 447 -37.92 14.11 -9.18
C ASN E 447 -39.34 14.65 -9.34
N ILE E 448 -40.11 14.03 -10.23
CA ILE E 448 -41.49 14.43 -10.49
C ILE E 448 -42.40 13.56 -9.64
N ASP E 449 -43.21 14.19 -8.79
CA ASP E 449 -44.12 13.48 -7.90
C ASP E 449 -45.51 14.08 -8.04
N TRP E 450 -46.51 13.21 -8.23
CA TRP E 450 -47.91 13.62 -8.23
C TRP E 450 -48.72 12.47 -7.66
N ILE E 451 -49.47 12.73 -6.59
CA ILE E 451 -50.27 11.71 -5.93
C ILE E 451 -51.73 11.92 -6.30
N ASP E 452 -52.12 13.18 -6.51
CA ASP E 452 -53.47 13.55 -6.88
C ASP E 452 -53.47 14.04 -8.33
N GLY E 453 -54.63 14.46 -8.79
CA GLY E 453 -54.76 15.02 -10.12
C GLY E 453 -54.42 16.49 -10.24
N ASN E 454 -53.98 17.11 -9.14
CA ASN E 454 -53.69 18.54 -9.12
C ASN E 454 -52.36 18.78 -8.41
N GLN E 455 -51.72 19.90 -8.76
CA GLN E 455 -50.50 20.36 -8.10
C GLN E 455 -49.38 19.33 -8.22
N THR E 456 -48.96 19.11 -9.46
CA THR E 456 -47.79 18.29 -9.72
C THR E 456 -46.52 19.02 -9.29
N ASN E 457 -45.56 18.26 -8.79
CA ASN E 457 -44.34 18.81 -8.21
C ASN E 457 -43.13 18.43 -9.06
N ILE E 458 -42.33 19.43 -9.42
CA ILE E 458 -41.01 19.21 -10.00
C ILE E 458 -40.02 19.44 -8.86
N THR E 459 -39.70 18.36 -8.14
CA THR E 459 -38.85 18.46 -6.96
C THR E 459 -37.40 18.31 -7.37
N MET E 460 -36.56 19.25 -6.95
CA MET E 460 -35.14 19.17 -7.21
C MET E 460 -34.53 18.03 -6.39
N SER E 461 -33.52 17.38 -6.97
CA SER E 461 -32.86 16.24 -6.35
C SER E 461 -31.40 16.58 -6.10
N ALA E 462 -30.91 16.26 -4.89
CA ALA E 462 -29.52 16.46 -4.52
C ALA E 462 -28.65 15.26 -4.86
N GLU E 463 -29.06 14.44 -5.82
CA GLU E 463 -28.34 13.25 -6.21
C GLU E 463 -27.43 13.60 -7.37
N VAL E 464 -26.14 13.25 -7.25
CA VAL E 464 -25.15 13.70 -8.23
C VAL E 464 -24.85 12.64 -9.29
N ALA E 465 -24.86 11.37 -8.92
CA ALA E 465 -24.34 10.33 -9.82
C ALA E 465 -25.17 10.18 -11.08
N GLU E 466 -26.42 10.66 -11.10
CA GLU E 466 -27.23 10.54 -12.29
C GLU E 466 -26.73 11.41 -13.44
N LEU E 467 -25.90 12.41 -13.16
CA LEU E 467 -25.32 13.19 -14.25
C LEU E 467 -24.56 12.29 -15.21
N TYR E 468 -23.72 11.40 -14.68
CA TYR E 468 -22.98 10.48 -15.53
C TYR E 468 -23.90 9.58 -16.33
N ARG E 469 -25.14 9.37 -15.88
CA ARG E 469 -26.09 8.60 -16.67
C ARG E 469 -26.60 9.40 -17.86
N LEU E 470 -26.67 10.73 -17.73
CA LEU E 470 -27.02 11.56 -18.87
C LEU E 470 -25.94 11.47 -19.96
N GLU E 471 -24.67 11.52 -19.55
CA GLU E 471 -23.58 11.58 -20.52
C GLU E 471 -23.51 10.31 -21.36
N LEU E 472 -23.66 9.16 -20.72
CA LEU E 472 -23.41 7.87 -21.38
C LEU E 472 -24.58 6.91 -21.20
N GLY E 473 -25.77 7.43 -20.91
CA GLY E 473 -26.92 6.56 -20.71
C GLY E 473 -27.27 5.73 -21.93
N ASP E 474 -27.09 6.29 -23.12
CA ASP E 474 -27.52 5.64 -24.35
C ASP E 474 -26.40 4.85 -25.01
N TYR E 475 -25.51 4.27 -24.20
CA TYR E 475 -24.41 3.44 -24.69
C TYR E 475 -24.53 2.06 -24.07
N LYS E 476 -24.51 1.03 -24.92
CA LYS E 476 -24.59 -0.36 -24.50
C LYS E 476 -23.34 -1.09 -24.96
N LEU E 477 -22.72 -1.84 -24.04
CA LEU E 477 -21.48 -2.56 -24.31
C LEU E 477 -21.81 -4.03 -24.51
N VAL E 478 -21.35 -4.57 -25.64
CA VAL E 478 -21.64 -5.96 -26.01
C VAL E 478 -20.34 -6.64 -26.41
N GLU E 479 -20.30 -7.95 -26.23
CA GLU E 479 -19.15 -8.77 -26.57
C GLU E 479 -19.47 -9.58 -27.81
N ILE E 480 -18.57 -9.55 -28.79
CA ILE E 480 -18.83 -10.23 -30.05
C ILE E 480 -18.68 -11.74 -29.85
N THR E 481 -19.53 -12.50 -30.54
CA THR E 481 -19.56 -13.96 -30.46
C THR E 481 -19.45 -14.51 -31.87
N PRO E 482 -18.25 -14.53 -32.43
CA PRO E 482 -18.09 -14.85 -33.86
C PRO E 482 -18.22 -16.32 -34.21
N ILE E 483 -18.70 -17.17 -33.30
CA ILE E 483 -18.87 -18.59 -33.57
C ILE E 483 -20.37 -18.88 -33.66
N GLY E 484 -20.80 -19.40 -34.80
CA GLY E 484 -22.20 -19.72 -35.01
C GLY E 484 -22.37 -21.11 -35.56
N LEU E 485 -23.41 -21.79 -35.10
CA LEU E 485 -23.68 -23.18 -35.45
C LEU E 485 -25.05 -23.26 -36.11
N ALA E 486 -25.08 -23.72 -37.35
CA ALA E 486 -26.30 -23.78 -38.15
C ALA E 486 -26.37 -25.11 -38.89
N PRO E 487 -27.57 -25.56 -39.24
CA PRO E 487 -27.70 -26.87 -39.89
C PRO E 487 -27.14 -26.87 -41.30
N THR E 488 -26.71 -28.04 -41.74
CA THR E 488 -26.29 -28.22 -43.13
C THR E 488 -26.27 -29.71 -43.44
N ASP E 489 -26.74 -30.07 -44.63
CA ASP E 489 -26.83 -31.48 -45.02
C ASP E 489 -25.47 -32.09 -45.34
N CYS E 490 -24.45 -31.27 -45.58
CA CYS E 490 -23.14 -31.78 -45.93
C CYS E 490 -22.52 -32.55 -44.77
N LYS E 491 -21.74 -33.58 -45.10
CA LYS E 491 -21.06 -34.40 -44.12
C LYS E 491 -19.55 -34.20 -44.25
N ARG E 492 -18.83 -34.56 -43.18
CA ARG E 492 -17.39 -34.37 -43.15
C ARG E 492 -16.70 -35.13 -44.28
N TYR E 493 -17.25 -36.28 -44.67
CA TYR E 493 -16.62 -37.12 -45.68
C TYR E 493 -15.24 -37.56 -45.21
N THR E 494 -14.38 -37.97 -46.14
CA THR E 494 -13.03 -38.40 -45.80
C THR E 494 -12.04 -37.99 -46.89
N THR F 1 3.31 -8.61 -65.13
CA THR F 1 3.01 -7.64 -64.08
C THR F 1 3.69 -8.03 -62.78
N LEU F 2 3.76 -7.08 -61.85
CA LEU F 2 4.41 -7.29 -60.56
C LEU F 2 3.36 -7.21 -59.45
N TYR F 3 3.43 -8.17 -58.52
CA TYR F 3 2.50 -8.25 -57.41
C TYR F 3 3.27 -8.30 -56.10
N VAL F 4 2.64 -7.77 -55.04
CA VAL F 4 3.28 -7.76 -53.73
C VAL F 4 3.38 -9.19 -53.21
N THR F 5 4.48 -9.47 -52.49
CA THR F 5 4.70 -10.77 -51.87
C THR F 5 5.20 -10.58 -50.45
N VAL F 6 4.79 -11.47 -49.56
CA VAL F 6 5.14 -11.40 -48.15
C VAL F 6 6.32 -12.33 -47.90
N PHE F 7 7.21 -11.91 -47.00
CA PHE F 7 8.34 -12.72 -46.60
C PHE F 7 8.43 -12.75 -45.08
N TYR F 8 8.70 -13.93 -44.53
CA TYR F 8 8.86 -14.12 -43.10
C TYR F 8 10.28 -14.60 -42.81
N GLY F 9 10.78 -14.25 -41.64
CA GLY F 9 12.15 -14.55 -41.29
C GLY F 9 13.17 -13.59 -41.85
N VAL F 10 12.74 -12.41 -42.29
CA VAL F 10 13.69 -11.44 -42.83
C VAL F 10 14.62 -10.98 -41.71
N PRO F 11 15.94 -10.88 -41.94
CA PRO F 11 16.83 -10.33 -40.91
C PRO F 11 16.87 -8.81 -40.92
N ALA F 12 15.86 -8.20 -40.29
CA ALA F 12 15.73 -6.75 -40.23
C ALA F 12 15.37 -6.35 -38.82
N TRP F 13 15.72 -5.11 -38.45
CA TRP F 13 15.47 -4.61 -37.11
C TRP F 13 15.28 -3.10 -37.17
N ARG F 14 14.66 -2.57 -36.10
CA ARG F 14 14.36 -1.15 -36.00
C ARG F 14 14.73 -0.67 -34.60
N ASN F 15 14.67 0.65 -34.42
CA ASN F 15 14.85 1.21 -33.09
C ASN F 15 13.76 0.69 -32.16
N ALA F 16 14.12 0.49 -30.90
CA ALA F 16 13.17 -0.03 -29.91
C ALA F 16 13.46 0.58 -28.55
N THR F 17 12.42 0.67 -27.73
CA THR F 17 12.53 1.21 -26.36
C THR F 17 11.60 0.38 -25.49
N ILE F 18 12.17 -0.66 -24.86
CA ILE F 18 11.40 -1.57 -24.01
C ILE F 18 12.20 -1.84 -22.74
N PRO F 19 11.56 -2.00 -21.58
CA PRO F 19 12.33 -2.35 -20.37
C PRO F 19 13.01 -3.69 -20.51
N LEU F 20 14.13 -3.84 -19.81
CA LEU F 20 14.99 -5.01 -19.92
C LEU F 20 15.06 -5.75 -18.60
N PHE F 21 15.24 -7.07 -18.69
CA PHE F 21 15.47 -7.88 -17.51
C PHE F 21 16.86 -7.59 -16.93
N CYS F 22 17.08 -8.06 -15.70
CA CYS F 22 18.37 -7.93 -15.03
C CYS F 22 18.78 -9.28 -14.49
N ALA F 23 19.97 -9.75 -14.90
CA ALA F 23 20.56 -10.99 -14.40
C ALA F 23 21.66 -10.63 -13.41
N THR F 24 21.74 -11.39 -12.32
CA THR F 24 22.51 -10.99 -11.15
C THR F 24 23.73 -11.87 -10.87
N LYS F 25 23.53 -13.18 -10.69
CA LYS F 25 24.52 -14.10 -10.13
C LYS F 25 24.60 -13.98 -8.62
N ASN F 26 23.69 -13.24 -7.99
CA ASN F 26 23.69 -13.06 -6.54
C ASN F 26 22.28 -12.71 -6.11
N ARG F 27 22.09 -12.56 -4.80
CA ARG F 27 20.78 -12.18 -4.24
C ARG F 27 20.96 -11.17 -3.11
N ASP F 28 21.79 -10.16 -3.32
CA ASP F 28 22.05 -9.13 -2.32
C ASP F 28 21.31 -7.85 -2.72
N THR F 29 20.27 -7.52 -1.96
CA THR F 29 19.41 -6.34 -2.12
C THR F 29 18.43 -6.51 -3.27
N TRP F 30 18.49 -7.60 -4.03
CA TRP F 30 17.54 -7.87 -5.10
C TRP F 30 16.79 -9.17 -4.87
N GLY F 31 17.50 -10.27 -4.67
CA GLY F 31 16.84 -11.55 -4.65
C GLY F 31 16.21 -11.84 -6.00
N THR F 32 15.15 -12.64 -5.98
CA THR F 32 14.36 -12.92 -7.16
C THR F 32 13.24 -11.89 -7.37
N THR F 33 13.07 -10.96 -6.42
CA THR F 33 11.95 -10.03 -6.49
C THR F 33 12.05 -9.12 -7.72
N GLN F 34 13.26 -8.85 -8.21
CA GLN F 34 13.44 -7.96 -9.35
C GLN F 34 14.39 -8.47 -10.41
N CYS F 35 15.30 -9.39 -10.10
CA CYS F 35 16.32 -9.83 -11.04
C CYS F 35 16.41 -11.36 -11.04
N LEU F 36 16.56 -11.92 -12.24
CA LEU F 36 16.72 -13.36 -12.40
C LEU F 36 18.16 -13.78 -12.11
N PRO F 37 18.39 -15.06 -11.84
CA PRO F 37 19.77 -15.53 -11.67
C PRO F 37 20.53 -15.51 -12.98
N ASP F 38 21.85 -15.42 -12.86
CA ASP F 38 22.70 -15.23 -14.03
C ASP F 38 22.71 -16.46 -14.93
N ASN F 39 23.03 -16.23 -16.20
CA ASN F 39 23.12 -17.29 -17.19
C ASN F 39 24.56 -17.79 -17.35
N GLY F 40 25.51 -16.87 -17.50
CA GLY F 40 26.91 -17.24 -17.60
C GLY F 40 27.41 -17.43 -19.02
N ASP F 41 26.81 -16.77 -20.00
CA ASP F 41 27.23 -16.86 -21.39
C ASP F 41 27.49 -15.47 -21.94
N TYR F 42 28.56 -15.33 -22.72
CA TYR F 42 28.96 -14.04 -23.28
C TYR F 42 29.30 -14.12 -24.76
N SER F 43 28.97 -15.21 -25.44
CA SER F 43 29.33 -15.36 -26.83
C SER F 43 28.62 -14.33 -27.70
N GLU F 44 29.31 -13.92 -28.77
CA GLU F 44 28.78 -12.95 -29.71
C GLU F 44 29.08 -13.42 -31.13
N VAL F 45 28.30 -12.94 -32.08
CA VAL F 45 28.48 -13.26 -33.50
C VAL F 45 28.71 -11.96 -34.26
N ALA F 46 29.70 -11.97 -35.16
CA ALA F 46 30.02 -10.79 -35.93
C ALA F 46 29.12 -10.66 -37.15
N LEU F 47 28.81 -9.41 -37.49
CA LEU F 47 27.97 -9.09 -38.65
C LEU F 47 28.72 -8.13 -39.56
N ASN F 48 28.59 -8.36 -40.87
CA ASN F 48 29.23 -7.51 -41.87
C ASN F 48 28.26 -6.43 -42.34
N VAL F 49 27.76 -5.64 -41.39
CA VAL F 49 26.80 -4.59 -41.67
C VAL F 49 27.05 -3.41 -40.75
N THR F 50 26.83 -2.21 -41.27
CA THR F 50 27.05 -0.97 -40.54
C THR F 50 25.74 -0.45 -39.97
N GLU F 51 25.79 0.01 -38.72
CA GLU F 51 24.63 0.55 -38.05
C GLU F 51 25.08 1.66 -37.12
N SER F 52 24.18 2.61 -36.86
CA SER F 52 24.52 3.77 -36.06
C SER F 52 24.36 3.47 -34.58
N PHE F 53 25.26 4.04 -33.78
CA PHE F 53 25.28 3.86 -32.33
C PHE F 53 25.33 5.22 -31.65
N ASP F 54 24.88 5.24 -30.39
CA ASP F 54 24.96 6.44 -29.57
C ASP F 54 25.24 6.04 -28.14
N ALA F 55 26.07 6.84 -27.46
CA ALA F 55 26.44 6.57 -26.08
C ALA F 55 25.58 7.34 -25.08
N TRP F 56 24.96 8.45 -25.50
CA TRP F 56 24.11 9.24 -24.63
C TRP F 56 22.63 9.07 -24.97
N ASN F 57 22.24 9.28 -26.23
CA ASN F 57 20.87 9.09 -26.68
C ASN F 57 20.59 7.60 -26.90
N ASN F 58 20.72 6.84 -25.83
CA ASN F 58 20.58 5.38 -25.87
C ASN F 58 19.50 4.97 -24.87
N THR F 59 18.60 4.09 -25.33
CA THR F 59 17.57 3.58 -24.43
C THR F 59 18.17 2.75 -23.30
N VAL F 60 19.19 1.94 -23.62
CA VAL F 60 19.78 1.07 -22.61
C VAL F 60 20.41 1.89 -21.50
N THR F 61 21.16 2.94 -21.88
CA THR F 61 21.86 3.74 -20.87
C THR F 61 20.89 4.39 -19.90
N GLU F 62 19.79 4.94 -20.42
CA GLU F 62 18.84 5.61 -19.55
C GLU F 62 18.15 4.62 -18.61
N GLN F 63 17.83 3.43 -19.11
CA GLN F 63 17.15 2.45 -18.27
C GLN F 63 18.00 2.06 -17.07
N ALA F 64 19.30 1.83 -17.31
CA ALA F 64 20.19 1.48 -16.21
C ALA F 64 20.26 2.61 -15.19
N ILE F 65 20.32 3.86 -15.68
CA ILE F 65 20.35 5.00 -14.76
C ILE F 65 19.04 5.10 -13.98
N GLU F 66 17.91 4.93 -14.67
CA GLU F 66 16.63 5.00 -13.97
C GLU F 66 16.43 3.79 -13.06
N ASP F 67 16.76 2.60 -13.54
CA ASP F 67 16.50 1.39 -12.77
C ASP F 67 17.27 1.39 -11.45
N VAL F 68 18.54 1.80 -11.49
CA VAL F 68 19.38 1.73 -10.29
C VAL F 68 18.81 2.61 -9.19
N TRP F 69 18.43 3.84 -9.53
CA TRP F 69 17.90 4.74 -8.51
C TRP F 69 16.60 4.20 -7.92
N GLN F 70 15.70 3.71 -8.77
CA GLN F 70 14.43 3.18 -8.27
C GLN F 70 14.67 2.06 -7.27
N LEU F 71 15.74 1.29 -7.45
CA LEU F 71 16.08 0.26 -6.48
C LEU F 71 16.38 0.87 -5.11
N PHE F 72 17.17 1.94 -5.07
CA PHE F 72 17.56 2.52 -3.80
C PHE F 72 16.35 3.07 -3.06
N GLU F 73 15.43 3.72 -3.77
CA GLU F 73 14.26 4.28 -3.12
C GLU F 73 13.42 3.19 -2.48
N THR F 74 13.24 2.06 -3.17
CA THR F 74 12.44 0.98 -2.62
C THR F 74 13.03 0.45 -1.32
N SER F 75 14.36 0.27 -1.28
CA SER F 75 14.99 -0.37 -0.14
C SER F 75 14.90 0.48 1.12
N ILE F 76 14.76 1.81 0.98
CA ILE F 76 14.81 2.70 2.13
C ILE F 76 13.42 3.06 2.67
N LYS F 77 12.36 2.69 1.97
CA LYS F 77 11.02 3.00 2.47
C LYS F 77 10.69 2.27 3.77
N PRO F 78 10.85 0.94 3.86
CA PRO F 78 10.17 0.23 4.96
C PRO F 78 10.52 0.73 6.35
N CYS F 79 11.81 0.75 6.66
CA CYS F 79 12.29 0.94 8.02
C CYS F 79 12.58 2.43 8.31
N VAL F 80 13.34 2.68 9.38
CA VAL F 80 13.20 3.86 10.24
C VAL F 80 13.01 5.17 9.48
N LYS F 81 12.28 6.09 10.14
CA LYS F 81 12.05 7.48 9.65
C LYS F 81 12.56 8.32 10.81
N LEU F 82 13.70 8.95 10.67
CA LEU F 82 14.46 9.53 11.78
C LEU F 82 13.90 10.86 12.25
N SER F 83 12.63 11.13 12.01
CA SER F 83 12.07 12.41 12.45
C SER F 83 12.17 12.65 13.95
N PRO F 84 11.92 11.67 14.83
CA PRO F 84 11.83 12.01 16.26
C PRO F 84 13.08 12.65 16.84
N LEU F 85 14.27 12.30 16.37
CA LEU F 85 15.50 12.71 17.03
C LEU F 85 16.08 13.99 16.48
N CYS F 86 15.28 14.82 15.82
CA CYS F 86 15.73 16.14 15.38
C CYS F 86 15.31 17.15 16.43
N ILE F 87 16.10 17.22 17.51
CA ILE F 87 15.85 18.09 18.64
C ILE F 87 17.17 18.74 19.04
N THR F 88 17.10 19.66 20.00
CA THR F 88 18.30 20.30 20.50
C THR F 88 19.22 19.26 21.12
N MET F 89 20.53 19.46 20.93
CA MET F 89 21.55 18.57 21.50
C MET F 89 22.55 19.41 22.26
N ARG F 90 22.67 19.18 23.56
CA ARG F 90 23.63 19.91 24.39
C ARG F 90 25.00 19.30 24.11
N CYS F 91 25.83 20.03 23.35
CA CYS F 91 27.08 19.48 22.84
C CYS F 91 28.29 20.27 23.32
N ASN F 92 29.45 19.65 23.10
CA ASN F 92 30.71 20.06 23.70
C ASN F 92 31.21 21.35 23.04
N LYS F 93 31.23 22.43 23.81
CA LYS F 93 31.67 23.71 23.27
C LYS F 93 33.15 23.67 22.89
N SER F 94 33.97 23.05 23.72
CA SER F 94 35.41 23.03 23.45
C SER F 94 35.70 22.30 22.15
N GLU F 95 35.02 21.18 21.89
CA GLU F 95 35.32 20.39 20.71
C GLU F 95 34.78 21.04 19.44
N THR F 96 33.61 21.68 19.52
CA THR F 96 32.99 22.24 18.32
C THR F 96 33.70 23.52 17.88
N ASP F 97 34.19 24.34 18.81
CA ASP F 97 34.89 25.55 18.42
C ASP F 97 36.20 25.25 17.71
N ARG F 98 36.72 24.02 17.84
CA ARG F 98 37.94 23.66 17.12
C ARG F 98 37.73 23.75 15.61
N TRP F 99 36.59 23.27 15.12
CA TRP F 99 36.31 23.20 13.70
C TRP F 99 35.43 24.34 13.21
N GLY F 100 35.21 25.36 14.03
CA GLY F 100 34.57 26.57 13.57
C GLY F 100 33.08 26.49 13.35
N LEU F 101 32.42 25.44 13.83
CA LEU F 101 30.97 25.35 13.66
C LEU F 101 30.27 26.52 14.34
N THR F 102 30.69 26.83 15.57
CA THR F 102 30.16 27.98 16.29
C THR F 102 30.88 29.28 15.95
N LYS F 103 32.03 29.21 15.30
CA LYS F 103 32.75 30.39 14.83
C LYS F 103 33.00 31.37 15.97
N SER F 104 33.36 30.83 17.13
CA SER F 104 33.65 31.63 18.33
C SER F 104 35.12 31.45 18.69
N ILE F 105 35.97 32.28 18.11
CA ILE F 105 37.40 32.28 18.36
C ILE F 105 37.80 33.68 18.81
N THR F 106 38.55 33.75 19.93
CA THR F 106 38.94 35.03 20.52
C THR F 106 40.45 35.05 20.71
N THR F 107 41.06 36.15 20.28
CA THR F 107 42.50 36.40 20.49
C THR F 107 43.27 35.27 19.83
N THR F 108 44.21 34.61 20.52
CA THR F 108 45.04 33.54 19.98
C THR F 108 45.57 33.89 18.58
N ALA F 109 45.74 32.88 17.72
CA ALA F 109 46.23 33.10 16.36
C ALA F 109 47.60 33.77 16.38
N SER F 110 48.54 33.15 17.10
CA SER F 110 49.89 33.68 17.18
C SER F 110 50.63 33.47 15.88
N THR F 111 51.55 34.39 15.58
CA THR F 111 52.35 34.30 14.37
C THR F 111 53.27 33.09 14.41
N THR F 112 53.51 32.50 13.24
CA THR F 112 54.36 31.33 13.11
C THR F 112 55.19 31.45 11.84
N SER F 113 56.40 30.90 11.88
CA SER F 113 57.32 30.90 10.75
C SER F 113 57.54 29.48 10.27
N THR F 114 57.54 29.30 8.95
CA THR F 114 57.69 28.00 8.32
C THR F 114 58.89 28.01 7.39
N THR F 115 59.67 26.91 7.42
CA THR F 115 60.84 26.81 6.56
C THR F 115 60.46 26.69 5.09
N ALA F 116 59.35 26.00 4.80
CA ALA F 116 58.88 25.82 3.42
C ALA F 116 59.94 25.12 2.56
N SER F 117 60.23 23.88 2.94
CA SER F 117 61.23 23.08 2.23
C SER F 117 60.85 21.60 2.36
N ALA F 118 61.49 20.78 1.53
CA ALA F 118 61.26 19.33 1.53
C ALA F 118 59.79 19.03 1.23
N LYS F 119 59.37 19.40 0.03
CA LYS F 119 57.96 19.27 -0.36
C LYS F 119 57.64 17.85 -0.81
N VAL F 120 58.30 17.38 -1.86
CA VAL F 120 57.93 16.10 -2.47
C VAL F 120 58.11 14.98 -1.48
N ASP F 121 57.10 14.12 -1.38
CA ASP F 121 57.13 12.94 -0.52
C ASP F 121 56.55 11.76 -1.27
N MET F 122 56.97 10.57 -0.86
CA MET F 122 56.54 9.33 -1.51
C MET F 122 56.17 8.31 -0.45
N VAL F 123 55.26 7.41 -0.80
CA VAL F 123 54.78 6.37 0.10
C VAL F 123 54.36 5.17 -0.71
N ASN F 124 54.94 4.00 -0.42
CA ASN F 124 54.52 2.76 -1.05
C ASN F 124 54.45 1.67 0.01
N GLU F 125 54.10 0.46 -0.43
CA GLU F 125 53.64 -0.58 0.49
C GLU F 125 54.66 -0.95 1.55
N THR F 126 55.93 -0.68 1.33
CA THR F 126 56.98 -1.07 2.26
C THR F 126 57.33 0.02 3.27
N SER F 127 56.58 1.11 3.30
CA SER F 127 56.86 2.21 4.21
C SER F 127 55.99 2.12 5.46
N SER F 128 56.37 2.87 6.48
CA SER F 128 55.65 2.92 7.74
C SER F 128 54.47 3.88 7.71
N CYS F 129 54.28 4.60 6.61
CA CYS F 129 53.16 5.54 6.53
C CYS F 129 51.82 4.82 6.57
N ILE F 130 51.70 3.69 5.87
CA ILE F 130 50.41 3.04 5.70
C ILE F 130 49.86 2.55 7.03
N ALA F 131 50.70 1.89 7.83
CA ALA F 131 50.20 1.10 8.94
C ALA F 131 49.73 1.97 10.10
N GLN F 132 50.47 3.04 10.40
CA GLN F 132 50.28 3.77 11.66
C GLN F 132 49.80 5.20 11.47
N ASP F 133 49.30 5.55 10.28
CA ASP F 133 48.82 6.90 10.03
C ASP F 133 49.99 7.86 10.27
N ASN F 134 49.71 9.12 10.61
CA ASN F 134 50.75 10.07 10.99
C ASN F 134 51.86 10.06 9.93
N CYS F 135 51.48 10.60 8.77
CA CYS F 135 52.28 10.54 7.54
C CYS F 135 52.68 11.97 7.18
N THR F 136 53.81 12.42 7.74
CA THR F 136 54.39 13.73 7.47
C THR F 136 53.57 14.85 8.11
N GLY F 137 52.42 14.50 8.69
CA GLY F 137 51.55 15.47 9.32
C GLY F 137 50.37 15.82 8.45
N LEU F 138 49.51 16.67 9.03
CA LEU F 138 48.25 17.08 8.41
C LEU F 138 47.28 15.91 8.30
N GLU F 139 47.25 15.07 9.34
CA GLU F 139 46.17 14.10 9.56
C GLU F 139 46.02 13.99 11.08
N GLN F 140 45.08 14.75 11.64
CA GLN F 140 44.99 14.89 13.08
C GLN F 140 43.72 14.30 13.68
N GLU F 141 42.54 14.81 13.32
CA GLU F 141 41.31 14.47 14.03
C GLU F 141 40.11 14.93 13.22
N GLN F 142 38.97 14.30 13.49
CA GLN F 142 37.67 14.87 13.12
C GLN F 142 36.59 14.16 13.93
N MET F 143 35.91 14.90 14.81
CA MET F 143 34.85 14.32 15.62
C MET F 143 34.18 15.34 16.53
N ILE F 144 32.92 15.09 16.89
CA ILE F 144 32.19 15.87 17.89
C ILE F 144 31.25 14.93 18.63
N SER F 145 31.21 15.03 19.95
CA SER F 145 30.46 14.10 20.80
C SER F 145 29.47 14.87 21.66
N CYS F 146 28.23 14.38 21.71
CA CYS F 146 27.22 14.96 22.61
C CYS F 146 26.03 14.02 22.68
N LYS F 147 24.95 14.50 23.31
CA LYS F 147 23.88 13.66 23.82
C LYS F 147 22.51 14.16 23.36
N PHE F 148 21.49 13.36 23.62
CA PHE F 148 20.10 13.66 23.31
C PHE F 148 19.22 12.60 23.94
N ASN F 149 17.98 12.99 24.28
CA ASN F 149 17.16 12.15 25.14
C ASN F 149 16.48 11.01 24.38
N MET F 150 15.57 11.34 23.47
CA MET F 150 14.98 10.36 22.54
C MET F 150 14.37 9.17 23.29
N THR F 151 13.26 9.46 23.99
CA THR F 151 12.55 8.42 24.71
C THR F 151 12.29 7.20 23.81
N GLY F 152 12.30 6.02 24.41
CA GLY F 152 12.24 4.77 23.69
C GLY F 152 10.84 4.25 23.45
N LEU F 153 10.76 2.94 23.18
CA LEU F 153 9.49 2.33 22.82
C LEU F 153 8.50 2.37 23.97
N LYS F 154 8.97 2.12 25.19
CA LYS F 154 8.11 2.23 26.36
C LYS F 154 7.80 3.71 26.57
N ARG F 155 6.63 4.14 26.13
CA ARG F 155 6.32 5.55 26.06
C ARG F 155 5.92 6.11 27.42
N ASP F 156 6.77 5.89 28.42
CA ASP F 156 6.52 6.41 29.76
C ASP F 156 7.78 6.92 30.45
N LYS F 157 8.94 6.93 29.79
CA LYS F 157 10.16 7.35 30.45
C LYS F 157 11.21 7.67 29.39
N THR F 158 12.27 8.34 29.83
CA THR F 158 13.35 8.80 28.97
C THR F 158 14.59 7.94 29.16
N LYS F 159 15.48 7.99 28.17
CA LYS F 159 16.74 7.25 28.23
C LYS F 159 17.78 8.03 27.46
N GLU F 160 18.75 8.61 28.16
CA GLU F 160 19.78 9.43 27.54
C GLU F 160 20.84 8.56 26.89
N TYR F 161 21.20 8.89 25.66
CA TYR F 161 22.31 8.29 24.93
C TYR F 161 23.30 9.39 24.56
N ASN F 162 24.41 8.99 23.94
CA ASN F 162 25.26 9.93 23.24
C ASN F 162 25.63 9.36 21.88
N GLU F 163 25.47 10.18 20.85
CA GLU F 163 25.89 9.86 19.49
C GLU F 163 26.97 10.87 19.09
N THR F 164 28.06 10.37 18.56
CA THR F 164 29.22 11.19 18.20
C THR F 164 29.16 11.46 16.70
N TRP F 165 28.75 12.66 16.33
CA TRP F 165 28.62 13.03 14.92
C TRP F 165 29.97 13.46 14.37
N TYR F 166 29.97 13.97 13.14
CA TYR F 166 31.16 14.50 12.50
C TYR F 166 31.00 16.01 12.30
N SER F 167 32.08 16.65 11.84
CA SER F 167 32.07 18.10 11.70
C SER F 167 31.06 18.54 10.66
N ALA F 168 30.96 17.81 9.55
CA ALA F 168 30.13 18.22 8.42
C ALA F 168 28.73 17.64 8.47
N ASP F 169 28.20 17.39 9.67
CA ASP F 169 26.83 16.88 9.81
C ASP F 169 26.11 17.55 10.97
N LEU F 170 26.44 18.80 11.26
CA LEU F 170 25.79 19.53 12.34
C LEU F 170 25.84 21.02 12.04
N VAL F 171 24.79 21.72 12.45
CA VAL F 171 24.75 23.18 12.45
C VAL F 171 24.40 23.62 13.86
N CYS F 172 25.19 24.56 14.40
CA CYS F 172 25.07 24.97 15.78
C CYS F 172 24.58 26.42 15.87
N GLU F 173 23.76 26.69 16.88
CA GLU F 173 23.23 28.03 17.07
C GLU F 173 24.35 28.97 17.54
N GLN F 174 24.41 30.15 16.93
CA GLN F 174 25.39 31.16 17.28
C GLN F 174 24.74 32.24 18.13
N GLY F 175 25.39 32.59 19.23
CA GLY F 175 24.82 33.58 20.13
C GLY F 175 25.76 33.94 21.24
N ASN F 176 25.21 34.56 22.28
CA ASN F 176 25.96 35.05 23.41
C ASN F 176 25.95 34.09 24.59
N ASN F 177 25.47 32.87 24.39
CA ASN F 177 25.40 31.89 25.47
C ASN F 177 26.80 31.56 25.99
N THR F 178 26.90 31.41 27.31
CA THR F 178 28.17 31.12 27.97
C THR F 178 28.29 29.69 28.45
N GLY F 179 27.20 28.93 28.46
CA GLY F 179 27.28 27.56 28.96
C GLY F 179 28.19 26.70 28.13
N ASN F 180 28.83 25.73 28.80
CA ASN F 180 29.73 24.81 28.11
C ASN F 180 29.01 23.95 27.09
N GLU F 181 27.69 23.85 27.18
CA GLU F 181 26.90 23.08 26.23
C GLU F 181 26.55 23.94 25.02
N SER F 182 26.72 23.37 23.83
CA SER F 182 26.44 24.06 22.58
C SER F 182 25.19 23.46 21.95
N ARG F 183 24.19 24.29 21.70
CA ARG F 183 22.94 23.83 21.09
C ARG F 183 23.17 23.66 19.59
N CYS F 184 22.88 22.46 19.07
CA CYS F 184 23.03 22.18 17.65
C CYS F 184 21.93 21.22 17.23
N TYR F 185 21.60 21.27 15.94
CA TYR F 185 20.61 20.39 15.34
C TYR F 185 21.28 19.56 14.26
N MET F 186 20.54 18.60 13.72
CA MET F 186 21.04 17.83 12.60
C MET F 186 21.17 18.73 11.37
N ASN F 187 22.00 18.30 10.42
CA ASN F 187 22.30 19.15 9.28
C ASN F 187 21.07 19.45 8.45
N HIS F 188 20.21 18.46 8.23
CA HIS F 188 19.09 18.60 7.29
C HIS F 188 17.82 17.98 7.85
N CYS F 189 17.45 18.31 9.09
CA CYS F 189 16.18 17.82 9.62
C CYS F 189 15.12 18.91 9.72
N ASN F 190 15.42 20.13 9.27
CA ASN F 190 14.42 21.20 9.24
C ASN F 190 13.95 21.49 7.82
N THR F 191 14.18 20.55 6.90
CA THR F 191 13.71 20.67 5.53
C THR F 191 12.94 19.42 5.12
N SER F 192 13.38 18.27 5.60
CA SER F 192 12.72 17.00 5.28
C SER F 192 13.08 15.97 6.33
N VAL F 193 12.33 14.88 6.35
CA VAL F 193 12.60 13.75 7.23
C VAL F 193 13.60 12.83 6.54
N ILE F 194 14.66 12.47 7.25
CA ILE F 194 15.74 11.66 6.70
C ILE F 194 15.54 10.22 7.13
N GLN F 195 15.85 9.29 6.22
CA GLN F 195 15.78 7.87 6.49
C GLN F 195 17.19 7.32 6.68
N GLU F 196 17.26 6.08 7.14
CA GLU F 196 18.52 5.40 7.36
C GLU F 196 18.81 4.43 6.22
N SER F 197 20.06 4.39 5.78
CA SER F 197 20.45 3.41 4.76
C SER F 197 20.44 2.05 5.44
N CYS F 198 19.23 1.54 5.60
CA CYS F 198 18.92 0.55 6.60
C CYS F 198 19.21 -0.86 6.12
N ASP F 199 18.97 -1.12 4.83
CA ASP F 199 19.42 -2.36 4.22
C ASP F 199 20.94 -2.35 4.12
N LYS F 200 21.50 -3.43 3.59
CA LYS F 200 22.93 -3.53 3.35
C LYS F 200 23.33 -2.96 2.00
N HIS F 201 22.54 -2.03 1.45
CA HIS F 201 22.95 -1.33 0.24
C HIS F 201 24.13 -0.43 0.54
N TYR F 202 25.08 -0.37 -0.40
CA TYR F 202 26.36 0.31 -0.30
C TYR F 202 27.34 -0.40 0.63
N TRP F 203 26.96 -1.51 1.24
CA TRP F 203 27.87 -2.30 2.06
C TRP F 203 28.61 -3.37 1.27
N ASP F 204 28.23 -3.60 0.02
CA ASP F 204 28.75 -4.74 -0.73
C ASP F 204 28.72 -4.40 -2.21
N ALA F 205 29.52 -5.13 -2.98
CA ALA F 205 29.63 -4.88 -4.40
C ALA F 205 28.32 -5.19 -5.11
N ILE F 206 28.13 -4.54 -6.26
CA ILE F 206 26.94 -4.70 -7.09
C ILE F 206 27.37 -5.12 -8.49
N ARG F 207 26.72 -6.15 -9.02
CA ARG F 207 27.06 -6.65 -10.35
C ARG F 207 25.84 -7.34 -10.92
N PHE F 208 25.37 -6.89 -12.07
CA PHE F 208 24.20 -7.50 -12.70
C PHE F 208 24.16 -7.10 -14.17
N ARG F 209 23.70 -8.03 -15.00
CA ARG F 209 23.68 -7.88 -16.44
C ARG F 209 22.33 -7.34 -16.89
N TYR F 210 22.16 -7.23 -18.20
CA TYR F 210 20.89 -6.87 -18.82
C TYR F 210 20.61 -7.86 -19.93
N CYS F 211 19.38 -8.34 -20.00
CA CYS F 211 18.98 -9.35 -20.97
C CYS F 211 17.65 -8.98 -21.58
N ALA F 212 17.58 -8.95 -22.91
CA ALA F 212 16.38 -8.56 -23.60
C ALA F 212 15.37 -9.70 -23.64
N PRO F 213 14.09 -9.40 -23.86
CA PRO F 213 13.09 -10.46 -23.93
C PRO F 213 13.08 -11.12 -25.29
N PRO F 214 12.26 -12.14 -25.49
CA PRO F 214 12.19 -12.78 -26.80
C PRO F 214 11.78 -11.78 -27.89
N GLY F 215 12.36 -11.95 -29.07
CA GLY F 215 12.06 -11.10 -30.20
C GLY F 215 12.91 -9.86 -30.32
N TYR F 216 13.75 -9.56 -29.33
CA TYR F 216 14.62 -8.39 -29.33
C TYR F 216 16.07 -8.84 -29.22
N ALA F 217 16.97 -7.99 -29.69
CA ALA F 217 18.40 -8.28 -29.65
C ALA F 217 19.15 -7.00 -29.30
N LEU F 218 20.35 -7.17 -28.76
CA LEU F 218 21.24 -6.06 -28.43
C LEU F 218 22.43 -6.05 -29.38
N LEU F 219 22.76 -4.87 -29.88
CA LEU F 219 23.84 -4.68 -30.84
C LEU F 219 24.99 -3.92 -30.20
N ARG F 220 26.21 -4.38 -30.43
CA ARG F 220 27.41 -3.74 -29.90
C ARG F 220 28.39 -3.50 -31.05
N CYS F 221 29.05 -2.34 -31.01
CA CYS F 221 30.05 -1.97 -32.00
C CYS F 221 31.43 -2.25 -31.44
N ASN F 222 32.18 -3.12 -32.13
CA ASN F 222 33.47 -3.59 -31.65
C ASN F 222 34.65 -2.79 -32.21
N ASP F 223 34.39 -1.74 -33.00
CA ASP F 223 35.48 -0.94 -33.53
C ASP F 223 36.23 -0.23 -32.40
N THR F 224 37.56 -0.25 -32.49
CA THR F 224 38.38 0.37 -31.46
C THR F 224 38.37 1.89 -31.52
N ASN F 225 37.91 2.48 -32.62
CA ASN F 225 37.85 3.93 -32.76
C ASN F 225 36.55 4.52 -32.25
N TYR F 226 35.71 3.71 -31.60
CA TYR F 226 34.43 4.19 -31.11
C TYR F 226 34.63 5.37 -30.17
N SER F 227 33.81 6.41 -30.35
CA SER F 227 33.89 7.62 -29.53
C SER F 227 32.55 8.05 -28.95
N GLY F 228 31.43 7.57 -29.46
CA GLY F 228 30.14 7.89 -28.90
C GLY F 228 29.05 8.18 -29.93
N PHE F 229 29.42 8.78 -31.07
CA PHE F 229 28.46 9.08 -32.14
C PHE F 229 28.79 8.47 -33.49
N MET F 230 29.93 7.80 -33.63
CA MET F 230 30.34 7.31 -34.94
C MET F 230 29.22 6.46 -35.52
N PRO F 231 28.49 6.94 -36.53
CA PRO F 231 27.35 6.17 -37.05
C PRO F 231 27.76 5.00 -37.95
N LYS F 232 29.00 4.94 -38.39
CA LYS F 232 29.47 3.86 -39.26
C LYS F 232 30.32 2.90 -38.44
N CYS F 233 29.92 1.63 -38.43
CA CYS F 233 30.62 0.59 -37.67
C CYS F 233 31.15 -0.45 -38.64
N SER F 234 32.47 -0.51 -38.79
CA SER F 234 33.06 -1.56 -39.60
C SER F 234 32.78 -2.93 -39.00
N LYS F 235 32.85 -3.04 -37.68
CA LYS F 235 32.61 -4.29 -36.96
C LYS F 235 31.39 -4.12 -36.07
N VAL F 236 30.40 -5.00 -36.24
CA VAL F 236 29.20 -5.01 -35.42
C VAL F 236 28.95 -6.43 -34.97
N VAL F 237 28.75 -6.62 -33.67
CA VAL F 237 28.57 -7.95 -33.07
C VAL F 237 27.27 -7.96 -32.29
N VAL F 238 26.49 -9.02 -32.47
CA VAL F 238 25.20 -9.17 -31.80
C VAL F 238 25.43 -9.87 -30.47
N SER F 239 24.65 -9.49 -29.47
CA SER F 239 24.69 -10.15 -28.17
C SER F 239 23.28 -10.18 -27.59
N SER F 240 22.92 -11.31 -26.98
CA SER F 240 21.63 -11.40 -26.32
C SER F 240 21.62 -10.69 -24.98
N CYS F 241 22.79 -10.55 -24.34
CA CYS F 241 22.87 -10.00 -23.01
C CYS F 241 24.14 -9.17 -22.90
N THR F 242 24.09 -8.12 -22.08
CA THR F 242 25.24 -7.24 -21.92
C THR F 242 26.27 -7.89 -21.02
N ARG F 243 27.42 -7.22 -20.87
CA ARG F 243 28.46 -7.65 -19.97
C ARG F 243 28.18 -7.16 -18.55
N MET F 244 28.98 -7.63 -17.60
CA MET F 244 28.86 -7.17 -16.23
C MET F 244 29.12 -5.67 -16.17
N MET F 245 28.37 -4.99 -15.30
CA MET F 245 28.49 -3.54 -15.13
C MET F 245 28.47 -3.20 -13.66
N GLU F 246 29.11 -2.08 -13.31
CA GLU F 246 29.25 -1.65 -11.94
C GLU F 246 28.24 -0.56 -11.62
N THR F 247 27.55 -0.71 -10.48
CA THR F 247 26.64 0.31 -9.98
C THR F 247 27.34 1.35 -9.12
N GLN F 248 28.61 1.13 -8.78
CA GLN F 248 29.29 2.02 -7.84
C GLN F 248 29.24 3.46 -8.32
N THR F 249 28.96 4.37 -7.39
CA THR F 249 28.88 5.79 -7.66
C THR F 249 30.11 6.47 -7.09
N SER F 250 30.76 7.31 -7.89
CA SER F 250 31.93 8.05 -7.44
C SER F 250 32.06 9.31 -8.27
N THR F 251 32.79 10.28 -7.72
CA THR F 251 33.02 11.56 -8.37
C THR F 251 34.50 11.73 -8.64
N TRP F 252 34.81 12.43 -9.74
CA TRP F 252 36.18 12.74 -10.15
C TRP F 252 36.94 11.53 -10.65
N PHE F 253 36.37 10.34 -10.53
CA PHE F 253 37.07 9.11 -10.88
C PHE F 253 36.04 8.00 -11.04
N GLY F 254 36.49 6.88 -11.60
CA GLY F 254 35.67 5.70 -11.69
C GLY F 254 36.43 4.46 -11.27
N PHE F 255 35.97 3.79 -10.23
CA PHE F 255 36.66 2.64 -9.66
C PHE F 255 36.03 1.35 -10.13
N ASN F 256 36.85 0.29 -10.20
CA ASN F 256 36.40 -1.05 -10.54
C ASN F 256 35.67 -1.10 -11.88
N GLY F 257 35.95 -0.15 -12.77
CA GLY F 257 35.34 -0.17 -14.08
C GLY F 257 35.64 -1.45 -14.83
N THR F 258 34.61 -2.08 -15.39
CA THR F 258 34.78 -3.35 -16.06
C THR F 258 35.34 -3.21 -17.47
N ARG F 259 35.37 -2.00 -18.03
CA ARG F 259 35.84 -1.79 -19.39
C ARG F 259 37.31 -1.41 -19.46
N ALA F 260 38.11 -1.79 -18.45
CA ALA F 260 39.53 -1.50 -18.50
C ALA F 260 40.17 -2.23 -19.67
N GLU F 261 41.13 -1.56 -20.32
CA GLU F 261 41.83 -2.14 -21.46
C GLU F 261 43.21 -1.52 -21.53
N ASN F 262 44.01 -2.01 -22.48
CA ASN F 262 45.37 -1.53 -22.69
C ASN F 262 45.43 -0.36 -23.68
N ARG F 263 44.34 0.39 -23.84
CA ARG F 263 44.32 1.59 -24.65
C ARG F 263 43.57 2.68 -23.90
N THR F 264 44.00 3.91 -24.12
CA THR F 264 43.39 5.07 -23.44
C THR F 264 42.32 5.71 -24.32
N TYR F 265 41.33 4.90 -24.72
CA TYR F 265 40.26 5.41 -25.56
C TYR F 265 39.44 6.45 -24.79
N ILE F 266 38.87 7.39 -25.53
CA ILE F 266 38.12 8.50 -24.97
C ILE F 266 36.74 8.56 -25.62
N TYR F 267 35.70 8.69 -24.79
CA TYR F 267 34.34 8.84 -25.26
C TYR F 267 33.96 10.32 -25.21
N TRP F 268 33.51 10.85 -26.35
CA TRP F 268 33.18 12.26 -26.48
C TRP F 268 31.72 12.43 -26.86
N HIS F 269 31.00 13.24 -26.09
CA HIS F 269 29.60 13.55 -26.38
C HIS F 269 29.59 14.74 -27.32
N GLY F 270 29.62 14.46 -28.62
CA GLY F 270 29.87 15.49 -29.62
C GLY F 270 28.87 16.63 -29.62
N ARG F 271 27.68 16.40 -29.06
CA ARG F 271 26.66 17.45 -29.07
C ARG F 271 27.05 18.64 -28.20
N ASP F 272 27.94 18.46 -27.24
CA ASP F 272 28.42 19.56 -26.42
C ASP F 272 29.77 19.16 -25.83
N ASN F 273 30.23 19.88 -24.82
CA ASN F 273 31.53 19.62 -24.20
C ASN F 273 31.33 18.84 -22.90
N ARG F 274 31.16 17.52 -23.05
CA ARG F 274 31.11 16.59 -21.94
C ARG F 274 31.94 15.38 -22.32
N THR F 275 32.78 14.90 -21.41
CA THR F 275 33.76 13.87 -21.74
C THR F 275 33.90 12.88 -20.60
N ILE F 276 34.26 11.65 -20.97
CA ILE F 276 34.64 10.60 -20.03
C ILE F 276 35.82 9.87 -20.61
N ILE F 277 36.85 9.65 -19.80
CA ILE F 277 38.13 9.10 -20.25
C ILE F 277 38.39 7.79 -19.54
N SER F 278 38.87 6.81 -20.29
CA SER F 278 39.23 5.50 -19.75
C SER F 278 40.75 5.43 -19.63
N LEU F 279 41.24 5.11 -18.43
CA LEU F 279 42.67 5.03 -18.19
C LEU F 279 43.19 3.69 -18.72
N ASN F 280 44.47 3.42 -18.46
CA ASN F 280 45.13 2.22 -18.94
C ASN F 280 45.44 1.28 -17.79
N LYS F 281 45.28 -0.01 -18.01
CA LYS F 281 45.51 -1.02 -16.98
C LYS F 281 46.97 -1.49 -16.93
N TYR F 282 47.80 -1.10 -17.89
CA TYR F 282 49.20 -1.49 -17.85
C TYR F 282 49.98 -0.72 -16.79
N TYR F 283 49.46 0.42 -16.35
CA TYR F 283 50.15 1.24 -15.35
C TYR F 283 49.73 0.90 -13.93
N ASN F 284 48.83 -0.05 -13.73
CA ASN F 284 48.42 -0.49 -12.41
C ASN F 284 47.99 0.69 -11.54
N LEU F 285 46.96 1.39 -12.02
CA LEU F 285 46.44 2.58 -11.35
C LEU F 285 45.47 2.15 -10.26
N THR F 286 46.02 1.84 -9.10
CA THR F 286 45.26 1.40 -7.95
C THR F 286 45.29 2.46 -6.85
N MET F 287 44.18 2.55 -6.11
CA MET F 287 44.08 3.43 -4.96
C MET F 287 43.58 2.65 -3.77
N LYS F 288 44.08 3.00 -2.58
CA LYS F 288 43.68 2.36 -1.34
C LYS F 288 43.25 3.42 -0.35
N CYS F 289 42.08 3.23 0.27
CA CYS F 289 41.52 4.17 1.21
C CYS F 289 41.34 3.48 2.56
N ARG F 290 41.76 4.15 3.62
CA ARG F 290 41.73 3.58 4.96
C ARG F 290 41.32 4.63 5.97
N ARG F 291 40.48 4.22 6.93
CA ARG F 291 40.23 5.03 8.11
C ARG F 291 40.65 4.24 9.34
N PRO F 292 41.26 4.88 10.34
CA PRO F 292 41.75 4.13 11.50
C PRO F 292 40.75 4.05 12.65
N GLY F 293 40.93 3.02 13.47
CA GLY F 293 40.15 2.86 14.68
C GLY F 293 39.18 1.71 14.64
N ASN F 294 38.69 1.29 15.81
CA ASN F 294 37.64 0.28 15.93
C ASN F 294 36.37 0.99 16.36
N LYS F 295 35.49 1.28 15.40
CA LYS F 295 34.23 1.95 15.71
C LYS F 295 33.31 1.01 16.47
N THR F 296 32.52 1.60 17.36
CA THR F 296 31.58 0.88 18.21
C THR F 296 30.16 1.29 17.83
N VAL F 297 29.29 0.31 17.60
CA VAL F 297 27.91 0.54 17.21
C VAL F 297 27.00 0.03 18.31
N LEU F 298 26.07 0.88 18.74
CA LEU F 298 25.19 0.60 19.87
C LEU F 298 23.75 0.85 19.42
N PRO F 299 23.09 -0.15 18.84
CA PRO F 299 21.74 0.08 18.32
C PRO F 299 20.78 0.58 19.39
N VAL F 300 19.90 1.49 19.01
CA VAL F 300 18.95 2.12 19.92
C VAL F 300 17.55 1.99 19.33
N THR F 301 16.58 1.67 20.18
CA THR F 301 15.20 1.50 19.76
C THR F 301 14.45 2.82 19.88
N ILE F 302 13.54 3.06 18.92
CA ILE F 302 12.74 4.27 18.88
C ILE F 302 11.28 3.89 18.99
N MET F 303 10.38 4.87 18.91
CA MET F 303 8.97 4.63 19.13
C MET F 303 8.29 4.08 17.87
N SER F 304 8.96 3.15 17.18
CA SER F 304 8.33 2.46 16.07
C SER F 304 8.62 0.97 16.06
N GLY F 305 9.31 0.45 17.08
CA GLY F 305 9.73 -0.94 17.09
C GLY F 305 11.01 -1.20 16.33
N LEU F 306 11.64 -0.18 15.76
CA LEU F 306 12.82 -0.32 14.94
C LEU F 306 14.02 0.29 15.63
N VAL F 307 15.19 0.09 15.03
CA VAL F 307 16.48 0.40 15.65
C VAL F 307 17.20 1.47 14.86
N PHE F 308 17.85 2.39 15.57
CA PHE F 308 18.69 3.42 14.98
C PHE F 308 20.11 3.24 15.48
N HIS F 309 21.03 2.94 14.57
CA HIS F 309 22.41 2.70 14.96
C HIS F 309 23.08 4.00 15.38
N SER F 310 24.00 3.89 16.33
CA SER F 310 24.69 5.03 16.92
C SER F 310 26.16 4.70 17.07
N GLN F 311 26.97 5.74 17.28
CA GLN F 311 28.42 5.62 17.42
C GLN F 311 28.86 6.32 18.70
N PRO F 312 28.79 5.63 19.85
CA PRO F 312 29.15 6.28 21.12
C PRO F 312 30.65 6.31 21.38
N ILE F 313 31.46 6.11 20.33
CA ILE F 313 32.91 6.11 20.50
C ILE F 313 33.36 7.41 21.15
N ASN F 314 34.29 7.32 22.09
CA ASN F 314 34.86 8.48 22.76
C ASN F 314 36.31 8.75 22.39
N ASP F 315 37.07 7.72 22.04
CA ASP F 315 38.44 7.94 21.59
C ASP F 315 38.46 8.66 20.26
N ARG F 316 39.52 9.43 20.02
CA ARG F 316 39.64 10.27 18.84
C ARG F 316 40.73 9.70 17.92
N PRO F 317 40.37 9.06 16.80
CA PRO F 317 41.38 8.52 15.90
C PRO F 317 41.81 9.54 14.85
N LYS F 318 42.87 9.18 14.13
CA LYS F 318 43.37 10.03 13.04
C LYS F 318 42.38 10.05 11.89
N GLN F 319 42.35 11.18 11.19
CA GLN F 319 41.39 11.37 10.12
C GLN F 319 41.70 10.46 8.93
N ALA F 320 40.67 10.19 8.14
CA ALA F 320 40.82 9.29 7.01
C ALA F 320 41.66 9.92 5.90
N TRP F 321 42.26 9.06 5.09
CA TRP F 321 43.10 9.50 3.98
C TRP F 321 43.23 8.36 2.98
N CYS F 322 43.69 8.71 1.78
CA CYS F 322 43.93 7.74 0.71
C CYS F 322 45.24 8.10 0.02
N TRP F 323 46.02 7.08 -0.35
CA TRP F 323 47.36 7.31 -0.86
C TRP F 323 47.56 6.83 -2.30
N PHE F 324 46.50 6.48 -3.01
CA PHE F 324 46.60 6.15 -4.42
C PHE F 324 47.69 5.11 -4.68
N GLY F 325 48.88 5.55 -5.08
CA GLY F 325 49.96 4.63 -5.35
C GLY F 325 49.98 4.17 -6.80
N GLY F 326 51.14 3.68 -7.22
CA GLY F 326 51.36 3.27 -8.59
C GLY F 326 51.89 4.39 -9.46
N LYS F 327 52.30 4.02 -10.66
CA LYS F 327 52.84 4.98 -11.62
C LYS F 327 51.70 5.82 -12.17
N TRP F 328 51.53 7.02 -11.63
CA TRP F 328 50.41 7.89 -11.98
C TRP F 328 50.81 9.01 -12.92
N LYS F 329 51.92 9.70 -12.64
CA LYS F 329 52.31 10.83 -13.47
C LYS F 329 52.51 10.40 -14.92
N ASP F 330 53.11 9.23 -15.14
CA ASP F 330 53.25 8.72 -16.50
C ASP F 330 51.89 8.46 -17.13
N ALA F 331 50.88 8.15 -16.31
CA ALA F 331 49.57 7.82 -16.85
C ALA F 331 48.87 9.07 -17.40
N ILE F 332 48.89 10.16 -16.64
CA ILE F 332 48.10 11.32 -17.04
C ILE F 332 48.69 11.96 -18.29
N LYS F 333 50.01 11.88 -18.49
CA LYS F 333 50.58 12.44 -19.71
C LYS F 333 50.07 11.69 -20.94
N GLU F 334 49.92 10.37 -20.83
CA GLU F 334 49.34 9.61 -21.94
C GLU F 334 47.91 10.04 -22.21
N VAL F 335 47.16 10.36 -21.14
CA VAL F 335 45.81 10.91 -21.32
C VAL F 335 45.90 12.23 -22.07
N LYS F 336 46.88 13.06 -21.71
CA LYS F 336 47.06 14.33 -22.41
C LYS F 336 47.41 14.11 -23.87
N GLN F 337 48.31 13.16 -24.16
CA GLN F 337 48.70 12.92 -25.54
C GLN F 337 47.53 12.40 -26.36
N THR F 338 46.67 11.58 -25.77
CA THR F 338 45.52 11.05 -26.50
C THR F 338 44.57 12.18 -26.91
N ILE F 339 44.37 13.16 -26.04
CA ILE F 339 43.49 14.28 -26.39
C ILE F 339 44.04 15.05 -27.57
N VAL F 340 45.36 15.16 -27.69
CA VAL F 340 45.96 15.89 -28.79
C VAL F 340 45.57 15.28 -30.13
N LYS F 341 45.68 13.95 -30.22
CA LYS F 341 45.41 13.24 -31.48
C LYS F 341 43.96 12.85 -31.65
N HIS F 342 43.12 13.08 -30.64
CA HIS F 342 41.72 12.70 -30.74
C HIS F 342 41.02 13.56 -31.79
N PRO F 343 40.23 12.98 -32.72
CA PRO F 343 39.42 13.81 -33.60
C PRO F 343 38.62 14.85 -32.84
N ARG F 344 38.15 15.88 -33.54
CA ARG F 344 37.57 17.04 -32.87
C ARG F 344 38.65 17.72 -32.05
N TYR F 345 38.26 18.53 -31.06
CA TYR F 345 39.22 19.24 -30.21
C TYR F 345 40.14 20.13 -31.06
N THR F 346 39.52 21.14 -31.65
CA THR F 346 40.30 22.14 -32.39
C THR F 346 41.04 23.02 -31.41
N GLY F 347 42.06 22.47 -30.77
CA GLY F 347 42.80 23.18 -29.73
C GLY F 347 44.30 23.03 -29.84
N THR F 348 45.01 23.50 -28.83
CA THR F 348 46.47 23.51 -28.86
C THR F 348 47.03 22.09 -28.79
N ASN F 349 48.30 21.96 -29.14
CA ASN F 349 48.99 20.67 -29.15
C ASN F 349 50.22 20.65 -28.25
N ASN F 350 50.53 21.75 -27.57
CA ASN F 350 51.67 21.79 -26.67
C ASN F 350 51.31 21.02 -25.40
N THR F 351 51.95 19.87 -25.20
CA THR F 351 51.59 19.00 -24.08
C THR F 351 51.80 19.69 -22.74
N ASP F 352 52.78 20.60 -22.65
CA ASP F 352 53.14 21.22 -21.38
C ASP F 352 52.37 22.51 -21.12
N LYS F 353 51.17 22.65 -21.66
CA LYS F 353 50.27 23.75 -21.29
C LYS F 353 48.83 23.30 -21.10
N ILE F 354 48.54 22.01 -21.17
CA ILE F 354 47.24 21.47 -20.83
C ILE F 354 47.34 20.91 -19.42
N ASN F 355 46.52 21.44 -18.51
CA ASN F 355 46.63 21.12 -17.09
C ASN F 355 45.28 20.71 -16.54
N LEU F 356 45.29 19.71 -15.67
CA LEU F 356 44.09 19.21 -15.03
C LEU F 356 43.84 20.02 -13.76
N THR F 357 42.75 20.76 -13.72
CA THR F 357 42.43 21.64 -12.61
C THR F 357 41.00 21.39 -12.14
N ALA F 358 40.78 21.63 -10.85
CA ALA F 358 39.47 21.43 -10.28
C ALA F 358 38.52 22.53 -10.72
N PRO F 359 37.21 22.31 -10.61
CA PRO F 359 36.26 23.38 -10.91
C PRO F 359 36.50 24.61 -10.05
N GLY F 360 35.84 25.71 -10.42
CA GLY F 360 36.10 26.98 -9.80
C GLY F 360 35.45 27.15 -8.44
N GLY F 361 35.69 26.21 -7.54
CA GLY F 361 35.16 26.33 -6.19
C GLY F 361 33.65 26.42 -6.20
N GLY F 362 33.13 27.45 -5.53
CA GLY F 362 31.69 27.63 -5.43
C GLY F 362 31.07 26.70 -4.42
N ASP F 363 30.21 25.79 -4.87
CA ASP F 363 29.63 24.81 -3.97
C ASP F 363 30.74 23.88 -3.47
N PRO F 364 30.90 23.73 -2.15
CA PRO F 364 31.99 22.88 -1.66
C PRO F 364 31.88 21.44 -2.11
N GLU F 365 30.66 20.98 -2.43
CA GLU F 365 30.47 19.58 -2.77
C GLU F 365 31.25 19.20 -4.04
N VAL F 366 31.24 20.07 -5.05
CA VAL F 366 31.95 19.76 -6.29
C VAL F 366 33.46 19.91 -6.12
N THR F 367 33.89 20.74 -5.16
CA THR F 367 35.32 20.92 -4.94
C THR F 367 35.99 19.63 -4.51
N PHE F 368 35.36 18.88 -3.61
CA PHE F 368 35.94 17.67 -3.07
C PHE F 368 35.66 16.46 -3.97
N MET F 369 36.49 15.44 -3.83
CA MET F 369 36.20 14.14 -4.40
C MET F 369 35.17 13.42 -3.53
N TRP F 370 34.56 12.39 -4.09
CA TRP F 370 33.57 11.59 -3.36
C TRP F 370 33.75 10.13 -3.72
N THR F 371 34.21 9.34 -2.76
CA THR F 371 34.40 7.90 -2.93
C THR F 371 33.64 7.17 -1.84
N ASN F 372 32.88 6.15 -2.24
CA ASN F 372 32.13 5.30 -1.32
C ASN F 372 32.76 3.92 -1.31
N CYS F 373 33.14 3.44 -0.13
CA CYS F 373 33.76 2.13 -0.01
C CYS F 373 33.22 1.44 1.24
N ARG F 374 32.46 0.37 1.03
CA ARG F 374 31.99 -0.50 2.10
C ARG F 374 31.29 0.29 3.20
N GLY F 375 30.31 1.10 2.80
CA GLY F 375 29.32 1.63 3.71
C GLY F 375 29.58 3.04 4.22
N GLU F 376 30.81 3.54 4.12
CA GLU F 376 31.15 4.85 4.64
C GLU F 376 31.69 5.72 3.52
N PHE F 377 31.21 6.95 3.44
CA PHE F 377 31.57 7.87 2.37
C PHE F 377 32.73 8.76 2.79
N LEU F 378 33.66 8.94 1.87
CA LEU F 378 34.82 9.81 2.07
C LEU F 378 34.76 10.94 1.06
N TYR F 379 35.11 12.15 1.50
CA TYR F 379 35.35 13.27 0.60
C TYR F 379 36.71 13.87 0.94
N CYS F 380 37.53 14.07 -0.08
CA CYS F 380 38.93 14.39 0.08
C CYS F 380 39.27 15.74 -0.55
N LYS F 381 40.19 16.46 0.09
CA LYS F 381 40.55 17.79 -0.38
C LYS F 381 41.15 17.75 -1.78
N MET F 382 42.04 16.78 -2.04
CA MET F 382 42.63 16.48 -3.34
C MET F 382 43.55 17.58 -3.86
N ASN F 383 43.82 18.64 -3.10
CA ASN F 383 44.72 19.68 -3.59
C ASN F 383 46.13 19.15 -3.78
N TRP F 384 46.60 18.30 -2.86
CA TRP F 384 47.97 17.82 -2.94
C TRP F 384 48.19 16.97 -4.19
N PHE F 385 47.20 16.14 -4.54
CA PHE F 385 47.38 15.23 -5.66
C PHE F 385 47.60 15.98 -6.96
N LEU F 386 46.70 16.93 -7.28
CA LEU F 386 46.87 17.71 -8.49
C LEU F 386 48.19 18.47 -8.46
N ASN F 387 48.56 18.99 -7.29
CA ASN F 387 49.79 19.75 -7.16
C ASN F 387 51.00 18.91 -7.52
N TRP F 388 51.01 17.64 -7.11
CA TRP F 388 52.17 16.79 -7.36
C TRP F 388 52.20 16.26 -8.79
N VAL F 389 51.09 15.71 -9.27
CA VAL F 389 51.11 14.98 -10.52
C VAL F 389 51.39 15.93 -11.69
N GLU F 390 50.88 17.15 -11.61
CA GLU F 390 51.15 18.15 -12.65
C GLU F 390 52.48 18.86 -12.44
N ASP F 391 53.11 18.71 -11.28
CA ASP F 391 54.36 19.41 -10.94
C ASP F 391 54.19 20.92 -10.95
N ARG F 392 52.95 21.41 -10.91
CA ARG F 392 52.70 22.83 -11.07
C ARG F 392 53.33 23.62 -9.92
N ASN F 393 53.79 24.82 -10.24
CA ASN F 393 54.42 25.67 -9.24
C ASN F 393 53.43 26.02 -8.14
N THR F 394 53.94 26.08 -6.91
CA THR F 394 53.12 26.44 -5.75
C THR F 394 53.04 27.96 -5.60
N ALA F 395 52.46 28.59 -6.62
CA ALA F 395 52.33 30.04 -6.60
C ALA F 395 51.44 30.49 -5.44
N ASN F 396 50.32 29.80 -5.21
CA ASN F 396 49.48 30.12 -4.07
C ASN F 396 50.23 29.89 -2.76
N GLN F 397 50.93 28.77 -2.66
CA GLN F 397 51.77 28.47 -1.49
C GLN F 397 50.96 28.58 -0.20
N LYS F 398 49.74 28.08 -0.22
CA LYS F 398 48.93 28.09 1.00
C LYS F 398 49.61 27.22 2.05
N PRO F 399 49.53 27.58 3.33
CA PRO F 399 50.20 26.78 4.36
C PRO F 399 49.73 25.33 4.40
N LYS F 400 48.50 25.06 3.99
CA LYS F 400 47.93 23.72 4.05
C LYS F 400 47.98 22.99 2.70
N GLU F 401 47.93 23.72 1.59
CA GLU F 401 47.91 23.10 0.27
C GLU F 401 49.22 23.25 -0.49
N GLN F 402 50.24 23.85 0.11
CA GLN F 402 51.50 24.07 -0.60
C GLN F 402 52.16 22.76 -0.98
N HIS F 403 52.16 21.78 -0.08
CA HIS F 403 52.98 20.60 -0.24
C HIS F 403 52.52 19.75 -1.42
N LYS F 404 53.49 19.06 -2.04
CA LYS F 404 53.24 18.06 -3.06
C LYS F 404 53.55 16.69 -2.47
N ARG F 405 52.69 15.72 -2.74
CA ARG F 405 52.90 14.36 -2.23
C ARG F 405 51.94 13.42 -2.96
N ASN F 406 51.91 12.17 -2.51
CA ASN F 406 51.15 11.12 -3.18
C ASN F 406 49.80 10.85 -2.53
N TYR F 407 49.58 11.26 -1.29
CA TYR F 407 48.34 10.99 -0.58
C TYR F 407 47.63 12.30 -0.22
N VAL F 408 46.35 12.18 0.11
CA VAL F 408 45.50 13.33 0.39
C VAL F 408 44.64 13.04 1.61
N PRO F 409 44.16 14.08 2.29
CA PRO F 409 43.29 13.88 3.44
C PRO F 409 41.82 13.77 3.03
N CYS F 410 41.03 13.18 3.94
CA CYS F 410 39.60 13.02 3.69
C CYS F 410 38.87 13.12 5.02
N HIS F 411 37.55 13.30 4.94
CA HIS F 411 36.68 13.42 6.09
C HIS F 411 35.46 12.52 5.88
N ILE F 412 34.60 12.46 6.90
CA ILE F 412 33.40 11.63 6.88
C ILE F 412 32.18 12.52 6.81
N ARG F 413 31.21 12.13 6.00
CA ARG F 413 29.90 12.75 5.98
C ARG F 413 28.85 11.65 6.04
N GLN F 414 27.89 11.79 6.96
CA GLN F 414 26.88 10.77 7.18
C GLN F 414 25.47 11.17 6.74
N ILE F 415 25.18 12.47 6.67
CA ILE F 415 23.89 12.96 6.16
C ILE F 415 24.16 13.38 4.72
N ILE F 416 23.92 12.45 3.80
CA ILE F 416 24.26 12.63 2.40
C ILE F 416 22.98 12.66 1.58
N ASN F 417 22.80 13.71 0.80
CA ASN F 417 21.73 13.77 -0.20
C ASN F 417 22.28 13.15 -1.47
N THR F 418 22.11 11.83 -1.59
CA THR F 418 22.82 11.07 -2.59
C THR F 418 22.44 11.51 -4.00
N TRP F 419 23.39 11.37 -4.91
CA TRP F 419 23.23 11.74 -6.31
C TRP F 419 22.66 10.54 -7.06
N HIS F 420 22.79 10.52 -8.38
CA HIS F 420 22.16 9.49 -9.20
C HIS F 420 20.64 9.63 -9.14
N LYS F 421 20.14 10.76 -9.67
CA LYS F 421 18.74 11.12 -9.83
C LYS F 421 18.34 12.11 -8.75
N VAL F 422 17.02 12.28 -8.52
CA VAL F 422 16.55 13.35 -7.65
C VAL F 422 17.19 13.26 -6.28
N GLY F 423 17.25 12.06 -5.71
CA GLY F 423 17.91 11.87 -4.44
C GLY F 423 17.15 12.47 -3.28
N LYS F 424 17.39 11.93 -2.08
CA LYS F 424 16.77 12.43 -0.87
C LYS F 424 17.75 12.23 0.27
N ASN F 425 17.70 13.13 1.25
CA ASN F 425 18.61 13.05 2.38
C ASN F 425 18.41 11.73 3.12
N VAL F 426 19.47 10.91 3.17
CA VAL F 426 19.44 9.63 3.85
C VAL F 426 20.63 9.55 4.79
N TYR F 427 20.50 8.68 5.79
CA TYR F 427 21.50 8.51 6.84
C TYR F 427 22.20 7.17 6.64
N LEU F 428 23.51 7.20 6.43
CA LEU F 428 24.27 5.96 6.34
C LEU F 428 24.60 5.45 7.74
N PRO F 429 24.71 4.13 7.92
CA PRO F 429 25.06 3.60 9.23
C PRO F 429 26.56 3.48 9.37
N PRO F 430 27.09 3.51 10.60
CA PRO F 430 28.54 3.36 10.76
C PRO F 430 28.96 1.90 10.86
N ARG F 431 29.97 1.51 10.08
CA ARG F 431 30.49 0.15 10.14
C ARG F 431 31.35 -0.01 11.39
N GLU F 432 31.07 -1.05 12.16
CA GLU F 432 31.83 -1.31 13.38
C GLU F 432 33.20 -1.89 13.03
N GLY F 433 34.16 -1.65 13.91
CA GLY F 433 35.51 -2.13 13.71
C GLY F 433 36.35 -1.22 12.85
N ASP F 434 37.16 -1.79 11.96
CA ASP F 434 38.05 -1.03 11.10
C ASP F 434 37.86 -1.48 9.65
N LEU F 435 37.98 -0.53 8.73
CA LEU F 435 37.89 -0.79 7.30
C LEU F 435 39.16 -0.35 6.61
N THR F 436 39.56 -1.12 5.60
CA THR F 436 40.68 -0.76 4.72
C THR F 436 40.26 -1.20 3.32
N CYS F 437 39.65 -0.27 2.58
CA CYS F 437 39.04 -0.56 1.30
C CYS F 437 40.00 -0.25 0.16
N ASN F 438 40.16 -1.21 -0.75
CA ASN F 438 41.09 -1.12 -1.86
C ASN F 438 40.34 -1.25 -3.18
N SER F 439 40.78 -0.53 -4.20
CA SER F 439 40.09 -0.51 -5.48
C SER F 439 41.10 -0.19 -6.58
N THR F 440 40.67 -0.42 -7.81
CA THR F 440 41.47 -0.12 -9.00
C THR F 440 40.76 0.94 -9.83
N VAL F 441 41.46 2.03 -10.12
CA VAL F 441 40.89 3.11 -10.92
C VAL F 441 40.90 2.71 -12.39
N THR F 442 39.81 3.04 -13.10
CA THR F 442 39.68 2.68 -14.51
C THR F 442 39.21 3.81 -15.40
N SER F 443 38.52 4.82 -14.88
CA SER F 443 38.00 5.90 -15.71
C SER F 443 38.21 7.24 -15.01
N LEU F 444 38.28 8.29 -15.82
CA LEU F 444 38.54 9.65 -15.34
C LEU F 444 37.42 10.55 -15.84
N ILE F 445 36.62 11.07 -14.89
CA ILE F 445 35.60 12.04 -15.24
C ILE F 445 36.26 13.35 -15.62
N ALA F 446 35.86 13.91 -16.76
CA ALA F 446 36.52 15.10 -17.29
C ALA F 446 35.50 15.95 -18.04
N ASN F 447 35.83 17.23 -18.16
CA ASN F 447 35.02 18.20 -18.92
C ASN F 447 36.02 19.11 -19.62
N ILE F 448 36.37 18.75 -20.85
CA ILE F 448 37.38 19.50 -21.59
C ILE F 448 36.78 20.82 -22.04
N ASP F 449 37.31 21.93 -21.51
CA ASP F 449 36.83 23.27 -21.82
C ASP F 449 37.99 24.11 -22.32
N TRP F 450 37.75 24.88 -23.37
CA TRP F 450 38.75 25.82 -23.87
C TRP F 450 38.10 26.80 -24.84
N ILE F 451 38.34 28.09 -24.63
CA ILE F 451 37.80 29.14 -25.48
C ILE F 451 38.87 29.83 -26.31
N ASP F 452 40.12 29.89 -25.84
CA ASP F 452 41.20 30.55 -26.54
C ASP F 452 42.09 29.49 -27.20
N GLY F 453 43.14 29.96 -27.87
CA GLY F 453 44.12 29.09 -28.47
C GLY F 453 45.20 28.59 -27.54
N ASN F 454 45.15 28.96 -26.27
CA ASN F 454 46.17 28.58 -25.30
C ASN F 454 45.50 28.11 -24.01
N GLN F 455 46.22 27.28 -23.27
CA GLN F 455 45.78 26.80 -21.96
C GLN F 455 44.44 26.05 -22.05
N THR F 456 44.49 24.92 -22.75
CA THR F 456 43.33 24.03 -22.77
C THR F 456 43.14 23.40 -21.39
N ASN F 457 41.88 23.34 -20.95
CA ASN F 457 41.54 22.94 -19.59
C ASN F 457 40.92 21.55 -19.59
N ILE F 458 41.29 20.75 -18.60
CA ILE F 458 40.64 19.47 -18.31
C ILE F 458 40.05 19.62 -16.92
N THR F 459 38.78 20.03 -16.85
CA THR F 459 38.11 20.28 -15.59
C THR F 459 37.27 19.07 -15.21
N MET F 460 37.41 18.64 -13.95
CA MET F 460 36.62 17.52 -13.46
C MET F 460 35.16 17.94 -13.33
N SER F 461 34.28 16.94 -13.35
CA SER F 461 32.85 17.16 -13.21
C SER F 461 32.29 16.15 -12.22
N ALA F 462 31.15 16.50 -11.62
CA ALA F 462 30.50 15.70 -10.59
C ALA F 462 29.17 15.16 -11.06
N GLU F 463 29.11 14.70 -12.31
CA GLU F 463 27.90 14.09 -12.87
C GLU F 463 28.06 12.57 -12.75
N VAL F 464 27.57 12.02 -11.64
CA VAL F 464 27.73 10.60 -11.36
C VAL F 464 27.05 9.70 -12.38
N ALA F 465 26.16 10.25 -13.20
CA ALA F 465 25.48 9.45 -14.20
C ALA F 465 26.32 9.19 -15.44
N GLU F 466 27.46 9.87 -15.57
CA GLU F 466 28.30 9.65 -16.75
C GLU F 466 29.04 8.32 -16.70
N LEU F 467 29.30 7.79 -15.51
CA LEU F 467 29.99 6.52 -15.41
C LEU F 467 29.20 5.41 -16.08
N TYR F 468 27.89 5.39 -15.85
CA TYR F 468 27.04 4.35 -16.42
C TYR F 468 26.97 4.41 -17.93
N ARG F 469 27.31 5.56 -18.53
CA ARG F 469 27.32 5.66 -19.97
C ARG F 469 28.55 5.00 -20.60
N LEU F 470 29.62 4.82 -19.83
CA LEU F 470 30.78 4.10 -20.33
C LEU F 470 30.56 2.60 -20.34
N GLU F 471 29.81 2.08 -19.36
CA GLU F 471 29.63 0.63 -19.25
C GLU F 471 28.83 0.09 -20.43
N LEU F 472 27.75 0.76 -20.81
CA LEU F 472 26.87 0.31 -21.87
C LEU F 472 26.71 1.34 -22.97
N GLY F 473 27.65 2.28 -23.10
CA GLY F 473 27.55 3.28 -24.14
C GLY F 473 27.59 2.68 -25.53
N ASP F 474 28.30 1.57 -25.70
CA ASP F 474 28.49 0.95 -27.01
C ASP F 474 27.37 -0.03 -27.36
N TYR F 475 26.35 -0.14 -26.54
CA TYR F 475 25.25 -1.07 -26.78
C TYR F 475 24.06 -0.34 -27.39
N LYS F 476 23.33 -1.05 -28.23
CA LYS F 476 22.09 -0.54 -28.83
C LYS F 476 21.03 -1.63 -28.76
N LEU F 477 19.80 -1.21 -28.48
CA LEU F 477 18.66 -2.11 -28.41
C LEU F 477 17.84 -2.01 -29.68
N VAL F 478 17.52 -3.16 -30.28
CA VAL F 478 16.74 -3.19 -31.51
C VAL F 478 15.68 -4.27 -31.38
N GLU F 479 14.62 -4.13 -32.17
CA GLU F 479 13.51 -5.07 -32.21
C GLU F 479 13.48 -5.73 -33.58
N ILE F 480 13.49 -7.06 -33.60
CA ILE F 480 13.47 -7.77 -34.87
C ILE F 480 12.08 -7.70 -35.47
N THR F 481 12.01 -7.36 -36.76
CA THR F 481 10.76 -7.24 -37.50
C THR F 481 10.81 -8.22 -38.66
N PRO F 482 10.34 -9.46 -38.49
CA PRO F 482 10.53 -10.49 -39.51
C PRO F 482 9.64 -10.36 -40.74
N ILE F 483 8.93 -9.24 -40.92
CA ILE F 483 7.99 -9.07 -42.02
C ILE F 483 8.61 -8.12 -43.04
N GLY F 484 8.61 -8.54 -44.30
CA GLY F 484 9.07 -7.72 -45.40
C GLY F 484 8.26 -7.97 -46.66
N LEU F 485 8.07 -6.93 -47.47
CA LEU F 485 7.21 -7.00 -48.64
C LEU F 485 8.01 -6.58 -49.87
N ALA F 486 8.11 -7.49 -50.84
CA ALA F 486 8.84 -7.27 -52.07
C ALA F 486 8.04 -7.81 -53.23
N PRO F 487 8.26 -7.30 -54.44
CA PRO F 487 7.44 -7.72 -55.59
C PRO F 487 7.84 -9.10 -56.10
N THR F 488 6.90 -9.70 -56.82
CA THR F 488 7.15 -10.97 -57.51
C THR F 488 6.10 -11.12 -58.61
N ASP F 489 6.53 -11.58 -59.78
CA ASP F 489 5.62 -11.76 -60.89
C ASP F 489 4.54 -12.80 -60.61
N CYS F 490 4.80 -13.72 -59.68
CA CYS F 490 3.82 -14.77 -59.39
C CYS F 490 2.55 -14.17 -58.81
N LYS F 491 1.42 -14.78 -59.15
CA LYS F 491 0.12 -14.38 -58.66
C LYS F 491 -0.43 -15.44 -57.71
N ARG F 492 -1.44 -15.04 -56.93
CA ARG F 492 -2.02 -15.96 -55.95
C ARG F 492 -2.64 -17.17 -56.63
N TYR F 493 -3.12 -17.03 -57.87
CA TYR F 493 -3.78 -18.11 -58.58
C TYR F 493 -5.00 -18.59 -57.82
N THR F 494 -5.45 -19.80 -58.12
CA THR F 494 -6.61 -20.38 -57.43
C THR F 494 -6.38 -21.87 -57.17
N GLN G 1 -1.83 17.12 64.84
CA GLN G 1 -1.64 18.35 65.65
C GLN G 1 -0.19 18.80 65.62
N VAL G 2 0.27 19.19 64.42
CA VAL G 2 1.65 19.63 64.26
C VAL G 2 1.85 20.96 64.95
N GLN G 3 3.04 21.16 65.51
CA GLN G 3 3.41 22.39 66.20
C GLN G 3 4.39 23.18 65.36
N LEU G 4 4.12 24.48 65.22
CA LEU G 4 4.98 25.39 64.46
C LEU G 4 5.65 26.35 65.42
N VAL G 5 6.98 26.47 65.29
CA VAL G 5 7.79 27.35 66.13
C VAL G 5 8.35 28.45 65.25
N GLN G 6 8.14 29.71 65.67
CA GLN G 6 8.60 30.87 64.93
C GLN G 6 9.60 31.65 65.77
N SER G 7 10.37 32.49 65.09
CA SER G 7 11.36 33.31 65.77
C SER G 7 10.68 34.40 66.60
N GLY G 8 11.44 34.97 67.52
CA GLY G 8 10.90 35.99 68.40
C GLY G 8 10.68 37.31 67.68
N ALA G 9 9.98 38.21 68.37
CA ALA G 9 9.66 39.51 67.81
C ALA G 9 10.94 40.33 67.59
N GLU G 10 10.91 41.18 66.57
CA GLU G 10 12.05 42.00 66.19
C GLU G 10 11.60 43.43 65.96
N VAL G 11 12.50 44.36 66.21
CA VAL G 11 12.29 45.79 65.97
C VAL G 11 13.35 46.25 64.97
N LYS G 12 12.91 46.87 63.88
CA LYS G 12 13.80 47.26 62.80
C LYS G 12 13.48 48.67 62.34
N LYS G 13 14.48 49.33 61.77
CA LYS G 13 14.31 50.66 61.22
C LYS G 13 13.60 50.60 59.86
N PRO G 14 12.93 51.68 59.46
CA PRO G 14 12.35 51.71 58.11
C PRO G 14 13.41 51.51 57.04
N GLY G 15 13.03 50.80 55.99
CA GLY G 15 13.93 50.55 54.86
C GLY G 15 14.87 49.38 55.04
N SER G 16 14.86 48.71 56.20
CA SER G 16 15.70 47.56 56.44
C SER G 16 14.95 46.29 56.03
N SER G 17 15.47 45.13 56.42
CA SER G 17 14.89 43.85 56.06
C SER G 17 14.79 42.95 57.28
N VAL G 18 13.83 42.04 57.25
CA VAL G 18 13.60 41.05 58.30
C VAL G 18 13.64 39.67 57.68
N LYS G 19 14.14 38.70 58.44
CA LYS G 19 14.20 37.31 58.01
C LYS G 19 13.64 36.43 59.13
N VAL G 20 12.42 35.95 58.95
CA VAL G 20 11.77 35.09 59.93
C VAL G 20 12.19 33.65 59.70
N SER G 21 12.15 32.85 60.76
CA SER G 21 12.49 31.43 60.70
C SER G 21 11.32 30.62 61.27
N CYS G 22 10.98 29.54 60.58
CA CYS G 22 9.84 28.70 60.96
C CYS G 22 10.23 27.24 60.87
N LYS G 23 9.76 26.45 61.84
CA LYS G 23 10.02 25.02 61.89
C LYS G 23 8.75 24.28 62.27
N ALA G 24 8.67 23.01 61.87
CA ALA G 24 7.53 22.16 62.17
C ALA G 24 8.00 20.90 62.87
N SER G 25 7.23 20.46 63.87
CA SER G 25 7.56 19.24 64.59
C SER G 25 7.51 18.04 63.66
N GLY G 26 8.52 17.18 63.76
CA GLY G 26 8.56 15.98 62.94
C GLY G 26 8.83 16.23 61.47
N ASN G 27 9.37 17.39 61.13
CA ASN G 27 9.65 17.73 59.73
C ASN G 27 8.40 17.60 58.88
N SER G 28 7.27 18.09 59.40
CA SER G 28 6.02 18.01 58.67
C SER G 28 6.06 18.79 57.36
N PHE G 29 6.92 19.82 57.27
CA PHE G 29 7.02 20.58 56.04
C PHE G 29 7.46 19.73 54.86
N SER G 30 8.17 18.63 55.12
CA SER G 30 8.60 17.75 54.04
C SER G 30 7.43 17.04 53.35
N ASN G 31 6.24 17.06 53.96
CA ASN G 31 5.07 16.41 53.38
C ASN G 31 3.89 17.34 53.21
N HIS G 32 3.92 18.55 53.77
CA HIS G 32 2.84 19.52 53.65
C HIS G 32 3.40 20.85 53.17
N ASP G 33 2.54 21.64 52.53
CA ASP G 33 2.96 22.90 51.96
C ASP G 33 3.26 23.92 53.07
N VAL G 34 3.80 25.06 52.66
CA VAL G 34 4.14 26.14 53.57
C VAL G 34 3.55 27.43 53.04
N HIS G 35 3.15 28.32 53.96
CA HIS G 35 2.52 29.57 53.60
C HIS G 35 2.92 30.64 54.61
N TRP G 36 2.56 31.88 54.32
CA TRP G 36 2.88 33.01 55.19
C TRP G 36 1.73 34.01 55.15
N VAL G 37 1.29 34.44 56.33
CA VAL G 37 0.18 35.38 56.46
C VAL G 37 0.58 36.44 57.48
N ARG G 38 0.11 37.67 57.25
CA ARG G 38 0.35 38.78 58.17
C ARG G 38 -0.95 39.52 58.42
N GLN G 39 -0.96 40.31 59.48
CA GLN G 39 -2.11 41.14 59.82
C GLN G 39 -1.64 42.29 60.70
N ALA G 40 -2.18 43.48 60.44
CA ALA G 40 -1.88 44.66 61.22
C ALA G 40 -2.94 44.85 62.30
N THR G 41 -2.54 45.46 63.42
CA THR G 41 -3.43 45.65 64.54
C THR G 41 -4.69 46.41 64.11
N GLY G 42 -5.85 45.77 64.30
CA GLY G 42 -7.10 46.38 63.91
C GLY G 42 -7.39 46.33 62.44
N GLN G 43 -6.65 45.55 61.66
CA GLN G 43 -6.82 45.44 60.22
C GLN G 43 -7.01 43.98 59.83
N GLY G 44 -7.37 43.77 58.57
CA GLY G 44 -7.61 42.43 58.08
C GLY G 44 -6.33 41.67 57.82
N LEU G 45 -6.48 40.35 57.70
CA LEU G 45 -5.36 39.48 57.39
C LEU G 45 -4.90 39.70 55.95
N GLU G 46 -3.59 39.59 55.74
CA GLU G 46 -3.00 39.79 54.42
C GLU G 46 -2.10 38.60 54.09
N TRP G 47 -2.27 38.04 52.90
CA TRP G 47 -1.48 36.91 52.45
C TRP G 47 -0.16 37.38 51.85
N MET G 48 0.88 36.56 51.99
CA MET G 48 2.21 36.89 51.50
C MET G 48 2.69 35.96 50.40
N GLY G 49 2.73 34.66 50.63
CA GLY G 49 3.32 33.76 49.66
C GLY G 49 3.14 32.32 50.09
N TRP G 50 3.91 31.45 49.45
CA TRP G 50 3.80 30.01 49.71
C TRP G 50 4.98 29.32 49.03
N MET G 51 5.02 27.99 49.16
CA MET G 51 5.99 27.17 48.45
C MET G 51 5.62 25.70 48.55
N SER G 52 5.62 25.00 47.43
CA SER G 52 5.16 23.62 47.40
C SER G 52 6.04 22.75 48.28
N HIS G 53 5.41 21.75 48.92
CA HIS G 53 6.17 20.83 49.75
C HIS G 53 7.21 20.07 48.93
N GLU G 54 6.95 19.89 47.63
CA GLU G 54 7.96 19.34 46.74
C GLU G 54 9.00 20.38 46.35
N GLY G 55 8.71 21.67 46.53
CA GLY G 55 9.65 22.71 46.21
C GLY G 55 9.70 23.13 44.76
N ASP G 56 8.73 22.69 43.95
CA ASP G 56 8.75 23.00 42.52
C ASP G 56 8.22 24.40 42.24
N LYS G 57 6.96 24.66 42.62
CA LYS G 57 6.30 25.92 42.32
C LYS G 57 6.46 26.85 43.52
N THR G 58 7.30 27.87 43.38
CA THR G 58 7.52 28.87 44.41
C THR G 58 7.22 30.24 43.84
N GLY G 59 6.47 31.05 44.58
CA GLY G 59 6.10 32.37 44.11
C GLY G 59 5.76 33.27 45.28
N LEU G 60 5.40 34.51 44.95
CA LEU G 60 5.07 35.53 45.94
C LEU G 60 3.79 36.23 45.52
N ALA G 61 3.39 37.21 46.31
CA ALA G 61 2.18 37.98 46.04
C ALA G 61 2.48 39.18 45.17
N GLN G 62 1.43 39.65 44.48
CA GLN G 62 1.59 40.83 43.63
C GLN G 62 1.98 42.06 44.45
N LYS G 63 1.43 42.17 45.66
CA LYS G 63 1.74 43.33 46.50
C LYS G 63 3.22 43.39 46.83
N PHE G 64 3.82 42.24 47.18
CA PHE G 64 5.22 42.17 47.57
C PHE G 64 6.11 41.60 46.48
N GLN G 65 5.73 41.81 45.21
CA GLN G 65 6.50 41.29 44.10
C GLN G 65 7.91 41.87 44.10
N GLY G 66 8.92 41.03 44.39
CA GLY G 66 10.29 41.46 44.47
C GLY G 66 10.71 41.98 45.82
N ARG G 67 9.79 42.12 46.76
CA ARG G 67 10.10 42.60 48.10
C ARG G 67 10.37 41.48 49.10
N VAL G 68 9.98 40.25 48.79
CA VAL G 68 10.07 39.13 49.71
C VAL G 68 10.82 37.99 49.02
N THR G 69 11.50 37.19 49.83
CA THR G 69 12.19 35.99 49.34
C THR G 69 11.97 34.88 50.34
N ILE G 70 11.46 33.73 49.86
CA ILE G 70 11.13 32.59 50.68
C ILE G 70 12.14 31.49 50.38
N THR G 71 12.74 30.93 51.43
CA THR G 71 13.74 29.89 51.26
C THR G 71 13.66 28.92 52.43
N ARG G 72 14.15 27.70 52.20
CA ARG G 72 14.16 26.64 53.20
C ARG G 72 15.51 25.96 53.19
N ASP G 73 15.85 25.37 54.34
CA ASP G 73 17.06 24.56 54.44
C ASP G 73 16.83 23.20 53.77
N SER G 74 17.93 22.57 53.39
CA SER G 74 17.85 21.26 52.74
C SER G 74 17.11 20.28 53.64
N GLY G 75 16.21 19.52 53.03
CA GLY G 75 15.35 18.60 53.76
C GLY G 75 14.12 19.23 54.37
N ALA G 76 13.87 20.52 54.11
CA ALA G 76 12.70 21.22 54.65
C ALA G 76 12.71 21.24 56.17
N SER G 77 13.89 21.16 56.77
CA SER G 77 13.99 21.22 58.22
C SER G 77 13.50 22.57 58.75
N THR G 78 13.88 23.65 58.09
CA THR G 78 13.48 24.99 58.47
C THR G 78 13.06 25.76 57.23
N VAL G 79 12.16 26.74 57.44
CA VAL G 79 11.71 27.62 56.37
C VAL G 79 12.01 29.06 56.79
N TYR G 80 12.62 29.82 55.89
CA TYR G 80 12.98 31.21 56.15
C TYR G 80 12.28 32.10 55.15
N MET G 81 11.59 33.12 55.65
CA MET G 81 10.94 34.14 54.84
C MET G 81 11.61 35.48 55.13
N GLU G 82 12.11 36.13 54.09
CA GLU G 82 12.83 37.39 54.23
C GLU G 82 12.09 38.48 53.48
N LEU G 83 11.90 39.62 54.14
CA LEU G 83 11.23 40.78 53.58
C LEU G 83 12.15 41.99 53.68
N ARG G 84 12.17 42.80 52.63
CA ARG G 84 12.94 44.03 52.59
C ARG G 84 12.01 45.21 52.28
N GLY G 85 12.58 46.41 52.28
CA GLY G 85 11.80 47.60 52.02
C GLY G 85 10.74 47.85 53.08
N LEU G 86 11.09 47.67 54.35
CA LEU G 86 10.13 47.82 55.43
C LEU G 86 9.71 49.28 55.59
N THR G 87 8.45 49.48 55.98
CA THR G 87 7.91 50.80 56.22
C THR G 87 6.99 50.72 57.43
N ALA G 88 6.35 51.85 57.76
CA ALA G 88 5.41 51.88 58.88
C ALA G 88 4.23 50.94 58.63
N ASP G 89 3.74 50.90 57.39
CA ASP G 89 2.63 50.02 57.05
C ASP G 89 2.99 48.55 57.19
N ASP G 90 4.28 48.22 57.19
CA ASP G 90 4.70 46.82 57.28
C ASP G 90 4.63 46.28 58.71
N THR G 91 4.36 47.11 59.71
CA THR G 91 4.23 46.64 61.08
C THR G 91 3.06 45.68 61.19
N ALA G 92 3.34 44.40 61.42
CA ALA G 92 2.31 43.38 61.50
C ALA G 92 2.89 42.14 62.15
N ILE G 93 2.00 41.22 62.53
CA ILE G 93 2.39 39.93 63.09
C ILE G 93 2.40 38.92 61.95
N TYR G 94 3.55 38.28 61.75
CA TYR G 94 3.76 37.40 60.60
C TYR G 94 3.61 35.94 61.06
N TYR G 95 2.76 35.20 60.36
CA TYR G 95 2.36 33.86 60.78
C TYR G 95 2.86 32.82 59.79
N CYS G 96 3.29 31.68 60.32
CA CYS G 96 3.74 30.53 59.54
C CYS G 96 2.69 29.43 59.66
N LEU G 97 2.29 28.87 58.52
CA LEU G 97 1.19 27.92 58.51
C LEU G 97 1.40 26.90 57.39
N THR G 98 0.86 25.70 57.60
CA THR G 98 1.00 24.59 56.68
C THR G 98 -0.17 24.55 55.70
N GLY G 99 -0.30 23.46 54.96
CA GLY G 99 -1.40 23.29 54.03
C GLY G 99 -1.04 22.27 52.96
N SER G 100 -1.92 22.20 51.96
CA SER G 100 -1.71 21.33 50.81
C SER G 100 -2.24 22.06 49.58
N LYS G 101 -2.35 21.32 48.48
CA LYS G 101 -2.75 21.90 47.20
C LYS G 101 -3.36 20.80 46.35
N HIS G 102 -4.01 21.23 45.26
CA HIS G 102 -4.64 20.32 44.30
C HIS G 102 -3.98 20.58 42.95
N ARG G 103 -2.93 19.83 42.66
CA ARG G 103 -2.19 19.99 41.41
C ARG G 103 -2.91 19.22 40.32
N LEU G 104 -3.64 19.95 39.46
CA LEU G 104 -4.40 19.37 38.37
C LEU G 104 -3.77 19.76 37.03
N ARG G 105 -4.18 19.06 35.98
CA ARG G 105 -3.70 19.33 34.64
C ARG G 105 -4.54 20.44 34.00
N ASP G 106 -3.86 21.41 33.40
CA ASP G 106 -4.51 22.53 32.76
C ASP G 106 -4.40 22.51 31.24
N TYR G 107 -3.52 21.69 30.68
CA TYR G 107 -3.36 21.61 29.23
C TYR G 107 -2.75 20.26 28.89
N PHE G 108 -2.93 19.86 27.64
CA PHE G 108 -2.41 18.56 27.20
C PHE G 108 -2.29 18.58 25.68
N LEU G 109 -1.08 18.32 25.18
CA LEU G 109 -0.85 18.19 23.75
C LEU G 109 -0.15 16.87 23.48
N ASN G 111 1.94 14.77 22.24
CA ASN G 111 3.07 14.80 21.32
C ASN G 111 3.45 13.40 20.87
N GLU G 112 3.10 13.05 19.64
CA GLU G 112 3.32 11.71 19.10
C GLU G 112 4.80 11.33 19.17
N GLY G 114 8.32 11.61 21.11
CA GLY G 114 8.85 11.91 22.43
C GLY G 114 7.78 11.86 23.51
N PRO G 115 8.03 12.50 24.66
CA PRO G 115 7.06 12.44 25.75
C PRO G 115 5.87 13.35 25.51
N ASN G 116 4.88 13.30 26.40
CA ASN G 116 3.69 14.12 26.28
C ASN G 116 3.90 15.48 26.95
N TYR G 117 3.23 16.49 26.40
CA TYR G 117 3.34 17.85 26.92
C TYR G 117 2.24 18.07 27.96
N GLU G 118 2.63 18.26 29.21
CA GLU G 118 1.71 18.46 30.31
C GLU G 118 2.03 19.77 31.02
N GLU G 119 0.97 20.48 31.43
CA GLU G 119 1.10 21.71 32.19
C GLU G 119 0.25 21.60 33.44
N TRP G 120 0.84 21.90 34.60
CA TRP G 120 0.21 21.70 35.89
C TRP G 120 0.06 23.02 36.62
N GLY G 121 -1.04 23.15 37.36
CA GLY G 121 -1.30 24.34 38.15
C GLY G 121 -1.71 23.97 39.56
N ASP G 122 -1.28 24.80 40.50
CA ASP G 122 -1.51 24.56 41.93
C ASP G 122 -2.59 25.49 42.45
N TYR G 123 -3.60 24.92 43.10
CA TYR G 123 -4.72 25.66 43.65
C TYR G 123 -4.82 25.34 45.14
N LEU G 124 -4.96 26.38 45.96
CA LEU G 124 -4.90 26.25 47.41
C LEU G 124 -6.27 25.94 47.98
N ALA G 125 -6.38 24.81 48.67
CA ALA G 125 -7.61 24.40 49.32
C ALA G 125 -7.47 24.25 50.83
N THR G 126 -6.47 23.52 51.30
CA THR G 126 -6.36 23.18 52.71
C THR G 126 -5.54 24.23 53.44
N LEU G 127 -6.04 24.65 54.61
CA LEU G 127 -5.33 25.54 55.52
C LEU G 127 -5.66 25.07 56.93
N ASP G 128 -4.84 24.16 57.46
CA ASP G 128 -5.17 23.43 58.68
C ASP G 128 -4.45 23.98 59.91
N VAL G 129 -3.12 24.03 59.88
CA VAL G 129 -2.30 24.33 61.05
C VAL G 129 -1.74 25.73 60.92
N TRP G 130 -1.90 26.53 61.98
CA TRP G 130 -1.41 27.90 62.02
C TRP G 130 -0.30 28.02 63.05
N GLY G 131 0.70 28.85 62.74
CA GLY G 131 1.75 29.13 63.70
C GLY G 131 1.37 30.23 64.66
N HIS G 132 2.14 30.32 65.75
CA HIS G 132 1.86 31.33 66.76
C HIS G 132 2.02 32.75 66.20
N GLY G 133 3.02 32.95 65.34
CA GLY G 133 3.23 34.24 64.71
C GLY G 133 4.41 35.00 65.30
N THR G 134 4.98 35.88 64.49
CA THR G 134 6.11 36.71 64.88
C THR G 134 5.72 38.17 64.74
N ALA G 135 5.90 38.94 65.81
CA ALA G 135 5.55 40.35 65.82
C ALA G 135 6.74 41.18 65.33
N VAL G 136 6.50 42.01 64.30
CA VAL G 136 7.52 42.86 63.72
C VAL G 136 7.05 44.31 63.84
N THR G 137 7.91 45.15 64.41
CA THR G 137 7.64 46.57 64.59
C THR G 137 8.65 47.37 63.78
N VAL G 138 8.17 48.11 62.78
CA VAL G 138 9.02 48.93 61.93
C VAL G 138 9.06 50.32 62.55
N SER G 139 10.12 50.61 63.30
CA SER G 139 10.27 51.91 63.93
C SER G 139 11.74 52.15 64.21
N SER G 140 12.08 53.41 64.44
CA SER G 140 13.47 53.80 64.73
C SER G 140 13.65 54.05 66.22
N VAL H 2 -9.27 40.85 39.94
CA VAL H 2 -9.87 39.92 40.88
C VAL H 2 -9.97 40.57 42.26
N VAL H 3 -11.19 40.77 42.73
CA VAL H 3 -11.45 41.34 44.05
C VAL H 3 -12.54 40.53 44.73
N ILE H 4 -12.63 40.70 46.05
CA ILE H 4 -13.62 40.02 46.88
C ILE H 4 -14.42 41.07 47.64
N THR H 5 -15.74 40.95 47.60
CA THR H 5 -16.64 41.85 48.31
C THR H 5 -17.36 41.05 49.39
N GLN H 6 -17.19 41.46 50.64
CA GLN H 6 -17.84 40.83 51.78
C GLN H 6 -18.83 41.83 52.39
N SER H 7 -20.09 41.43 52.46
CA SER H 7 -21.14 42.27 53.01
C SER H 7 -22.04 41.43 53.91
N PRO H 8 -22.63 42.02 54.96
CA PRO H 8 -22.44 43.40 55.44
C PRO H 8 -21.17 43.55 56.26
N LEU H 9 -20.63 44.76 56.38
CA LEU H 9 -19.44 44.99 57.18
C LEU H 9 -19.72 44.67 58.65
N PHE H 10 -20.87 45.09 59.15
CA PHE H 10 -21.18 45.05 60.58
C PHE H 10 -22.56 44.43 60.76
N LEU H 11 -22.62 43.28 61.43
CA LEU H 11 -23.82 42.44 61.51
C LEU H 11 -24.12 42.11 62.97
N PRO H 12 -24.80 42.99 63.69
CA PRO H 12 -25.28 42.64 65.03
C PRO H 12 -26.32 41.53 64.95
N VAL H 13 -26.15 40.50 65.78
CA VAL H 13 -27.07 39.36 65.83
C VAL H 13 -27.53 39.18 67.26
N THR H 14 -28.85 39.21 67.46
CA THR H 14 -29.40 38.92 68.77
C THR H 14 -29.12 37.47 69.13
N PRO H 15 -28.84 37.17 70.41
CA PRO H 15 -28.56 35.77 70.77
C PRO H 15 -29.74 34.86 70.41
N GLY H 16 -29.40 33.68 69.90
CA GLY H 16 -30.41 32.72 69.49
C GLY H 16 -30.97 32.93 68.11
N GLU H 17 -30.55 33.96 67.39
CA GLU H 17 -31.04 34.26 66.05
C GLU H 17 -30.08 33.76 65.00
N ALA H 18 -30.58 33.65 63.77
CA ALA H 18 -29.78 33.19 62.64
C ALA H 18 -29.06 34.36 61.97
N ALA H 19 -27.93 34.05 61.35
CA ALA H 19 -27.11 35.04 60.67
C ALA H 19 -26.70 34.53 59.30
N SER H 20 -26.58 35.46 58.36
CA SER H 20 -26.18 35.14 56.99
C SER H 20 -25.04 36.07 56.58
N LEU H 21 -23.97 35.50 56.05
CA LEU H 21 -22.80 36.24 55.58
C LEU H 21 -22.58 35.95 54.11
N SER H 22 -22.19 36.98 53.36
CA SER H 22 -22.03 36.90 51.92
C SER H 22 -20.61 37.26 51.53
N CYS H 23 -19.99 36.43 50.70
CA CYS H 23 -18.69 36.70 50.10
C CYS H 23 -18.81 36.45 48.61
N LYS H 24 -18.66 37.51 47.81
CA LYS H 24 -18.92 37.47 46.38
C LYS H 24 -17.64 37.66 45.58
N CYS H 25 -17.44 36.80 44.59
CA CYS H 25 -16.35 36.93 43.64
C CYS H 25 -16.91 36.73 42.24
N SER H 26 -16.50 37.60 41.31
CA SER H 26 -17.02 37.58 39.95
C SER H 26 -15.95 37.39 38.88
N HIS H 27 -14.68 37.67 39.19
CA HIS H 27 -13.61 37.61 38.18
C HIS H 27 -13.03 36.20 38.14
N SER H 28 -13.83 35.28 37.62
CA SER H 28 -13.39 33.90 37.37
C SER H 28 -12.95 33.74 35.93
N LEU H 29 -11.96 34.55 35.55
CA LEU H 29 -11.52 34.60 34.16
C LEU H 29 -11.02 33.24 33.70
N GLN H 30 -11.48 32.82 32.52
CA GLN H 30 -11.03 31.63 31.78
C GLN H 30 -11.19 30.32 32.55
N HIS H 31 -11.74 30.36 33.77
CA HIS H 31 -12.14 29.15 34.48
C HIS H 31 -10.97 28.19 34.62
N SER H 32 -11.20 26.99 35.17
CA SER H 32 -10.22 25.92 35.17
C SER H 32 -10.80 24.70 35.88
N THR H 33 -11.14 24.85 37.16
CA THR H 33 -11.75 23.80 37.95
C THR H 33 -13.21 24.16 38.23
N GLY H 34 -14.10 23.18 38.08
CA GLY H 34 -15.52 23.47 38.24
C GLY H 34 -15.85 24.01 39.62
N ALA H 35 -15.29 23.39 40.67
CA ALA H 35 -15.55 23.81 42.05
C ALA H 35 -14.50 24.83 42.45
N ASN H 36 -14.83 26.10 42.29
CA ASN H 36 -13.94 27.16 42.73
C ASN H 36 -13.65 27.01 44.22
N TYR H 37 -12.38 27.10 44.59
CA TYR H 37 -11.98 26.85 45.97
C TYR H 37 -12.18 28.12 46.79
N LEU H 38 -13.06 28.03 47.78
CA LEU H 38 -13.27 29.11 48.75
C LEU H 38 -13.22 28.51 50.15
N ALA H 39 -12.52 29.20 51.06
CA ALA H 39 -12.37 28.72 52.42
C ALA H 39 -12.75 29.83 53.40
N TRP H 40 -13.57 29.49 54.38
CA TRP H 40 -14.04 30.43 55.38
C TRP H 40 -13.33 30.20 56.71
N TYR H 41 -12.95 31.29 57.36
CA TYR H 41 -12.21 31.22 58.62
C TYR H 41 -12.79 32.23 59.60
N LEU H 42 -12.72 31.89 60.89
CA LEU H 42 -13.18 32.76 61.97
C LEU H 42 -12.01 33.07 62.87
N GLN H 43 -11.78 34.36 63.13
CA GLN H 43 -10.68 34.82 63.98
C GLN H 43 -11.28 35.53 65.19
N ARG H 44 -11.33 34.82 66.33
CA ARG H 44 -11.78 35.44 67.55
C ARG H 44 -10.71 36.40 68.08
N PRO H 45 -11.09 37.35 68.93
CA PRO H 45 -10.09 38.25 69.50
C PRO H 45 -9.02 37.48 70.25
N GLY H 46 -7.76 37.86 70.02
CA GLY H 46 -6.66 37.20 70.70
C GLY H 46 -6.51 35.73 70.38
N GLN H 47 -7.09 35.26 69.28
CA GLN H 47 -7.02 33.86 68.88
C GLN H 47 -6.71 33.76 67.41
N THR H 48 -6.05 32.67 67.03
CA THR H 48 -5.72 32.44 65.63
C THR H 48 -6.98 32.10 64.84
N PRO H 49 -7.03 32.47 63.56
CA PRO H 49 -8.21 32.13 62.75
C PRO H 49 -8.43 30.63 62.69
N ARG H 50 -9.69 30.23 62.72
CA ARG H 50 -10.08 28.83 62.69
C ARG H 50 -10.84 28.53 61.40
N LEU H 51 -10.42 27.49 60.70
CA LEU H 51 -11.10 27.10 59.47
C LEU H 51 -12.52 26.63 59.78
N LEU H 52 -13.46 27.06 58.95
CA LEU H 52 -14.86 26.66 59.07
C LEU H 52 -15.34 25.84 57.89
N ILE H 53 -15.15 26.32 56.67
CA ILE H 53 -15.63 25.67 55.47
C ILE H 53 -14.50 25.59 54.46
N HIS H 54 -14.42 24.47 53.75
CA HIS H 54 -13.49 24.31 52.64
C HIS H 54 -14.25 23.80 51.43
N LEU H 55 -13.87 24.29 50.25
CA LEU H 55 -14.56 24.00 48.99
C LEU H 55 -15.98 24.55 48.97
N ALA H 56 -16.31 25.45 49.90
CA ALA H 56 -17.56 26.21 49.96
C ALA H 56 -18.76 25.37 50.38
N THR H 57 -18.61 24.07 50.58
CA THR H 57 -19.75 23.22 50.94
C THR H 57 -19.46 22.22 52.04
N HIS H 58 -18.21 21.97 52.41
CA HIS H 58 -17.85 20.92 53.35
C HIS H 58 -17.43 21.53 54.68
N ARG H 59 -18.03 21.03 55.76
CA ARG H 59 -17.66 21.48 57.10
C ARG H 59 -16.28 20.95 57.48
N ALA H 60 -15.56 21.74 58.26
CA ALA H 60 -14.28 21.32 58.78
C ALA H 60 -14.47 20.47 60.04
N SER H 61 -13.41 19.77 60.41
CA SER H 61 -13.46 18.89 61.58
C SER H 61 -13.72 19.71 62.84
N GLY H 62 -14.66 19.25 63.65
CA GLY H 62 -14.97 19.88 64.92
C GLY H 62 -15.91 21.07 64.82
N VAL H 63 -16.32 21.46 63.62
CA VAL H 63 -17.20 22.61 63.46
C VAL H 63 -18.64 22.17 63.76
N PRO H 64 -19.37 22.87 64.63
CA PRO H 64 -20.75 22.46 64.90
C PRO H 64 -21.63 22.59 63.66
N ASP H 65 -22.67 21.76 63.61
CA ASP H 65 -23.54 21.72 62.43
C ASP H 65 -24.23 23.05 62.17
N ARG H 66 -24.32 23.92 63.18
CA ARG H 66 -24.98 25.21 62.97
C ARG H 66 -24.25 26.07 61.94
N PHE H 67 -22.96 25.81 61.69
CA PHE H 67 -22.20 26.52 60.68
C PHE H 67 -22.32 25.76 59.35
N SER H 68 -22.96 26.38 58.37
CA SER H 68 -23.17 25.77 57.07
C SER H 68 -22.76 26.73 55.97
N GLY H 69 -22.00 26.24 55.01
CA GLY H 69 -21.57 27.03 53.86
C GLY H 69 -22.18 26.47 52.59
N SER H 70 -22.68 27.36 51.74
CA SER H 70 -23.36 26.95 50.52
C SER H 70 -23.11 28.00 49.44
N GLY H 71 -23.32 27.58 48.19
CA GLY H 71 -23.13 28.46 47.06
C GLY H 71 -22.26 27.86 45.97
N SER H 72 -22.44 28.32 44.74
CA SER H 72 -21.67 27.84 43.61
C SER H 72 -21.57 28.94 42.57
N GLY H 73 -20.44 28.98 41.88
CA GLY H 73 -20.23 29.96 40.81
C GLY H 73 -19.59 31.25 41.34
N THR H 74 -20.40 32.31 41.44
CA THR H 74 -19.92 33.61 41.87
C THR H 74 -20.46 34.04 43.22
N ASP H 75 -21.68 33.64 43.56
CA ASP H 75 -22.33 34.06 44.80
C ASP H 75 -22.32 32.91 45.79
N PHE H 76 -21.86 33.18 47.01
CA PHE H 76 -21.76 32.19 48.08
C PHE H 76 -22.30 32.79 49.36
N THR H 77 -22.76 31.92 50.25
CA THR H 77 -23.37 32.36 51.50
C THR H 77 -22.96 31.44 52.64
N LEU H 78 -22.76 32.03 53.81
CA LEU H 78 -22.50 31.31 55.04
C LEU H 78 -23.65 31.56 56.01
N LYS H 79 -24.26 30.50 56.50
CA LYS H 79 -25.42 30.58 57.38
C LYS H 79 -25.06 30.07 58.77
N ILE H 80 -25.41 30.86 59.79
CA ILE H 80 -25.17 30.51 61.19
C ILE H 80 -26.50 30.54 61.91
N SER H 81 -26.77 29.49 62.68
CA SER H 81 -28.01 29.36 63.43
C SER H 81 -27.71 29.40 64.93
N ARG H 82 -28.54 30.14 65.67
CA ARG H 82 -28.41 30.27 67.12
C ARG H 82 -27.02 30.82 67.49
N VAL H 83 -26.77 32.05 67.05
CA VAL H 83 -25.49 32.68 67.31
C VAL H 83 -25.30 32.86 68.82
N GLU H 84 -24.06 32.68 69.27
CA GLU H 84 -23.70 32.80 70.67
C GLU H 84 -22.45 33.66 70.79
N SER H 85 -22.05 33.95 72.04
CA SER H 85 -20.88 34.79 72.27
C SER H 85 -19.62 34.17 71.68
N ASP H 86 -19.52 32.84 71.67
CA ASP H 86 -18.34 32.19 71.13
C ASP H 86 -18.15 32.46 69.65
N ASP H 87 -19.22 32.84 68.94
CA ASP H 87 -19.15 33.12 67.51
C ASP H 87 -18.72 34.54 67.21
N VAL H 88 -18.49 35.38 68.22
CA VAL H 88 -18.08 36.75 67.99
C VAL H 88 -16.68 36.77 67.38
N GLY H 89 -16.52 37.51 66.30
CA GLY H 89 -15.25 37.59 65.62
C GLY H 89 -15.42 38.12 64.20
N THR H 90 -14.37 37.94 63.40
CA THR H 90 -14.36 38.39 62.02
C THR H 90 -14.29 37.17 61.10
N TYR H 91 -15.18 37.12 60.12
CA TYR H 91 -15.27 36.01 59.18
C TYR H 91 -14.52 36.39 57.90
N TYR H 92 -13.54 35.58 57.52
CA TYR H 92 -12.75 35.81 56.33
C TYR H 92 -12.97 34.69 55.33
N CYS H 93 -13.11 35.07 54.06
CA CYS H 93 -13.32 34.12 52.97
C CYS H 93 -12.09 34.14 52.07
N MET H 94 -11.46 32.98 51.92
CA MET H 94 -10.18 32.85 51.22
C MET H 94 -10.40 32.29 49.82
N GLN H 95 -10.07 33.09 48.81
CA GLN H 95 -10.12 32.61 47.43
C GLN H 95 -9.02 31.59 47.20
N GLY H 96 -9.34 30.55 46.43
CA GLY H 96 -8.39 29.51 46.10
C GLY H 96 -8.36 29.17 44.63
N LEU H 97 -8.54 30.18 43.77
CA LEU H 97 -8.66 29.96 42.32
C LEU H 97 -7.35 30.23 41.58
N HIS H 98 -6.82 31.45 41.71
CA HIS H 98 -5.70 31.89 40.88
C HIS H 98 -4.58 32.44 41.74
N SER H 99 -3.35 32.30 41.24
CA SER H 99 -2.16 32.85 41.91
C SER H 99 -1.88 34.25 41.38
N PRO H 100 -1.64 35.24 42.26
CA PRO H 100 -1.60 35.18 43.73
C PRO H 100 -3.00 35.13 44.32
N TRP H 101 -3.13 34.70 45.57
CA TRP H 101 -4.42 34.63 46.24
C TRP H 101 -4.51 35.74 47.28
N THR H 102 -5.72 35.97 47.78
CA THR H 102 -5.96 37.11 48.65
C THR H 102 -6.99 36.74 49.72
N PHE H 103 -6.99 37.54 50.78
CA PHE H 103 -8.00 37.47 51.82
C PHE H 103 -9.27 38.19 51.39
N GLY H 104 -10.33 37.99 52.16
CA GLY H 104 -11.52 38.79 52.05
C GLY H 104 -11.48 39.96 53.03
N GLN H 105 -12.18 41.04 52.68
CA GLN H 105 -12.17 42.22 53.53
C GLN H 105 -12.71 41.94 54.93
N GLY H 106 -13.54 40.92 55.08
CA GLY H 106 -14.00 40.49 56.38
C GLY H 106 -15.32 41.11 56.76
N THR H 107 -16.07 40.39 57.61
CA THR H 107 -17.34 40.86 58.14
C THR H 107 -17.30 40.76 59.65
N LYS H 108 -17.70 41.83 60.33
CA LYS H 108 -17.68 41.88 61.78
C LYS H 108 -19.05 41.50 62.34
N VAL H 109 -19.05 40.55 63.28
CA VAL H 109 -20.27 40.07 63.91
C VAL H 109 -20.12 40.19 65.41
N GLU H 110 -21.12 40.77 66.07
CA GLU H 110 -21.14 40.89 67.52
C GLU H 110 -22.53 40.48 68.02
N ILE H 111 -22.70 40.54 69.33
CA ILE H 111 -23.98 40.22 69.96
C ILE H 111 -24.78 41.50 70.10
N LYS H 112 -26.00 41.51 69.58
CA LYS H 112 -26.87 42.68 69.65
C LYS H 112 -27.51 42.79 71.03
#